data_1MGR
# 
_entry.id   1MGR 
# 
_audit_conform.dict_name       mmcif_pdbx.dic 
_audit_conform.dict_version    5.398 
_audit_conform.dict_location   http://mmcif.pdb.org/dictionaries/ascii/mmcif_pdbx.dic 
# 
loop_
_database_2.database_id 
_database_2.database_code 
_database_2.pdbx_database_accession 
_database_2.pdbx_DOI 
PDB   1MGR         pdb_00001mgr 10.2210/pdb1mgr/pdb 
RCSB  RCSB016897   ?            ?                   
WWPDB D_1000016897 ?            ?                   
# 
loop_
_pdbx_audit_revision_history.ordinal 
_pdbx_audit_revision_history.data_content_type 
_pdbx_audit_revision_history.major_revision 
_pdbx_audit_revision_history.minor_revision 
_pdbx_audit_revision_history.revision_date 
1 'Structure model' 1 0 2003-02-04 
2 'Structure model' 1 1 2008-04-28 
3 'Structure model' 1 2 2011-07-13 
4 'Structure model' 1 3 2024-10-30 
# 
_pdbx_audit_revision_details.ordinal             1 
_pdbx_audit_revision_details.revision_ordinal    1 
_pdbx_audit_revision_details.data_content_type   'Structure model' 
_pdbx_audit_revision_details.provider            repository 
_pdbx_audit_revision_details.type                'Initial release' 
_pdbx_audit_revision_details.description         ? 
_pdbx_audit_revision_details.details             ? 
# 
loop_
_pdbx_audit_revision_group.ordinal 
_pdbx_audit_revision_group.revision_ordinal 
_pdbx_audit_revision_group.data_content_type 
_pdbx_audit_revision_group.group 
1 2 'Structure model' 'Version format compliance' 
2 3 'Structure model' 'Version format compliance' 
3 4 'Structure model' 'Data collection'           
4 4 'Structure model' 'Database references'       
5 4 'Structure model' 'Derived calculations'      
6 4 'Structure model' 'Refinement description'    
7 4 'Structure model' 'Structure summary'         
# 
loop_
_pdbx_audit_revision_category.ordinal 
_pdbx_audit_revision_category.revision_ordinal 
_pdbx_audit_revision_category.data_content_type 
_pdbx_audit_revision_category.category 
1 4 'Structure model' chem_comp_atom                
2 4 'Structure model' chem_comp_bond                
3 4 'Structure model' database_2                    
4 4 'Structure model' diffrn_source                 
5 4 'Structure model' pdbx_entry_details            
6 4 'Structure model' pdbx_initial_refinement_model 
7 4 'Structure model' pdbx_modification_feature     
8 4 'Structure model' struct_site                   
# 
loop_
_pdbx_audit_revision_item.ordinal 
_pdbx_audit_revision_item.revision_ordinal 
_pdbx_audit_revision_item.data_content_type 
_pdbx_audit_revision_item.item 
1 4 'Structure model' '_database_2.pdbx_DOI'                 
2 4 'Structure model' '_database_2.pdbx_database_accession'  
3 4 'Structure model' '_diffrn_source.pdbx_synchrotron_site' 
4 4 'Structure model' '_struct_site.pdbx_auth_asym_id'       
5 4 'Structure model' '_struct_site.pdbx_auth_comp_id'       
6 4 'Structure model' '_struct_site.pdbx_auth_seq_id'        
# 
_pdbx_database_status.status_code                     REL 
_pdbx_database_status.entry_id                        1MGR 
_pdbx_database_status.recvd_initial_deposition_date   2002-08-16 
_pdbx_database_status.deposit_site                    RCSB 
_pdbx_database_status.process_site                    RCSB 
_pdbx_database_status.status_code_sf                  REL 
_pdbx_database_status.SG_entry                        . 
_pdbx_database_status.pdb_format_compatible           Y 
_pdbx_database_status.status_code_mr                  ? 
_pdbx_database_status.status_code_cs                  ? 
_pdbx_database_status.status_code_nmr_data            ? 
_pdbx_database_status.methods_development_category    ? 
# 
loop_
_pdbx_database_related.db_name 
_pdbx_database_related.db_id 
_pdbx_database_related.details 
_pdbx_database_related.content_type 
PDB 1RGG 'RNase Sa produced by Streptomyces aureofaciens'  unspecified 
PDB 1MGW 'RNASE SA3 PRODUCED BY STREPTOMYCES AUREOFACIENS' unspecified 
# 
loop_
_audit_author.name 
_audit_author.pdbx_ordinal 
'Sevcik, J.'     1 
'Urbanikova, L.' 2 
'Leland, P.A.'   3 
'Raines, R.T.'   4 
# 
loop_
_citation.id 
_citation.title 
_citation.journal_abbrev 
_citation.journal_volume 
_citation.page_first 
_citation.page_last 
_citation.year 
_citation.journal_id_ASTM 
_citation.country 
_citation.journal_id_ISSN 
_citation.journal_id_CSD 
_citation.book_publisher 
_citation.pdbx_database_id_PubMed 
_citation.pdbx_database_id_DOI 
primary 'Links X-ray Structure of Two Crystalline Forms of a Streptomycete Ribonuclease with Cytotoxic Activity' J.Biol.Chem. 277 
47325 47330 2002 JBCHA3 US 0021-9258 0071 ? 12228255 10.1074/jbc.M208425200    
1       'Purification, crystallization and preliminary X-ray analysis of two crystal forms of ribonuclease Sa3'  
'Acta Crystallogr.,Sect.D' 57  737   739   2001 ABCRE6 DK 0907-4449 0766 ? ?        10.1107/S0907444901003456 
# 
loop_
_citation_author.citation_id 
_citation_author.name 
_citation_author.ordinal 
_citation_author.identifier_ORCID 
primary 'Sevcik, J.'     1 ? 
primary 'Urbanikova, L.' 2 ? 
primary 'Leland, P.A.'   3 ? 
primary 'Raines, R.T.'   4 ? 
1       'Hlinkova, V.'   5 ? 
1       'Urbanikova, L.' 6 ? 
1       'Krajcikova, D.' 7 ? 
1       'Sevcik, J.'     8 ? 
# 
loop_
_entity.id 
_entity.type 
_entity.src_method 
_entity.pdbx_description 
_entity.formula_weight 
_entity.pdbx_number_of_molecules 
_entity.pdbx_ec 
_entity.pdbx_mutation 
_entity.pdbx_fragment 
_entity.details 
1 polymer     man 'Guanyl-specific ribonuclease Sa3' 11057.126 1  3.1.27.3 ? ? ? 
2 non-polymer syn 'SULFATE ION'                      96.063    1  ?        ? ? ? 
3 water       nat water                              18.015    49 ?        ? ? ? 
# 
_entity_name_com.entity_id   1 
_entity_name_com.name        'RNase Sa3' 
# 
_entity_name_sys.entity_id   1 
_entity_name_sys.name        E.C.3.1.27.3 
# 
_entity_poly.entity_id                      1 
_entity_poly.type                           'polypeptide(L)' 
_entity_poly.nstd_linkage                   no 
_entity_poly.nstd_monomer                   no 
_entity_poly.pdbx_seq_one_letter_code       
;ASVKAVGRVCYSALPSQAHDTLDLIDEGGPFPYSQDGVVFQNREGLLPAHSTGYYHEYTVITPGSPTRGARRIITGQQWQ
EDYYTADHYASFRRVDFAC
;
_entity_poly.pdbx_seq_one_letter_code_can   
;ASVKAVGRVCYSALPSQAHDTLDLIDEGGPFPYSQDGVVFQNREGLLPAHSTGYYHEYTVITPGSPTRGARRIITGQQWQ
EDYYTADHYASFRRVDFAC
;
_entity_poly.pdbx_strand_id                 A 
_entity_poly.pdbx_target_identifier         ? 
# 
loop_
_pdbx_entity_nonpoly.entity_id 
_pdbx_entity_nonpoly.name 
_pdbx_entity_nonpoly.comp_id 
2 'SULFATE ION' SO4 
3 water         HOH 
# 
loop_
_entity_poly_seq.entity_id 
_entity_poly_seq.num 
_entity_poly_seq.mon_id 
_entity_poly_seq.hetero 
1 1  ALA n 
1 2  SER n 
1 3  VAL n 
1 4  LYS n 
1 5  ALA n 
1 6  VAL n 
1 7  GLY n 
1 8  ARG n 
1 9  VAL n 
1 10 CYS n 
1 11 TYR n 
1 12 SER n 
1 13 ALA n 
1 14 LEU n 
1 15 PRO n 
1 16 SER n 
1 17 GLN n 
1 18 ALA n 
1 19 HIS n 
1 20 ASP n 
1 21 THR n 
1 22 LEU n 
1 23 ASP n 
1 24 LEU n 
1 25 ILE n 
1 26 ASP n 
1 27 GLU n 
1 28 GLY n 
1 29 GLY n 
1 30 PRO n 
1 31 PHE n 
1 32 PRO n 
1 33 TYR n 
1 34 SER n 
1 35 GLN n 
1 36 ASP n 
1 37 GLY n 
1 38 VAL n 
1 39 VAL n 
1 40 PHE n 
1 41 GLN n 
1 42 ASN n 
1 43 ARG n 
1 44 GLU n 
1 45 GLY n 
1 46 LEU n 
1 47 LEU n 
1 48 PRO n 
1 49 ALA n 
1 50 HIS n 
1 51 SER n 
1 52 THR n 
1 53 GLY n 
1 54 TYR n 
1 55 TYR n 
1 56 HIS n 
1 57 GLU n 
1 58 TYR n 
1 59 THR n 
1 60 VAL n 
1 61 ILE n 
1 62 THR n 
1 63 PRO n 
1 64 GLY n 
1 65 SER n 
1 66 PRO n 
1 67 THR n 
1 68 ARG n 
1 69 GLY n 
1 70 ALA n 
1 71 ARG n 
1 72 ARG n 
1 73 ILE n 
1 74 ILE n 
1 75 THR n 
1 76 GLY n 
1 77 GLN n 
1 78 GLN n 
1 79 TRP n 
1 80 GLN n 
1 81 GLU n 
1 82 ASP n 
1 83 TYR n 
1 84 TYR n 
1 85 THR n 
1 86 ALA n 
1 87 ASP n 
1 88 HIS n 
1 89 TYR n 
1 90 ALA n 
1 91 SER n 
1 92 PHE n 
1 93 ARG n 
1 94 ARG n 
1 95 VAL n 
1 96 ASP n 
1 97 PHE n 
1 98 ALA n 
1 99 CYS n 
# 
_entity_src_gen.entity_id                          1 
_entity_src_gen.pdbx_src_id                        1 
_entity_src_gen.pdbx_alt_source_flag               sample 
_entity_src_gen.pdbx_seq_type                      ? 
_entity_src_gen.pdbx_beg_seq_num                   ? 
_entity_src_gen.pdbx_end_seq_num                   ? 
_entity_src_gen.gene_src_common_name               ? 
_entity_src_gen.gene_src_genus                     Streptomyces 
_entity_src_gen.pdbx_gene_src_gene                 ? 
_entity_src_gen.gene_src_species                   ? 
_entity_src_gen.gene_src_strain                    CCM3239 
_entity_src_gen.gene_src_tissue                    ? 
_entity_src_gen.gene_src_tissue_fraction           ? 
_entity_src_gen.gene_src_details                   ? 
_entity_src_gen.pdbx_gene_src_fragment             ? 
_entity_src_gen.pdbx_gene_src_scientific_name      'Streptomyces aureofaciens' 
_entity_src_gen.pdbx_gene_src_ncbi_taxonomy_id     1894 
_entity_src_gen.pdbx_gene_src_variant              ? 
_entity_src_gen.pdbx_gene_src_cell_line            ? 
_entity_src_gen.pdbx_gene_src_atcc                 ? 
_entity_src_gen.pdbx_gene_src_organ                ? 
_entity_src_gen.pdbx_gene_src_organelle            ? 
_entity_src_gen.pdbx_gene_src_cell                 ? 
_entity_src_gen.pdbx_gene_src_cellular_location    ? 
_entity_src_gen.host_org_common_name               ? 
_entity_src_gen.pdbx_host_org_scientific_name      'Escherichia coli' 
_entity_src_gen.pdbx_host_org_ncbi_taxonomy_id     562 
_entity_src_gen.host_org_genus                     Escherichia 
_entity_src_gen.pdbx_host_org_gene                 ? 
_entity_src_gen.pdbx_host_org_organ                ? 
_entity_src_gen.host_org_species                   ? 
_entity_src_gen.pdbx_host_org_tissue               ? 
_entity_src_gen.pdbx_host_org_tissue_fraction      ? 
_entity_src_gen.pdbx_host_org_strain               ? 
_entity_src_gen.pdbx_host_org_variant              ? 
_entity_src_gen.pdbx_host_org_cell_line            ? 
_entity_src_gen.pdbx_host_org_atcc                 ? 
_entity_src_gen.pdbx_host_org_culture_collection   ? 
_entity_src_gen.pdbx_host_org_cell                 ? 
_entity_src_gen.pdbx_host_org_organelle            ? 
_entity_src_gen.pdbx_host_org_cellular_location    ? 
_entity_src_gen.pdbx_host_org_vector_type          plasmid 
_entity_src_gen.pdbx_host_org_vector               ? 
_entity_src_gen.host_org_details                   ? 
_entity_src_gen.expression_system_id               ? 
_entity_src_gen.plasmid_name                       ? 
_entity_src_gen.plasmid_details                    ? 
_entity_src_gen.pdbx_description                   ? 
# 
loop_
_chem_comp.id 
_chem_comp.type 
_chem_comp.mon_nstd_flag 
_chem_comp.name 
_chem_comp.pdbx_synonyms 
_chem_comp.formula 
_chem_comp.formula_weight 
ALA 'L-peptide linking' y ALANINE         ? 'C3 H7 N O2'     89.093  
ARG 'L-peptide linking' y ARGININE        ? 'C6 H15 N4 O2 1' 175.209 
ASN 'L-peptide linking' y ASPARAGINE      ? 'C4 H8 N2 O3'    132.118 
ASP 'L-peptide linking' y 'ASPARTIC ACID' ? 'C4 H7 N O4'     133.103 
CYS 'L-peptide linking' y CYSTEINE        ? 'C3 H7 N O2 S'   121.158 
GLN 'L-peptide linking' y GLUTAMINE       ? 'C5 H10 N2 O3'   146.144 
GLU 'L-peptide linking' y 'GLUTAMIC ACID' ? 'C5 H9 N O4'     147.129 
GLY 'peptide linking'   y GLYCINE         ? 'C2 H5 N O2'     75.067  
HIS 'L-peptide linking' y HISTIDINE       ? 'C6 H10 N3 O2 1' 156.162 
HOH non-polymer         . WATER           ? 'H2 O'           18.015  
ILE 'L-peptide linking' y ISOLEUCINE      ? 'C6 H13 N O2'    131.173 
LEU 'L-peptide linking' y LEUCINE         ? 'C6 H13 N O2'    131.173 
LYS 'L-peptide linking' y LYSINE          ? 'C6 H15 N2 O2 1' 147.195 
PHE 'L-peptide linking' y PHENYLALANINE   ? 'C9 H11 N O2'    165.189 
PRO 'L-peptide linking' y PROLINE         ? 'C5 H9 N O2'     115.130 
SER 'L-peptide linking' y SERINE          ? 'C3 H7 N O3'     105.093 
SO4 non-polymer         . 'SULFATE ION'   ? 'O4 S -2'        96.063  
THR 'L-peptide linking' y THREONINE       ? 'C4 H9 N O3'     119.119 
TRP 'L-peptide linking' y TRYPTOPHAN      ? 'C11 H12 N2 O2'  204.225 
TYR 'L-peptide linking' y TYROSINE        ? 'C9 H11 N O3'    181.189 
VAL 'L-peptide linking' y VALINE          ? 'C5 H11 N O2'    117.146 
# 
loop_
_pdbx_poly_seq_scheme.asym_id 
_pdbx_poly_seq_scheme.entity_id 
_pdbx_poly_seq_scheme.seq_id 
_pdbx_poly_seq_scheme.mon_id 
_pdbx_poly_seq_scheme.ndb_seq_num 
_pdbx_poly_seq_scheme.pdb_seq_num 
_pdbx_poly_seq_scheme.auth_seq_num 
_pdbx_poly_seq_scheme.pdb_mon_id 
_pdbx_poly_seq_scheme.auth_mon_id 
_pdbx_poly_seq_scheme.pdb_strand_id 
_pdbx_poly_seq_scheme.pdb_ins_code 
_pdbx_poly_seq_scheme.hetero 
A 1 1  ALA 1  1  ?  ?   ?   A . n 
A 1 2  SER 2  2  ?  ?   ?   A . n 
A 1 3  VAL 3  3  3  VAL VAL A . n 
A 1 4  LYS 4  4  4  LYS LYS A . n 
A 1 5  ALA 5  5  5  ALA ALA A . n 
A 1 6  VAL 6  6  6  VAL VAL A . n 
A 1 7  GLY 7  7  7  GLY GLY A . n 
A 1 8  ARG 8  8  8  ARG ARG A . n 
A 1 9  VAL 9  9  9  VAL VAL A . n 
A 1 10 CYS 10 10 10 CYS CYS A . n 
A 1 11 TYR 11 11 11 TYR TYR A . n 
A 1 12 SER 12 12 12 SER SER A . n 
A 1 13 ALA 13 13 13 ALA ALA A . n 
A 1 14 LEU 14 14 14 LEU LEU A . n 
A 1 15 PRO 15 15 15 PRO PRO A . n 
A 1 16 SER 16 16 16 SER SER A . n 
A 1 17 GLN 17 17 17 GLN GLN A . n 
A 1 18 ALA 18 18 18 ALA ALA A . n 
A 1 19 HIS 19 19 19 HIS HIS A . n 
A 1 20 ASP 20 20 20 ASP ASP A . n 
A 1 21 THR 21 21 21 THR THR A . n 
A 1 22 LEU 22 22 22 LEU LEU A . n 
A 1 23 ASP 23 23 23 ASP ASP A . n 
A 1 24 LEU 24 24 24 LEU LEU A . n 
A 1 25 ILE 25 25 25 ILE ILE A . n 
A 1 26 ASP 26 26 26 ASP ASP A . n 
A 1 27 GLU 27 27 27 GLU GLU A . n 
A 1 28 GLY 28 28 28 GLY GLY A . n 
A 1 29 GLY 29 29 29 GLY GLY A . n 
A 1 30 PRO 30 30 30 PRO PRO A . n 
A 1 31 PHE 31 31 31 PHE PHE A . n 
A 1 32 PRO 32 32 32 PRO PRO A . n 
A 1 33 TYR 33 33 33 TYR TYR A . n 
A 1 34 SER 34 34 34 SER SER A . n 
A 1 35 GLN 35 35 35 GLN GLN A . n 
A 1 36 ASP 36 36 36 ASP ASP A . n 
A 1 37 GLY 37 37 37 GLY GLY A . n 
A 1 38 VAL 38 38 38 VAL VAL A . n 
A 1 39 VAL 39 39 39 VAL VAL A . n 
A 1 40 PHE 40 40 40 PHE PHE A . n 
A 1 41 GLN 41 41 41 GLN GLN A . n 
A 1 42 ASN 42 42 42 ASN ASN A . n 
A 1 43 ARG 43 43 43 ARG ARG A . n 
A 1 44 GLU 44 44 44 GLU GLU A . n 
A 1 45 GLY 45 45 45 GLY GLY A . n 
A 1 46 LEU 46 46 46 LEU LEU A . n 
A 1 47 LEU 47 47 47 LEU LEU A . n 
A 1 48 PRO 48 48 48 PRO PRO A . n 
A 1 49 ALA 49 49 49 ALA ALA A . n 
A 1 50 HIS 50 50 50 HIS HIS A . n 
A 1 51 SER 51 51 51 SER SER A . n 
A 1 52 THR 52 52 52 THR THR A . n 
A 1 53 GLY 53 53 53 GLY GLY A . n 
A 1 54 TYR 54 54 54 TYR TYR A . n 
A 1 55 TYR 55 55 55 TYR TYR A . n 
A 1 56 HIS 56 56 56 HIS HIS A . n 
A 1 57 GLU 57 57 57 GLU GLU A . n 
A 1 58 TYR 58 58 58 TYR TYR A . n 
A 1 59 THR 59 59 59 THR THR A . n 
A 1 60 VAL 60 60 60 VAL VAL A . n 
A 1 61 ILE 61 61 61 ILE ILE A . n 
A 1 62 THR 62 62 62 THR THR A . n 
A 1 63 PRO 63 63 63 PRO PRO A . n 
A 1 64 GLY 64 64 64 GLY GLY A . n 
A 1 65 SER 65 65 65 SER SER A . n 
A 1 66 PRO 66 66 66 PRO PRO A . n 
A 1 67 THR 67 67 67 THR THR A . n 
A 1 68 ARG 68 68 68 ARG ARG A . n 
A 1 69 GLY 69 69 69 GLY GLY A . n 
A 1 70 ALA 70 70 70 ALA ALA A . n 
A 1 71 ARG 71 71 71 ARG ARG A . n 
A 1 72 ARG 72 72 72 ARG ARG A . n 
A 1 73 ILE 73 73 73 ILE ILE A . n 
A 1 74 ILE 74 74 74 ILE ILE A . n 
A 1 75 THR 75 75 75 THR THR A . n 
A 1 76 GLY 76 76 76 GLY GLY A . n 
A 1 77 GLN 77 77 77 GLN GLN A . n 
A 1 78 GLN 78 78 78 GLN GLN A . n 
A 1 79 TRP 79 79 79 TRP TRP A . n 
A 1 80 GLN 80 80 80 GLN GLN A . n 
A 1 81 GLU 81 81 81 GLU GLU A . n 
A 1 82 ASP 82 82 82 ASP ASP A . n 
A 1 83 TYR 83 83 83 TYR TYR A . n 
A 1 84 TYR 84 84 84 TYR TYR A . n 
A 1 85 THR 85 85 85 THR THR A . n 
A 1 86 ALA 86 86 86 ALA ALA A . n 
A 1 87 ASP 87 87 87 ASP ASP A . n 
A 1 88 HIS 88 88 88 HIS HIS A . n 
A 1 89 TYR 89 89 89 TYR TYR A . n 
A 1 90 ALA 90 90 90 ALA ALA A . n 
A 1 91 SER 91 91 91 SER SER A . n 
A 1 92 PHE 92 92 92 PHE PHE A . n 
A 1 93 ARG 93 93 93 ARG ARG A . n 
A 1 94 ARG 94 94 94 ARG ARG A . n 
A 1 95 VAL 95 95 95 VAL VAL A . n 
A 1 96 ASP 96 96 96 ASP ASP A . n 
A 1 97 PHE 97 97 97 PHE PHE A . n 
A 1 98 ALA 98 98 98 ALA ALA A . n 
A 1 99 CYS 99 99 99 CYS CYS A . n 
# 
loop_
_pdbx_nonpoly_scheme.asym_id 
_pdbx_nonpoly_scheme.entity_id 
_pdbx_nonpoly_scheme.mon_id 
_pdbx_nonpoly_scheme.ndb_seq_num 
_pdbx_nonpoly_scheme.pdb_seq_num 
_pdbx_nonpoly_scheme.auth_seq_num 
_pdbx_nonpoly_scheme.pdb_mon_id 
_pdbx_nonpoly_scheme.auth_mon_id 
_pdbx_nonpoly_scheme.pdb_strand_id 
_pdbx_nonpoly_scheme.pdb_ins_code 
B 2 SO4 1  100 100 SO4 SUL A . 
C 3 HOH 1  101 1   HOH HOH A . 
C 3 HOH 2  102 2   HOH HOH A . 
C 3 HOH 3  103 3   HOH HOH A . 
C 3 HOH 4  104 4   HOH HOH A . 
C 3 HOH 5  105 5   HOH HOH A . 
C 3 HOH 6  106 6   HOH HOH A . 
C 3 HOH 7  107 7   HOH HOH A . 
C 3 HOH 8  108 8   HOH HOH A . 
C 3 HOH 9  109 9   HOH HOH A . 
C 3 HOH 10 110 10  HOH HOH A . 
C 3 HOH 11 111 11  HOH HOH A . 
C 3 HOH 12 112 12  HOH HOH A . 
C 3 HOH 13 113 13  HOH HOH A . 
C 3 HOH 14 114 14  HOH HOH A . 
C 3 HOH 15 115 15  HOH HOH A . 
C 3 HOH 16 116 16  HOH HOH A . 
C 3 HOH 17 117 17  HOH HOH A . 
C 3 HOH 18 118 18  HOH HOH A . 
C 3 HOH 19 119 19  HOH HOH A . 
C 3 HOH 20 120 20  HOH HOH A . 
C 3 HOH 21 121 21  HOH HOH A . 
C 3 HOH 22 122 22  HOH HOH A . 
C 3 HOH 23 123 23  HOH HOH A . 
C 3 HOH 24 124 24  HOH HOH A . 
C 3 HOH 25 125 25  HOH HOH A . 
C 3 HOH 26 126 26  HOH HOH A . 
C 3 HOH 27 127 27  HOH HOH A . 
C 3 HOH 28 128 28  HOH HOH A . 
C 3 HOH 29 129 29  HOH HOH A . 
C 3 HOH 30 130 30  HOH HOH A . 
C 3 HOH 31 131 31  HOH HOH A . 
C 3 HOH 32 132 32  HOH HOH A . 
C 3 HOH 33 133 33  HOH HOH A . 
C 3 HOH 34 134 34  HOH HOH A . 
C 3 HOH 35 135 35  HOH HOH A . 
C 3 HOH 36 136 36  HOH HOH A . 
C 3 HOH 37 137 37  HOH HOH A . 
C 3 HOH 38 138 38  HOH HOH A . 
C 3 HOH 39 139 39  HOH HOH A . 
C 3 HOH 40 140 40  HOH HOH A . 
C 3 HOH 41 141 41  HOH HOH A . 
C 3 HOH 42 142 42  HOH HOH A . 
C 3 HOH 43 143 43  HOH HOH A . 
C 3 HOH 44 144 44  HOH HOH A . 
C 3 HOH 45 145 49  HOH HOH A . 
C 3 HOH 46 146 51  HOH HOH A . 
C 3 HOH 47 147 52  HOH HOH A . 
C 3 HOH 48 148 53  HOH HOH A . 
C 3 HOH 49 149 54  HOH HOH A . 
# 
loop_
_pdbx_unobs_or_zero_occ_atoms.id 
_pdbx_unobs_or_zero_occ_atoms.PDB_model_num 
_pdbx_unobs_or_zero_occ_atoms.polymer_flag 
_pdbx_unobs_or_zero_occ_atoms.occupancy_flag 
_pdbx_unobs_or_zero_occ_atoms.auth_asym_id 
_pdbx_unobs_or_zero_occ_atoms.auth_comp_id 
_pdbx_unobs_or_zero_occ_atoms.auth_seq_id 
_pdbx_unobs_or_zero_occ_atoms.PDB_ins_code 
_pdbx_unobs_or_zero_occ_atoms.auth_atom_id 
_pdbx_unobs_or_zero_occ_atoms.label_alt_id 
_pdbx_unobs_or_zero_occ_atoms.label_asym_id 
_pdbx_unobs_or_zero_occ_atoms.label_comp_id 
_pdbx_unobs_or_zero_occ_atoms.label_seq_id 
_pdbx_unobs_or_zero_occ_atoms.label_atom_id 
1 1 Y 1 A VAL 3 ? CB  ? A VAL 3 CB  
2 1 Y 1 A VAL 3 ? CG1 ? A VAL 3 CG1 
3 1 Y 1 A VAL 3 ? CG2 ? A VAL 3 CG2 
# 
loop_
_software.name 
_software.classification 
_software.version 
_software.citation_id 
_software.pdbx_ordinal 
DENZO     'data reduction' . ? 1 
SCALEPACK 'data scaling'   . ? 2 
AMoRE     phasing          . ? 3 
REFMAC    refinement       . ? 4 
# 
_cell.entry_id           1MGR 
_cell.length_a           34.050 
_cell.length_b           34.050 
_cell.length_c           147.220 
_cell.angle_alpha        90.00 
_cell.angle_beta         90.00 
_cell.angle_gamma        90.00 
_cell.Z_PDB              8 
_cell.pdbx_unique_axis   ? 
# 
_symmetry.entry_id                         1MGR 
_symmetry.space_group_name_H-M             'P 41 21 2' 
_symmetry.cell_setting                     tetragonal 
_symmetry.pdbx_full_space_group_name_H-M   ? 
_symmetry.Int_Tables_number                92 
# 
_exptl.entry_id          1MGR 
_exptl.method            'X-RAY DIFFRACTION' 
_exptl.crystals_number   1 
# 
_exptl_crystal.id                    1 
_exptl_crystal.density_meas          ? 
_exptl_crystal.density_percent_sol   37. 
_exptl_crystal.density_Matthews      1.9 
_exptl_crystal.description           ? 
# 
_exptl_crystal_grow.crystal_id      1 
_exptl_crystal_grow.method          'VAPOR DIFFUSION, HANGING DROP' 
_exptl_crystal_grow.temp            293 
_exptl_crystal_grow.temp_details    ? 
_exptl_crystal_grow.pH              4.2 
_exptl_crystal_grow.pdbx_details    
'sodium acetate, calcium acetate, acetic acid, MPD, ammonium sulphate, pH 4.2, VAPOR DIFFUSION, HANGING DROP at 293K' 
_exptl_crystal_grow.pdbx_pH_range   ? 
# 
_diffrn.id                     1 
_diffrn.ambient_temp           293 
_diffrn.ambient_temp_details   ? 
_diffrn.crystal_id             1 
# 
_diffrn_detector.diffrn_id              1 
_diffrn_detector.detector               'IMAGE PLATE' 
_diffrn_detector.type                   MARRESEARCH 
_diffrn_detector.pdbx_collection_date   1996-11-27 
_diffrn_detector.details                ? 
# 
_diffrn_radiation.diffrn_id                        1 
_diffrn_radiation.wavelength_id                    1 
_diffrn_radiation.pdbx_monochromatic_or_laue_m_l   M 
_diffrn_radiation.monochromator                    'Si(111)' 
_diffrn_radiation.pdbx_diffrn_protocol             'SINGLE WAVELENGTH' 
_diffrn_radiation.pdbx_scattering_type             x-ray 
# 
_diffrn_radiation_wavelength.id           1 
_diffrn_radiation_wavelength.wavelength   0.900 
_diffrn_radiation_wavelength.wt           1.0 
# 
_diffrn_source.diffrn_id                   1 
_diffrn_source.source                      SYNCHROTRON 
_diffrn_source.type                        'EMBL/DESY, HAMBURG BEAMLINE BW7A' 
_diffrn_source.pdbx_synchrotron_site       'EMBL/DESY, HAMBURG' 
_diffrn_source.pdbx_synchrotron_beamline   BW7A 
_diffrn_source.pdbx_wavelength             ? 
_diffrn_source.pdbx_wavelength_list        0.900 
# 
_reflns.entry_id                     1MGR 
_reflns.observed_criterion_sigma_F   ? 
_reflns.observed_criterion_sigma_I   ? 
_reflns.d_resolution_high            1.70 
_reflns.d_resolution_low             20.0 
_reflns.number_all                   ? 
_reflns.number_obs                   10355 
_reflns.percent_possible_obs         100 
_reflns.pdbx_Rmerge_I_obs            0.036 
_reflns.pdbx_Rsym_value              ? 
_reflns.pdbx_netI_over_sigmaI        47.6 
_reflns.B_iso_Wilson_estimate        22.2 
_reflns.pdbx_redundancy              6.9 
_reflns.R_free_details               ? 
_reflns.limit_h_max                  ? 
_reflns.limit_h_min                  ? 
_reflns.limit_k_max                  ? 
_reflns.limit_k_min                  ? 
_reflns.limit_l_max                  ? 
_reflns.limit_l_min                  ? 
_reflns.observed_criterion_F_max     ? 
_reflns.observed_criterion_F_min     ? 
_reflns.pdbx_diffrn_id               1 
_reflns.pdbx_ordinal                 1 
# 
_reflns_shell.d_res_high             1.70 
_reflns_shell.d_res_low              1.71 
_reflns_shell.percent_possible_all   100 
_reflns_shell.Rmerge_I_obs           0.119 
_reflns_shell.pdbx_Rsym_value        ? 
_reflns_shell.meanI_over_sigI_obs    14.0 
_reflns_shell.pdbx_redundancy        5.8 
_reflns_shell.percent_possible_obs   ? 
_reflns_shell.number_unique_all      257 
_reflns_shell.pdbx_diffrn_id         ? 
_reflns_shell.pdbx_ordinal           1 
# 
_refine.entry_id                                 1MGR 
_refine.ls_d_res_high                            1.70 
_refine.ls_d_res_low                             20.0 
_refine.pdbx_ls_sigma_F                          0.0 
_refine.pdbx_ls_sigma_I                          ? 
_refine.ls_number_reflns_all                     10286 
_refine.ls_number_reflns_obs                     10286 
_refine.ls_number_reflns_R_free                  498 
_refine.ls_percent_reflns_obs                    100 
_refine.ls_R_factor_all                          0.186 
_refine.ls_R_factor_obs                          0.186 
_refine.ls_R_factor_R_work                       0.185 
_refine.ls_R_factor_R_free                       0.224 
_refine.ls_redundancy_reflns_obs                 ? 
_refine.pdbx_data_cutoff_high_absF               ? 
_refine.pdbx_data_cutoff_low_absF                ? 
_refine.ls_number_parameters                     ? 
_refine.ls_number_restraints                     ? 
_refine.ls_percent_reflns_R_free                 5. 
_refine.ls_R_factor_R_free_error                 ? 
_refine.ls_R_factor_R_free_error_details         ? 
_refine.pdbx_method_to_determine_struct          'MOLECULAR REPLACEMENT' 
_refine.pdbx_starting_model                      1RGG 
_refine.pdbx_ls_cross_valid_method               THROUGHOUT 
_refine.pdbx_R_Free_selection_details            RANDOM 
_refine.pdbx_stereochem_target_val_spec_case     ? 
_refine.pdbx_stereochemistry_target_values       'Engh & Huber' 
_refine.solvent_model_details                    ? 
_refine.solvent_model_param_bsol                 ? 
_refine.solvent_model_param_ksol                 ? 
_refine.occupancy_max                            ? 
_refine.occupancy_min                            ? 
_refine.pdbx_isotropic_thermal_model             anisotropic 
_refine.B_iso_mean                               23.9 
_refine.aniso_B[1][1]                            -0.205 
_refine.aniso_B[1][2]                            0.0 
_refine.aniso_B[1][3]                            0.0 
_refine.aniso_B[2][2]                            -0.205 
_refine.aniso_B[2][3]                            0.0 
_refine.aniso_B[3][3]                            0.411 
_refine.details                                  ? 
_refine.B_iso_min                                ? 
_refine.B_iso_max                                ? 
_refine.correlation_coeff_Fo_to_Fc               ? 
_refine.correlation_coeff_Fo_to_Fc_free          ? 
_refine.pdbx_solvent_vdw_probe_radii             ? 
_refine.pdbx_solvent_ion_probe_radii             ? 
_refine.pdbx_solvent_shrinkage_radii             ? 
_refine.overall_SU_B                             6.736 
_refine.overall_SU_ML                            0.116 
_refine.pdbx_overall_ESU_R                       0.188 
_refine.pdbx_overall_ESU_R_Free                  0.112 
_refine.pdbx_data_cutoff_high_rms_absF           ? 
_refine.overall_SU_R_Cruickshank_DPI             ? 
_refine.overall_SU_R_free                        ? 
_refine.pdbx_refine_id                           'X-RAY DIFFRACTION' 
_refine.pdbx_diffrn_id                           1 
_refine.pdbx_TLS_residual_ADP_flag               ? 
_refine.pdbx_overall_phase_error                 ? 
_refine.pdbx_overall_SU_R_free_Cruickshank_DPI   ? 
_refine.pdbx_overall_SU_R_Blow_DPI               ? 
_refine.pdbx_overall_SU_R_free_Blow_DPI          ? 
# 
_refine_analyze.entry_id                        1MGR 
_refine_analyze.Luzzati_coordinate_error_obs    ? 
_refine_analyze.Luzzati_sigma_a_obs             0.06 
_refine_analyze.Luzzati_d_res_low_obs           ? 
_refine_analyze.Luzzati_coordinate_error_free   ? 
_refine_analyze.Luzzati_sigma_a_free            ? 
_refine_analyze.Luzzati_d_res_low_free          ? 
_refine_analyze.number_disordered_residues      ? 
_refine_analyze.occupancy_sum_non_hydrogen      ? 
_refine_analyze.occupancy_sum_hydrogen          ? 
_refine_analyze.pdbx_Luzzati_d_res_high_obs     ? 
_refine_analyze.pdbx_refine_id                  'X-RAY DIFFRACTION' 
# 
_refine_hist.pdbx_refine_id                   'X-RAY DIFFRACTION' 
_refine_hist.cycle_id                         LAST 
_refine_hist.pdbx_number_atoms_protein        769 
_refine_hist.pdbx_number_atoms_nucleic_acid   0 
_refine_hist.pdbx_number_atoms_ligand         5 
_refine_hist.number_atoms_solvent             49 
_refine_hist.number_atoms_total               823 
_refine_hist.d_res_high                       1.70 
_refine_hist.d_res_low                        20.0 
# 
loop_
_refine_ls_restr.type 
_refine_ls_restr.dev_ideal 
_refine_ls_restr.dev_ideal_target 
_refine_ls_restr.number 
_refine_ls_restr.weight 
_refine_ls_restr.pdbx_refine_id 
_refine_ls_restr.pdbx_restraint_function 
p_bond_d               0.020  0.021 ? ? 'X-RAY DIFFRACTION' ? 
p_angle_deg            1.783  1.932 ? ? 'X-RAY DIFFRACTION' ? 
p_angle_d              1.783  1.932 ? ? 'X-RAY DIFFRACTION' ? 
p_planar_d             ?      ?     ? ? 'X-RAY DIFFRACTION' ? 
p_hb_or_metal_coord    0.199  0.500 ? ? 'X-RAY DIFFRACTION' ? 
p_mcbond_it            2.067  1.500 ? ? 'X-RAY DIFFRACTION' ? 
p_mcangle_it           3.129  2.000 ? ? 'X-RAY DIFFRACTION' ? 
p_scbond_it            3.880  3.000 ? ? 'X-RAY DIFFRACTION' ? 
p_scangle_it           5.728  4.500 ? ? 'X-RAY DIFFRACTION' ? 
p_plane_restr          ?      ?     ? ? 'X-RAY DIFFRACTION' ? 
p_chiral_restr         0.119  0.200 ? ? 'X-RAY DIFFRACTION' ? 
r_bond_refined_d       0.02   ?     ? ? 'X-RAY DIFFRACTION' ? 
r_bond_other_d         0.001  ?     ? ? 'X-RAY DIFFRACTION' ? 
r_angle_refined_deg    1.783  ?     ? ? 'X-RAY DIFFRACTION' ? 
r_angle_other_deg      0.904  ?     ? ? 'X-RAY DIFFRACTION' ? 
r_dihedral_angle_1_deg 5.398  ?     ? ? 'X-RAY DIFFRACTION' ? 
r_chiral_restr         0.119  ?     ? ? 'X-RAY DIFFRACTION' ? 
r_gen_planes_refined   0.008  ?     ? ? 'X-RAY DIFFRACTION' ? 
r_gen_planes_other     0.002  ?     ? ? 'X-RAY DIFFRACTION' ? 
r_mcbond_it            2.067  ?     ? ? 'X-RAY DIFFRACTION' ? 
r_mcangle_it           3.129  ?     ? ? 'X-RAY DIFFRACTION' ? 
r_scbond_it            3.880  ?     ? ? 'X-RAY DIFFRACTION' ? 
r_scangle_it           5.728  ?     ? ? 'X-RAY DIFFRACTION' ? 
r_sphericity_free      16.054 ?     ? ? 'X-RAY DIFFRACTION' ? 
r_sphericity_bonded    6.571  ?     ? ? 'X-RAY DIFFRACTION' ? 
r_rigid_bond_restr     1.916  ?     ? ? 'X-RAY DIFFRACTION' ? 
# 
_refine_ls_shell.pdbx_total_number_of_bins_used   ? 
_refine_ls_shell.d_res_high                       1.70 
_refine_ls_shell.d_res_low                        1.71 
_refine_ls_shell.number_reflns_R_work             ? 
_refine_ls_shell.R_factor_R_work                  ? 
_refine_ls_shell.percent_reflns_obs               100 
_refine_ls_shell.R_factor_R_free                  ? 
_refine_ls_shell.R_factor_R_free_error            ? 
_refine_ls_shell.percent_reflns_R_free            ? 
_refine_ls_shell.number_reflns_R_free             ? 
_refine_ls_shell.number_reflns_obs                257 
_refine_ls_shell.redundancy_reflns_obs            ? 
_refine_ls_shell.number_reflns_all                ? 
_refine_ls_shell.pdbx_refine_id                   'X-RAY DIFFRACTION' 
_refine_ls_shell.R_factor_all                     ? 
# 
_struct.entry_id                  1MGR 
_struct.title                     'Crystal structure of RNase Sa3,cytotoxic microbial ribonuclease' 
_struct.pdbx_model_details        ? 
_struct.pdbx_CASP_flag            ? 
_struct.pdbx_model_type_details   ? 
# 
_struct_keywords.entry_id        1MGR 
_struct_keywords.pdbx_keywords   HYDROLASE 
_struct_keywords.text            'alpha/beta protein, UB rolls, HYDROLASE' 
# 
loop_
_struct_asym.id 
_struct_asym.pdbx_blank_PDB_chainid_flag 
_struct_asym.pdbx_modified 
_struct_asym.entity_id 
_struct_asym.details 
A N N 1 ? 
B N N 2 ? 
C N N 3 ? 
# 
_struct_ref.id                         1 
_struct_ref.entity_id                  1 
_struct_ref.db_name                    UNP 
_struct_ref.db_code                    RNS3_STRAU 
_struct_ref.pdbx_db_accession          P30289 
_struct_ref.pdbx_align_begin           43 
_struct_ref.pdbx_seq_one_letter_code   
;ASVKAVGRVCYSALPSQAHDTLDLIDEGGPFPYSQDGVVFQNREGLLPAHSTGYYHEYTVITPGSPTRGARRIITGQQWQ
EDYYTADHYASFRRVDFAC
;
_struct_ref.pdbx_db_isoform            ? 
# 
_struct_ref_seq.align_id                      1 
_struct_ref_seq.ref_id                        1 
_struct_ref_seq.pdbx_PDB_id_code              1MGR 
_struct_ref_seq.pdbx_strand_id                A 
_struct_ref_seq.seq_align_beg                 1 
_struct_ref_seq.pdbx_seq_align_beg_ins_code   ? 
_struct_ref_seq.seq_align_end                 99 
_struct_ref_seq.pdbx_seq_align_end_ins_code   ? 
_struct_ref_seq.pdbx_db_accession             P30289 
_struct_ref_seq.db_align_beg                  43 
_struct_ref_seq.pdbx_db_align_beg_ins_code    ? 
_struct_ref_seq.db_align_end                  141 
_struct_ref_seq.pdbx_db_align_end_ins_code    ? 
_struct_ref_seq.pdbx_auth_seq_align_beg       1 
_struct_ref_seq.pdbx_auth_seq_align_end       99 
# 
_pdbx_struct_assembly.id                   1 
_pdbx_struct_assembly.details              author_defined_assembly 
_pdbx_struct_assembly.method_details       ? 
_pdbx_struct_assembly.oligomeric_details   monomeric 
_pdbx_struct_assembly.oligomeric_count     1 
# 
_pdbx_struct_assembly_gen.assembly_id       1 
_pdbx_struct_assembly_gen.oper_expression   1 
_pdbx_struct_assembly_gen.asym_id_list      A,B,C 
# 
_pdbx_struct_oper_list.id                   1 
_pdbx_struct_oper_list.type                 'identity operation' 
_pdbx_struct_oper_list.name                 1_555 
_pdbx_struct_oper_list.symmetry_operation   x,y,z 
_pdbx_struct_oper_list.matrix[1][1]         1.0000000000 
_pdbx_struct_oper_list.matrix[1][2]         0.0000000000 
_pdbx_struct_oper_list.matrix[1][3]         0.0000000000 
_pdbx_struct_oper_list.vector[1]            0.0000000000 
_pdbx_struct_oper_list.matrix[2][1]         0.0000000000 
_pdbx_struct_oper_list.matrix[2][2]         1.0000000000 
_pdbx_struct_oper_list.matrix[2][3]         0.0000000000 
_pdbx_struct_oper_list.vector[2]            0.0000000000 
_pdbx_struct_oper_list.matrix[3][1]         0.0000000000 
_pdbx_struct_oper_list.matrix[3][2]         0.0000000000 
_pdbx_struct_oper_list.matrix[3][3]         1.0000000000 
_pdbx_struct_oper_list.vector[3]            0.0000000000 
# 
loop_
_struct_conf.conf_type_id 
_struct_conf.id 
_struct_conf.pdbx_PDB_helix_id 
_struct_conf.beg_label_comp_id 
_struct_conf.beg_label_asym_id 
_struct_conf.beg_label_seq_id 
_struct_conf.pdbx_beg_PDB_ins_code 
_struct_conf.end_label_comp_id 
_struct_conf.end_label_asym_id 
_struct_conf.end_label_seq_id 
_struct_conf.pdbx_end_PDB_ins_code 
_struct_conf.beg_auth_comp_id 
_struct_conf.beg_auth_asym_id 
_struct_conf.beg_auth_seq_id 
_struct_conf.end_auth_comp_id 
_struct_conf.end_auth_asym_id 
_struct_conf.end_auth_seq_id 
_struct_conf.pdbx_PDB_helix_class 
_struct_conf.details 
_struct_conf.pdbx_PDB_helix_length 
HELX_P HELX_P1 1 SER A 12 ? LEU A 14 ? SER A 12 LEU A 14 5 ? 3  
HELX_P HELX_P2 2 PRO A 15 ? GLY A 28 ? PRO A 15 GLY A 28 1 ? 14 
# 
_struct_conf_type.id          HELX_P 
_struct_conf_type.criteria    ? 
_struct_conf_type.reference   ? 
# 
_struct_conn.id                            disulf1 
_struct_conn.conn_type_id                  disulf 
_struct_conn.pdbx_leaving_atom_flag        ? 
_struct_conn.pdbx_PDB_id                   ? 
_struct_conn.ptnr1_label_asym_id           A 
_struct_conn.ptnr1_label_comp_id           CYS 
_struct_conn.ptnr1_label_seq_id            10 
_struct_conn.ptnr1_label_atom_id           SG 
_struct_conn.pdbx_ptnr1_label_alt_id       ? 
_struct_conn.pdbx_ptnr1_PDB_ins_code       ? 
_struct_conn.pdbx_ptnr1_standard_comp_id   ? 
_struct_conn.ptnr1_symmetry                1_555 
_struct_conn.ptnr2_label_asym_id           A 
_struct_conn.ptnr2_label_comp_id           CYS 
_struct_conn.ptnr2_label_seq_id            99 
_struct_conn.ptnr2_label_atom_id           SG 
_struct_conn.pdbx_ptnr2_label_alt_id       ? 
_struct_conn.pdbx_ptnr2_PDB_ins_code       ? 
_struct_conn.ptnr1_auth_asym_id            A 
_struct_conn.ptnr1_auth_comp_id            CYS 
_struct_conn.ptnr1_auth_seq_id             10 
_struct_conn.ptnr2_auth_asym_id            A 
_struct_conn.ptnr2_auth_comp_id            CYS 
_struct_conn.ptnr2_auth_seq_id             99 
_struct_conn.ptnr2_symmetry                1_555 
_struct_conn.pdbx_ptnr3_label_atom_id      ? 
_struct_conn.pdbx_ptnr3_label_seq_id       ? 
_struct_conn.pdbx_ptnr3_label_comp_id      ? 
_struct_conn.pdbx_ptnr3_label_asym_id      ? 
_struct_conn.pdbx_ptnr3_label_alt_id       ? 
_struct_conn.pdbx_ptnr3_PDB_ins_code       ? 
_struct_conn.details                       ? 
_struct_conn.pdbx_dist_value               1.995 
_struct_conn.pdbx_value_order              ? 
_struct_conn.pdbx_role                     ? 
# 
_struct_conn_type.id          disulf 
_struct_conn_type.criteria    ? 
_struct_conn_type.reference   ? 
# 
_pdbx_modification_feature.ordinal                            1 
_pdbx_modification_feature.label_comp_id                      CYS 
_pdbx_modification_feature.label_asym_id                      A 
_pdbx_modification_feature.label_seq_id                       10 
_pdbx_modification_feature.label_alt_id                       ? 
_pdbx_modification_feature.modified_residue_label_comp_id     CYS 
_pdbx_modification_feature.modified_residue_label_asym_id     A 
_pdbx_modification_feature.modified_residue_label_seq_id      99 
_pdbx_modification_feature.modified_residue_label_alt_id      ? 
_pdbx_modification_feature.auth_comp_id                       CYS 
_pdbx_modification_feature.auth_asym_id                       A 
_pdbx_modification_feature.auth_seq_id                        10 
_pdbx_modification_feature.PDB_ins_code                       ? 
_pdbx_modification_feature.symmetry                           1_555 
_pdbx_modification_feature.modified_residue_auth_comp_id      CYS 
_pdbx_modification_feature.modified_residue_auth_asym_id      A 
_pdbx_modification_feature.modified_residue_auth_seq_id       99 
_pdbx_modification_feature.modified_residue_PDB_ins_code      ? 
_pdbx_modification_feature.modified_residue_symmetry          1_555 
_pdbx_modification_feature.comp_id_linking_atom               SG 
_pdbx_modification_feature.modified_residue_id_linking_atom   SG 
_pdbx_modification_feature.modified_residue_id                . 
_pdbx_modification_feature.ref_pcm_id                         . 
_pdbx_modification_feature.ref_comp_id                        . 
_pdbx_modification_feature.type                               None 
_pdbx_modification_feature.category                           'Disulfide bridge' 
# 
_struct_mon_prot_cis.pdbx_id                1 
_struct_mon_prot_cis.label_comp_id          GLY 
_struct_mon_prot_cis.label_seq_id           29 
_struct_mon_prot_cis.label_asym_id          A 
_struct_mon_prot_cis.label_alt_id           . 
_struct_mon_prot_cis.pdbx_PDB_ins_code      ? 
_struct_mon_prot_cis.auth_comp_id           GLY 
_struct_mon_prot_cis.auth_seq_id            29 
_struct_mon_prot_cis.auth_asym_id           A 
_struct_mon_prot_cis.pdbx_label_comp_id_2   PRO 
_struct_mon_prot_cis.pdbx_label_seq_id_2    30 
_struct_mon_prot_cis.pdbx_label_asym_id_2   A 
_struct_mon_prot_cis.pdbx_PDB_ins_code_2    ? 
_struct_mon_prot_cis.pdbx_auth_comp_id_2    PRO 
_struct_mon_prot_cis.pdbx_auth_seq_id_2     30 
_struct_mon_prot_cis.pdbx_auth_asym_id_2    A 
_struct_mon_prot_cis.pdbx_PDB_model_num     1 
_struct_mon_prot_cis.pdbx_omega_angle       1.71 
# 
_struct_sheet.id               A 
_struct_sheet.type             ? 
_struct_sheet.number_strands   5 
_struct_sheet.details          ? 
# 
loop_
_struct_sheet_order.sheet_id 
_struct_sheet_order.range_id_1 
_struct_sheet_order.range_id_2 
_struct_sheet_order.offset 
_struct_sheet_order.sense 
A 1 2 ? parallel      
A 2 3 ? anti-parallel 
A 3 4 ? anti-parallel 
A 4 5 ? anti-parallel 
# 
loop_
_struct_sheet_range.sheet_id 
_struct_sheet_range.id 
_struct_sheet_range.beg_label_comp_id 
_struct_sheet_range.beg_label_asym_id 
_struct_sheet_range.beg_label_seq_id 
_struct_sheet_range.pdbx_beg_PDB_ins_code 
_struct_sheet_range.end_label_comp_id 
_struct_sheet_range.end_label_asym_id 
_struct_sheet_range.end_label_seq_id 
_struct_sheet_range.pdbx_end_PDB_ins_code 
_struct_sheet_range.beg_auth_comp_id 
_struct_sheet_range.beg_auth_asym_id 
_struct_sheet_range.beg_auth_seq_id 
_struct_sheet_range.end_auth_comp_id 
_struct_sheet_range.end_auth_asym_id 
_struct_sheet_range.end_auth_seq_id 
A 1 GLY A 7  ? CYS A 10 ? GLY A 7  CYS A 10 
A 2 ARG A 93 ? ASP A 96 ? ARG A 93 ASP A 96 
A 3 ASP A 82 ? THR A 85 ? ASP A 82 THR A 85 
A 4 ARG A 72 ? THR A 75 ? ARG A 72 THR A 75 
A 5 HIS A 56 ? THR A 59 ? HIS A 56 THR A 59 
# 
loop_
_pdbx_struct_sheet_hbond.sheet_id 
_pdbx_struct_sheet_hbond.range_id_1 
_pdbx_struct_sheet_hbond.range_id_2 
_pdbx_struct_sheet_hbond.range_1_label_atom_id 
_pdbx_struct_sheet_hbond.range_1_label_comp_id 
_pdbx_struct_sheet_hbond.range_1_label_asym_id 
_pdbx_struct_sheet_hbond.range_1_label_seq_id 
_pdbx_struct_sheet_hbond.range_1_PDB_ins_code 
_pdbx_struct_sheet_hbond.range_1_auth_atom_id 
_pdbx_struct_sheet_hbond.range_1_auth_comp_id 
_pdbx_struct_sheet_hbond.range_1_auth_asym_id 
_pdbx_struct_sheet_hbond.range_1_auth_seq_id 
_pdbx_struct_sheet_hbond.range_2_label_atom_id 
_pdbx_struct_sheet_hbond.range_2_label_comp_id 
_pdbx_struct_sheet_hbond.range_2_label_asym_id 
_pdbx_struct_sheet_hbond.range_2_label_seq_id 
_pdbx_struct_sheet_hbond.range_2_PDB_ins_code 
_pdbx_struct_sheet_hbond.range_2_auth_atom_id 
_pdbx_struct_sheet_hbond.range_2_auth_comp_id 
_pdbx_struct_sheet_hbond.range_2_auth_asym_id 
_pdbx_struct_sheet_hbond.range_2_auth_seq_id 
A 1 2 N GLY A 7  ? N GLY A 7  O ARG A 94 ? O ARG A 94 
A 2 3 O ARG A 93 ? O ARG A 93 N TYR A 84 ? N TYR A 84 
A 3 4 O TYR A 83 ? O TYR A 83 N ILE A 74 ? N ILE A 74 
A 4 5 O THR A 75 ? O THR A 75 N HIS A 56 ? N HIS A 56 
# 
_struct_site.id                   AC1 
_struct_site.pdbx_evidence_code   Software 
_struct_site.pdbx_auth_asym_id    A 
_struct_site.pdbx_auth_comp_id    SO4 
_struct_site.pdbx_auth_seq_id     100 
_struct_site.pdbx_auth_ins_code   ? 
_struct_site.pdbx_num_residues    8 
_struct_site.details              'BINDING SITE FOR RESIDUE SO4 A 100' 
# 
loop_
_struct_site_gen.id 
_struct_site_gen.site_id 
_struct_site_gen.pdbx_num_res 
_struct_site_gen.label_comp_id 
_struct_site_gen.label_asym_id 
_struct_site_gen.label_seq_id 
_struct_site_gen.pdbx_auth_ins_code 
_struct_site_gen.auth_comp_id 
_struct_site_gen.auth_asym_id 
_struct_site_gen.auth_seq_id 
_struct_site_gen.label_atom_id 
_struct_site_gen.label_alt_id 
_struct_site_gen.symmetry 
_struct_site_gen.details 
1 AC1 8 PRO A 30 ? PRO A 30  . ? 6_465 ? 
2 AC1 8 PHE A 31 ? PHE A 31  . ? 6_465 ? 
3 AC1 8 GLU A 57 ? GLU A 57  . ? 1_555 ? 
4 AC1 8 ARG A 68 ? ARG A 68  . ? 1_555 ? 
5 AC1 8 ARG A 72 ? ARG A 72  . ? 1_555 ? 
6 AC1 8 HIS A 88 ? HIS A 88  . ? 1_555 ? 
7 AC1 8 TYR A 89 ? TYR A 89  . ? 1_555 ? 
8 AC1 8 HOH C .  ? HOH A 101 . ? 6_465 ? 
# 
_pdbx_entry_details.entry_id                   1MGR 
_pdbx_entry_details.compound_details           ? 
_pdbx_entry_details.source_details             ? 
_pdbx_entry_details.nonpolymer_details         ? 
_pdbx_entry_details.sequence_details           ? 
_pdbx_entry_details.has_ligand_of_interest     ? 
_pdbx_entry_details.has_protein_modification   Y 
# 
_pdbx_validate_close_contact.id               1 
_pdbx_validate_close_contact.PDB_model_num    1 
_pdbx_validate_close_contact.auth_atom_id_1   OG1 
_pdbx_validate_close_contact.auth_asym_id_1   A 
_pdbx_validate_close_contact.auth_comp_id_1   THR 
_pdbx_validate_close_contact.auth_seq_id_1    67 
_pdbx_validate_close_contact.PDB_ins_code_1   ? 
_pdbx_validate_close_contact.label_alt_id_1   ? 
_pdbx_validate_close_contact.auth_atom_id_2   O 
_pdbx_validate_close_contact.auth_asym_id_2   A 
_pdbx_validate_close_contact.auth_comp_id_2   HOH 
_pdbx_validate_close_contact.auth_seq_id_2    141 
_pdbx_validate_close_contact.PDB_ins_code_2   ? 
_pdbx_validate_close_contact.label_alt_id_2   ? 
_pdbx_validate_close_contact.dist             2.19 
# 
_pdbx_validate_symm_contact.id                1 
_pdbx_validate_symm_contact.PDB_model_num     1 
_pdbx_validate_symm_contact.auth_atom_id_1    O 
_pdbx_validate_symm_contact.auth_asym_id_1    A 
_pdbx_validate_symm_contact.auth_comp_id_1    HOH 
_pdbx_validate_symm_contact.auth_seq_id_1     146 
_pdbx_validate_symm_contact.PDB_ins_code_1    ? 
_pdbx_validate_symm_contact.label_alt_id_1    ? 
_pdbx_validate_symm_contact.site_symmetry_1   1_555 
_pdbx_validate_symm_contact.auth_atom_id_2    O 
_pdbx_validate_symm_contact.auth_asym_id_2    A 
_pdbx_validate_symm_contact.auth_comp_id_2    HOH 
_pdbx_validate_symm_contact.auth_seq_id_2     146 
_pdbx_validate_symm_contact.PDB_ins_code_2    ? 
_pdbx_validate_symm_contact.label_alt_id_2    ? 
_pdbx_validate_symm_contact.site_symmetry_2   7_466 
_pdbx_validate_symm_contact.dist              1.90 
# 
_pdbx_validate_rmsd_angle.id                         1 
_pdbx_validate_rmsd_angle.PDB_model_num              1 
_pdbx_validate_rmsd_angle.auth_atom_id_1             CB 
_pdbx_validate_rmsd_angle.auth_asym_id_1             A 
_pdbx_validate_rmsd_angle.auth_comp_id_1             ASP 
_pdbx_validate_rmsd_angle.auth_seq_id_1              87 
_pdbx_validate_rmsd_angle.PDB_ins_code_1             ? 
_pdbx_validate_rmsd_angle.label_alt_id_1             ? 
_pdbx_validate_rmsd_angle.auth_atom_id_2             CG 
_pdbx_validate_rmsd_angle.auth_asym_id_2             A 
_pdbx_validate_rmsd_angle.auth_comp_id_2             ASP 
_pdbx_validate_rmsd_angle.auth_seq_id_2              87 
_pdbx_validate_rmsd_angle.PDB_ins_code_2             ? 
_pdbx_validate_rmsd_angle.label_alt_id_2             ? 
_pdbx_validate_rmsd_angle.auth_atom_id_3             OD2 
_pdbx_validate_rmsd_angle.auth_asym_id_3             A 
_pdbx_validate_rmsd_angle.auth_comp_id_3             ASP 
_pdbx_validate_rmsd_angle.auth_seq_id_3              87 
_pdbx_validate_rmsd_angle.PDB_ins_code_3             ? 
_pdbx_validate_rmsd_angle.label_alt_id_3             ? 
_pdbx_validate_rmsd_angle.angle_value                124.25 
_pdbx_validate_rmsd_angle.angle_target_value         118.30 
_pdbx_validate_rmsd_angle.angle_deviation            5.95 
_pdbx_validate_rmsd_angle.angle_standard_deviation   0.90 
_pdbx_validate_rmsd_angle.linker_flag                N 
# 
_pdbx_validate_torsion.id              1 
_pdbx_validate_torsion.PDB_model_num   1 
_pdbx_validate_torsion.auth_comp_id    ASP 
_pdbx_validate_torsion.auth_asym_id    A 
_pdbx_validate_torsion.auth_seq_id     87 
_pdbx_validate_torsion.PDB_ins_code    ? 
_pdbx_validate_torsion.label_alt_id    ? 
_pdbx_validate_torsion.phi             -140.98 
_pdbx_validate_torsion.psi             37.72 
# 
loop_
_pdbx_unobs_or_zero_occ_residues.id 
_pdbx_unobs_or_zero_occ_residues.PDB_model_num 
_pdbx_unobs_or_zero_occ_residues.polymer_flag 
_pdbx_unobs_or_zero_occ_residues.occupancy_flag 
_pdbx_unobs_or_zero_occ_residues.auth_asym_id 
_pdbx_unobs_or_zero_occ_residues.auth_comp_id 
_pdbx_unobs_or_zero_occ_residues.auth_seq_id 
_pdbx_unobs_or_zero_occ_residues.PDB_ins_code 
_pdbx_unobs_or_zero_occ_residues.label_asym_id 
_pdbx_unobs_or_zero_occ_residues.label_comp_id 
_pdbx_unobs_or_zero_occ_residues.label_seq_id 
1 1 Y 1 A ALA 1 ? A ALA 1 
2 1 Y 1 A SER 2 ? A SER 2 
# 
loop_
_chem_comp_atom.comp_id 
_chem_comp_atom.atom_id 
_chem_comp_atom.type_symbol 
_chem_comp_atom.pdbx_aromatic_flag 
_chem_comp_atom.pdbx_stereo_config 
_chem_comp_atom.pdbx_ordinal 
ALA N    N N N 1   
ALA CA   C N S 2   
ALA C    C N N 3   
ALA O    O N N 4   
ALA CB   C N N 5   
ALA OXT  O N N 6   
ALA H    H N N 7   
ALA H2   H N N 8   
ALA HA   H N N 9   
ALA HB1  H N N 10  
ALA HB2  H N N 11  
ALA HB3  H N N 12  
ALA HXT  H N N 13  
ARG N    N N N 14  
ARG CA   C N S 15  
ARG C    C N N 16  
ARG O    O N N 17  
ARG CB   C N N 18  
ARG CG   C N N 19  
ARG CD   C N N 20  
ARG NE   N N N 21  
ARG CZ   C N N 22  
ARG NH1  N N N 23  
ARG NH2  N N N 24  
ARG OXT  O N N 25  
ARG H    H N N 26  
ARG H2   H N N 27  
ARG HA   H N N 28  
ARG HB2  H N N 29  
ARG HB3  H N N 30  
ARG HG2  H N N 31  
ARG HG3  H N N 32  
ARG HD2  H N N 33  
ARG HD3  H N N 34  
ARG HE   H N N 35  
ARG HH11 H N N 36  
ARG HH12 H N N 37  
ARG HH21 H N N 38  
ARG HH22 H N N 39  
ARG HXT  H N N 40  
ASN N    N N N 41  
ASN CA   C N S 42  
ASN C    C N N 43  
ASN O    O N N 44  
ASN CB   C N N 45  
ASN CG   C N N 46  
ASN OD1  O N N 47  
ASN ND2  N N N 48  
ASN OXT  O N N 49  
ASN H    H N N 50  
ASN H2   H N N 51  
ASN HA   H N N 52  
ASN HB2  H N N 53  
ASN HB3  H N N 54  
ASN HD21 H N N 55  
ASN HD22 H N N 56  
ASN HXT  H N N 57  
ASP N    N N N 58  
ASP CA   C N S 59  
ASP C    C N N 60  
ASP O    O N N 61  
ASP CB   C N N 62  
ASP CG   C N N 63  
ASP OD1  O N N 64  
ASP OD2  O N N 65  
ASP OXT  O N N 66  
ASP H    H N N 67  
ASP H2   H N N 68  
ASP HA   H N N 69  
ASP HB2  H N N 70  
ASP HB3  H N N 71  
ASP HD2  H N N 72  
ASP HXT  H N N 73  
CYS N    N N N 74  
CYS CA   C N R 75  
CYS C    C N N 76  
CYS O    O N N 77  
CYS CB   C N N 78  
CYS SG   S N N 79  
CYS OXT  O N N 80  
CYS H    H N N 81  
CYS H2   H N N 82  
CYS HA   H N N 83  
CYS HB2  H N N 84  
CYS HB3  H N N 85  
CYS HG   H N N 86  
CYS HXT  H N N 87  
GLN N    N N N 88  
GLN CA   C N S 89  
GLN C    C N N 90  
GLN O    O N N 91  
GLN CB   C N N 92  
GLN CG   C N N 93  
GLN CD   C N N 94  
GLN OE1  O N N 95  
GLN NE2  N N N 96  
GLN OXT  O N N 97  
GLN H    H N N 98  
GLN H2   H N N 99  
GLN HA   H N N 100 
GLN HB2  H N N 101 
GLN HB3  H N N 102 
GLN HG2  H N N 103 
GLN HG3  H N N 104 
GLN HE21 H N N 105 
GLN HE22 H N N 106 
GLN HXT  H N N 107 
GLU N    N N N 108 
GLU CA   C N S 109 
GLU C    C N N 110 
GLU O    O N N 111 
GLU CB   C N N 112 
GLU CG   C N N 113 
GLU CD   C N N 114 
GLU OE1  O N N 115 
GLU OE2  O N N 116 
GLU OXT  O N N 117 
GLU H    H N N 118 
GLU H2   H N N 119 
GLU HA   H N N 120 
GLU HB2  H N N 121 
GLU HB3  H N N 122 
GLU HG2  H N N 123 
GLU HG3  H N N 124 
GLU HE2  H N N 125 
GLU HXT  H N N 126 
GLY N    N N N 127 
GLY CA   C N N 128 
GLY C    C N N 129 
GLY O    O N N 130 
GLY OXT  O N N 131 
GLY H    H N N 132 
GLY H2   H N N 133 
GLY HA2  H N N 134 
GLY HA3  H N N 135 
GLY HXT  H N N 136 
HIS N    N N N 137 
HIS CA   C N S 138 
HIS C    C N N 139 
HIS O    O N N 140 
HIS CB   C N N 141 
HIS CG   C Y N 142 
HIS ND1  N Y N 143 
HIS CD2  C Y N 144 
HIS CE1  C Y N 145 
HIS NE2  N Y N 146 
HIS OXT  O N N 147 
HIS H    H N N 148 
HIS H2   H N N 149 
HIS HA   H N N 150 
HIS HB2  H N N 151 
HIS HB3  H N N 152 
HIS HD1  H N N 153 
HIS HD2  H N N 154 
HIS HE1  H N N 155 
HIS HE2  H N N 156 
HIS HXT  H N N 157 
HOH O    O N N 158 
HOH H1   H N N 159 
HOH H2   H N N 160 
ILE N    N N N 161 
ILE CA   C N S 162 
ILE C    C N N 163 
ILE O    O N N 164 
ILE CB   C N S 165 
ILE CG1  C N N 166 
ILE CG2  C N N 167 
ILE CD1  C N N 168 
ILE OXT  O N N 169 
ILE H    H N N 170 
ILE H2   H N N 171 
ILE HA   H N N 172 
ILE HB   H N N 173 
ILE HG12 H N N 174 
ILE HG13 H N N 175 
ILE HG21 H N N 176 
ILE HG22 H N N 177 
ILE HG23 H N N 178 
ILE HD11 H N N 179 
ILE HD12 H N N 180 
ILE HD13 H N N 181 
ILE HXT  H N N 182 
LEU N    N N N 183 
LEU CA   C N S 184 
LEU C    C N N 185 
LEU O    O N N 186 
LEU CB   C N N 187 
LEU CG   C N N 188 
LEU CD1  C N N 189 
LEU CD2  C N N 190 
LEU OXT  O N N 191 
LEU H    H N N 192 
LEU H2   H N N 193 
LEU HA   H N N 194 
LEU HB2  H N N 195 
LEU HB3  H N N 196 
LEU HG   H N N 197 
LEU HD11 H N N 198 
LEU HD12 H N N 199 
LEU HD13 H N N 200 
LEU HD21 H N N 201 
LEU HD22 H N N 202 
LEU HD23 H N N 203 
LEU HXT  H N N 204 
LYS N    N N N 205 
LYS CA   C N S 206 
LYS C    C N N 207 
LYS O    O N N 208 
LYS CB   C N N 209 
LYS CG   C N N 210 
LYS CD   C N N 211 
LYS CE   C N N 212 
LYS NZ   N N N 213 
LYS OXT  O N N 214 
LYS H    H N N 215 
LYS H2   H N N 216 
LYS HA   H N N 217 
LYS HB2  H N N 218 
LYS HB3  H N N 219 
LYS HG2  H N N 220 
LYS HG3  H N N 221 
LYS HD2  H N N 222 
LYS HD3  H N N 223 
LYS HE2  H N N 224 
LYS HE3  H N N 225 
LYS HZ1  H N N 226 
LYS HZ2  H N N 227 
LYS HZ3  H N N 228 
LYS HXT  H N N 229 
PHE N    N N N 230 
PHE CA   C N S 231 
PHE C    C N N 232 
PHE O    O N N 233 
PHE CB   C N N 234 
PHE CG   C Y N 235 
PHE CD1  C Y N 236 
PHE CD2  C Y N 237 
PHE CE1  C Y N 238 
PHE CE2  C Y N 239 
PHE CZ   C Y N 240 
PHE OXT  O N N 241 
PHE H    H N N 242 
PHE H2   H N N 243 
PHE HA   H N N 244 
PHE HB2  H N N 245 
PHE HB3  H N N 246 
PHE HD1  H N N 247 
PHE HD2  H N N 248 
PHE HE1  H N N 249 
PHE HE2  H N N 250 
PHE HZ   H N N 251 
PHE HXT  H N N 252 
PRO N    N N N 253 
PRO CA   C N S 254 
PRO C    C N N 255 
PRO O    O N N 256 
PRO CB   C N N 257 
PRO CG   C N N 258 
PRO CD   C N N 259 
PRO OXT  O N N 260 
PRO H    H N N 261 
PRO HA   H N N 262 
PRO HB2  H N N 263 
PRO HB3  H N N 264 
PRO HG2  H N N 265 
PRO HG3  H N N 266 
PRO HD2  H N N 267 
PRO HD3  H N N 268 
PRO HXT  H N N 269 
SER N    N N N 270 
SER CA   C N S 271 
SER C    C N N 272 
SER O    O N N 273 
SER CB   C N N 274 
SER OG   O N N 275 
SER OXT  O N N 276 
SER H    H N N 277 
SER H2   H N N 278 
SER HA   H N N 279 
SER HB2  H N N 280 
SER HB3  H N N 281 
SER HG   H N N 282 
SER HXT  H N N 283 
SO4 S    S N N 284 
SO4 O1   O N N 285 
SO4 O2   O N N 286 
SO4 O3   O N N 287 
SO4 O4   O N N 288 
THR N    N N N 289 
THR CA   C N S 290 
THR C    C N N 291 
THR O    O N N 292 
THR CB   C N R 293 
THR OG1  O N N 294 
THR CG2  C N N 295 
THR OXT  O N N 296 
THR H    H N N 297 
THR H2   H N N 298 
THR HA   H N N 299 
THR HB   H N N 300 
THR HG1  H N N 301 
THR HG21 H N N 302 
THR HG22 H N N 303 
THR HG23 H N N 304 
THR HXT  H N N 305 
TRP N    N N N 306 
TRP CA   C N S 307 
TRP C    C N N 308 
TRP O    O N N 309 
TRP CB   C N N 310 
TRP CG   C Y N 311 
TRP CD1  C Y N 312 
TRP CD2  C Y N 313 
TRP NE1  N Y N 314 
TRP CE2  C Y N 315 
TRP CE3  C Y N 316 
TRP CZ2  C Y N 317 
TRP CZ3  C Y N 318 
TRP CH2  C Y N 319 
TRP OXT  O N N 320 
TRP H    H N N 321 
TRP H2   H N N 322 
TRP HA   H N N 323 
TRP HB2  H N N 324 
TRP HB3  H N N 325 
TRP HD1  H N N 326 
TRP HE1  H N N 327 
TRP HE3  H N N 328 
TRP HZ2  H N N 329 
TRP HZ3  H N N 330 
TRP HH2  H N N 331 
TRP HXT  H N N 332 
TYR N    N N N 333 
TYR CA   C N S 334 
TYR C    C N N 335 
TYR O    O N N 336 
TYR CB   C N N 337 
TYR CG   C Y N 338 
TYR CD1  C Y N 339 
TYR CD2  C Y N 340 
TYR CE1  C Y N 341 
TYR CE2  C Y N 342 
TYR CZ   C Y N 343 
TYR OH   O N N 344 
TYR OXT  O N N 345 
TYR H    H N N 346 
TYR H2   H N N 347 
TYR HA   H N N 348 
TYR HB2  H N N 349 
TYR HB3  H N N 350 
TYR HD1  H N N 351 
TYR HD2  H N N 352 
TYR HE1  H N N 353 
TYR HE2  H N N 354 
TYR HH   H N N 355 
TYR HXT  H N N 356 
VAL N    N N N 357 
VAL CA   C N S 358 
VAL C    C N N 359 
VAL O    O N N 360 
VAL CB   C N N 361 
VAL CG1  C N N 362 
VAL CG2  C N N 363 
VAL OXT  O N N 364 
VAL H    H N N 365 
VAL H2   H N N 366 
VAL HA   H N N 367 
VAL HB   H N N 368 
VAL HG11 H N N 369 
VAL HG12 H N N 370 
VAL HG13 H N N 371 
VAL HG21 H N N 372 
VAL HG22 H N N 373 
VAL HG23 H N N 374 
VAL HXT  H N N 375 
# 
loop_
_chem_comp_bond.comp_id 
_chem_comp_bond.atom_id_1 
_chem_comp_bond.atom_id_2 
_chem_comp_bond.value_order 
_chem_comp_bond.pdbx_aromatic_flag 
_chem_comp_bond.pdbx_stereo_config 
_chem_comp_bond.pdbx_ordinal 
ALA N   CA   sing N N 1   
ALA N   H    sing N N 2   
ALA N   H2   sing N N 3   
ALA CA  C    sing N N 4   
ALA CA  CB   sing N N 5   
ALA CA  HA   sing N N 6   
ALA C   O    doub N N 7   
ALA C   OXT  sing N N 8   
ALA CB  HB1  sing N N 9   
ALA CB  HB2  sing N N 10  
ALA CB  HB3  sing N N 11  
ALA OXT HXT  sing N N 12  
ARG N   CA   sing N N 13  
ARG N   H    sing N N 14  
ARG N   H2   sing N N 15  
ARG CA  C    sing N N 16  
ARG CA  CB   sing N N 17  
ARG CA  HA   sing N N 18  
ARG C   O    doub N N 19  
ARG C   OXT  sing N N 20  
ARG CB  CG   sing N N 21  
ARG CB  HB2  sing N N 22  
ARG CB  HB3  sing N N 23  
ARG CG  CD   sing N N 24  
ARG CG  HG2  sing N N 25  
ARG CG  HG3  sing N N 26  
ARG CD  NE   sing N N 27  
ARG CD  HD2  sing N N 28  
ARG CD  HD3  sing N N 29  
ARG NE  CZ   sing N N 30  
ARG NE  HE   sing N N 31  
ARG CZ  NH1  sing N N 32  
ARG CZ  NH2  doub N N 33  
ARG NH1 HH11 sing N N 34  
ARG NH1 HH12 sing N N 35  
ARG NH2 HH21 sing N N 36  
ARG NH2 HH22 sing N N 37  
ARG OXT HXT  sing N N 38  
ASN N   CA   sing N N 39  
ASN N   H    sing N N 40  
ASN N   H2   sing N N 41  
ASN CA  C    sing N N 42  
ASN CA  CB   sing N N 43  
ASN CA  HA   sing N N 44  
ASN C   O    doub N N 45  
ASN C   OXT  sing N N 46  
ASN CB  CG   sing N N 47  
ASN CB  HB2  sing N N 48  
ASN CB  HB3  sing N N 49  
ASN CG  OD1  doub N N 50  
ASN CG  ND2  sing N N 51  
ASN ND2 HD21 sing N N 52  
ASN ND2 HD22 sing N N 53  
ASN OXT HXT  sing N N 54  
ASP N   CA   sing N N 55  
ASP N   H    sing N N 56  
ASP N   H2   sing N N 57  
ASP CA  C    sing N N 58  
ASP CA  CB   sing N N 59  
ASP CA  HA   sing N N 60  
ASP C   O    doub N N 61  
ASP C   OXT  sing N N 62  
ASP CB  CG   sing N N 63  
ASP CB  HB2  sing N N 64  
ASP CB  HB3  sing N N 65  
ASP CG  OD1  doub N N 66  
ASP CG  OD2  sing N N 67  
ASP OD2 HD2  sing N N 68  
ASP OXT HXT  sing N N 69  
CYS N   CA   sing N N 70  
CYS N   H    sing N N 71  
CYS N   H2   sing N N 72  
CYS CA  C    sing N N 73  
CYS CA  CB   sing N N 74  
CYS CA  HA   sing N N 75  
CYS C   O    doub N N 76  
CYS C   OXT  sing N N 77  
CYS CB  SG   sing N N 78  
CYS CB  HB2  sing N N 79  
CYS CB  HB3  sing N N 80  
CYS SG  HG   sing N N 81  
CYS OXT HXT  sing N N 82  
GLN N   CA   sing N N 83  
GLN N   H    sing N N 84  
GLN N   H2   sing N N 85  
GLN CA  C    sing N N 86  
GLN CA  CB   sing N N 87  
GLN CA  HA   sing N N 88  
GLN C   O    doub N N 89  
GLN C   OXT  sing N N 90  
GLN CB  CG   sing N N 91  
GLN CB  HB2  sing N N 92  
GLN CB  HB3  sing N N 93  
GLN CG  CD   sing N N 94  
GLN CG  HG2  sing N N 95  
GLN CG  HG3  sing N N 96  
GLN CD  OE1  doub N N 97  
GLN CD  NE2  sing N N 98  
GLN NE2 HE21 sing N N 99  
GLN NE2 HE22 sing N N 100 
GLN OXT HXT  sing N N 101 
GLU N   CA   sing N N 102 
GLU N   H    sing N N 103 
GLU N   H2   sing N N 104 
GLU CA  C    sing N N 105 
GLU CA  CB   sing N N 106 
GLU CA  HA   sing N N 107 
GLU C   O    doub N N 108 
GLU C   OXT  sing N N 109 
GLU CB  CG   sing N N 110 
GLU CB  HB2  sing N N 111 
GLU CB  HB3  sing N N 112 
GLU CG  CD   sing N N 113 
GLU CG  HG2  sing N N 114 
GLU CG  HG3  sing N N 115 
GLU CD  OE1  doub N N 116 
GLU CD  OE2  sing N N 117 
GLU OE2 HE2  sing N N 118 
GLU OXT HXT  sing N N 119 
GLY N   CA   sing N N 120 
GLY N   H    sing N N 121 
GLY N   H2   sing N N 122 
GLY CA  C    sing N N 123 
GLY CA  HA2  sing N N 124 
GLY CA  HA3  sing N N 125 
GLY C   O    doub N N 126 
GLY C   OXT  sing N N 127 
GLY OXT HXT  sing N N 128 
HIS N   CA   sing N N 129 
HIS N   H    sing N N 130 
HIS N   H2   sing N N 131 
HIS CA  C    sing N N 132 
HIS CA  CB   sing N N 133 
HIS CA  HA   sing N N 134 
HIS C   O    doub N N 135 
HIS C   OXT  sing N N 136 
HIS CB  CG   sing N N 137 
HIS CB  HB2  sing N N 138 
HIS CB  HB3  sing N N 139 
HIS CG  ND1  sing Y N 140 
HIS CG  CD2  doub Y N 141 
HIS ND1 CE1  doub Y N 142 
HIS ND1 HD1  sing N N 143 
HIS CD2 NE2  sing Y N 144 
HIS CD2 HD2  sing N N 145 
HIS CE1 NE2  sing Y N 146 
HIS CE1 HE1  sing N N 147 
HIS NE2 HE2  sing N N 148 
HIS OXT HXT  sing N N 149 
HOH O   H1   sing N N 150 
HOH O   H2   sing N N 151 
ILE N   CA   sing N N 152 
ILE N   H    sing N N 153 
ILE N   H2   sing N N 154 
ILE CA  C    sing N N 155 
ILE CA  CB   sing N N 156 
ILE CA  HA   sing N N 157 
ILE C   O    doub N N 158 
ILE C   OXT  sing N N 159 
ILE CB  CG1  sing N N 160 
ILE CB  CG2  sing N N 161 
ILE CB  HB   sing N N 162 
ILE CG1 CD1  sing N N 163 
ILE CG1 HG12 sing N N 164 
ILE CG1 HG13 sing N N 165 
ILE CG2 HG21 sing N N 166 
ILE CG2 HG22 sing N N 167 
ILE CG2 HG23 sing N N 168 
ILE CD1 HD11 sing N N 169 
ILE CD1 HD12 sing N N 170 
ILE CD1 HD13 sing N N 171 
ILE OXT HXT  sing N N 172 
LEU N   CA   sing N N 173 
LEU N   H    sing N N 174 
LEU N   H2   sing N N 175 
LEU CA  C    sing N N 176 
LEU CA  CB   sing N N 177 
LEU CA  HA   sing N N 178 
LEU C   O    doub N N 179 
LEU C   OXT  sing N N 180 
LEU CB  CG   sing N N 181 
LEU CB  HB2  sing N N 182 
LEU CB  HB3  sing N N 183 
LEU CG  CD1  sing N N 184 
LEU CG  CD2  sing N N 185 
LEU CG  HG   sing N N 186 
LEU CD1 HD11 sing N N 187 
LEU CD1 HD12 sing N N 188 
LEU CD1 HD13 sing N N 189 
LEU CD2 HD21 sing N N 190 
LEU CD2 HD22 sing N N 191 
LEU CD2 HD23 sing N N 192 
LEU OXT HXT  sing N N 193 
LYS N   CA   sing N N 194 
LYS N   H    sing N N 195 
LYS N   H2   sing N N 196 
LYS CA  C    sing N N 197 
LYS CA  CB   sing N N 198 
LYS CA  HA   sing N N 199 
LYS C   O    doub N N 200 
LYS C   OXT  sing N N 201 
LYS CB  CG   sing N N 202 
LYS CB  HB2  sing N N 203 
LYS CB  HB3  sing N N 204 
LYS CG  CD   sing N N 205 
LYS CG  HG2  sing N N 206 
LYS CG  HG3  sing N N 207 
LYS CD  CE   sing N N 208 
LYS CD  HD2  sing N N 209 
LYS CD  HD3  sing N N 210 
LYS CE  NZ   sing N N 211 
LYS CE  HE2  sing N N 212 
LYS CE  HE3  sing N N 213 
LYS NZ  HZ1  sing N N 214 
LYS NZ  HZ2  sing N N 215 
LYS NZ  HZ3  sing N N 216 
LYS OXT HXT  sing N N 217 
PHE N   CA   sing N N 218 
PHE N   H    sing N N 219 
PHE N   H2   sing N N 220 
PHE CA  C    sing N N 221 
PHE CA  CB   sing N N 222 
PHE CA  HA   sing N N 223 
PHE C   O    doub N N 224 
PHE C   OXT  sing N N 225 
PHE CB  CG   sing N N 226 
PHE CB  HB2  sing N N 227 
PHE CB  HB3  sing N N 228 
PHE CG  CD1  doub Y N 229 
PHE CG  CD2  sing Y N 230 
PHE CD1 CE1  sing Y N 231 
PHE CD1 HD1  sing N N 232 
PHE CD2 CE2  doub Y N 233 
PHE CD2 HD2  sing N N 234 
PHE CE1 CZ   doub Y N 235 
PHE CE1 HE1  sing N N 236 
PHE CE2 CZ   sing Y N 237 
PHE CE2 HE2  sing N N 238 
PHE CZ  HZ   sing N N 239 
PHE OXT HXT  sing N N 240 
PRO N   CA   sing N N 241 
PRO N   CD   sing N N 242 
PRO N   H    sing N N 243 
PRO CA  C    sing N N 244 
PRO CA  CB   sing N N 245 
PRO CA  HA   sing N N 246 
PRO C   O    doub N N 247 
PRO C   OXT  sing N N 248 
PRO CB  CG   sing N N 249 
PRO CB  HB2  sing N N 250 
PRO CB  HB3  sing N N 251 
PRO CG  CD   sing N N 252 
PRO CG  HG2  sing N N 253 
PRO CG  HG3  sing N N 254 
PRO CD  HD2  sing N N 255 
PRO CD  HD3  sing N N 256 
PRO OXT HXT  sing N N 257 
SER N   CA   sing N N 258 
SER N   H    sing N N 259 
SER N   H2   sing N N 260 
SER CA  C    sing N N 261 
SER CA  CB   sing N N 262 
SER CA  HA   sing N N 263 
SER C   O    doub N N 264 
SER C   OXT  sing N N 265 
SER CB  OG   sing N N 266 
SER CB  HB2  sing N N 267 
SER CB  HB3  sing N N 268 
SER OG  HG   sing N N 269 
SER OXT HXT  sing N N 270 
SO4 S   O1   doub N N 271 
SO4 S   O2   doub N N 272 
SO4 S   O3   sing N N 273 
SO4 S   O4   sing N N 274 
THR N   CA   sing N N 275 
THR N   H    sing N N 276 
THR N   H2   sing N N 277 
THR CA  C    sing N N 278 
THR CA  CB   sing N N 279 
THR CA  HA   sing N N 280 
THR C   O    doub N N 281 
THR C   OXT  sing N N 282 
THR CB  OG1  sing N N 283 
THR CB  CG2  sing N N 284 
THR CB  HB   sing N N 285 
THR OG1 HG1  sing N N 286 
THR CG2 HG21 sing N N 287 
THR CG2 HG22 sing N N 288 
THR CG2 HG23 sing N N 289 
THR OXT HXT  sing N N 290 
TRP N   CA   sing N N 291 
TRP N   H    sing N N 292 
TRP N   H2   sing N N 293 
TRP CA  C    sing N N 294 
TRP CA  CB   sing N N 295 
TRP CA  HA   sing N N 296 
TRP C   O    doub N N 297 
TRP C   OXT  sing N N 298 
TRP CB  CG   sing N N 299 
TRP CB  HB2  sing N N 300 
TRP CB  HB3  sing N N 301 
TRP CG  CD1  doub Y N 302 
TRP CG  CD2  sing Y N 303 
TRP CD1 NE1  sing Y N 304 
TRP CD1 HD1  sing N N 305 
TRP CD2 CE2  doub Y N 306 
TRP CD2 CE3  sing Y N 307 
TRP NE1 CE2  sing Y N 308 
TRP NE1 HE1  sing N N 309 
TRP CE2 CZ2  sing Y N 310 
TRP CE3 CZ3  doub Y N 311 
TRP CE3 HE3  sing N N 312 
TRP CZ2 CH2  doub Y N 313 
TRP CZ2 HZ2  sing N N 314 
TRP CZ3 CH2  sing Y N 315 
TRP CZ3 HZ3  sing N N 316 
TRP CH2 HH2  sing N N 317 
TRP OXT HXT  sing N N 318 
TYR N   CA   sing N N 319 
TYR N   H    sing N N 320 
TYR N   H2   sing N N 321 
TYR CA  C    sing N N 322 
TYR CA  CB   sing N N 323 
TYR CA  HA   sing N N 324 
TYR C   O    doub N N 325 
TYR C   OXT  sing N N 326 
TYR CB  CG   sing N N 327 
TYR CB  HB2  sing N N 328 
TYR CB  HB3  sing N N 329 
TYR CG  CD1  doub Y N 330 
TYR CG  CD2  sing Y N 331 
TYR CD1 CE1  sing Y N 332 
TYR CD1 HD1  sing N N 333 
TYR CD2 CE2  doub Y N 334 
TYR CD2 HD2  sing N N 335 
TYR CE1 CZ   doub Y N 336 
TYR CE1 HE1  sing N N 337 
TYR CE2 CZ   sing Y N 338 
TYR CE2 HE2  sing N N 339 
TYR CZ  OH   sing N N 340 
TYR OH  HH   sing N N 341 
TYR OXT HXT  sing N N 342 
VAL N   CA   sing N N 343 
VAL N   H    sing N N 344 
VAL N   H2   sing N N 345 
VAL CA  C    sing N N 346 
VAL CA  CB   sing N N 347 
VAL CA  HA   sing N N 348 
VAL C   O    doub N N 349 
VAL C   OXT  sing N N 350 
VAL CB  CG1  sing N N 351 
VAL CB  CG2  sing N N 352 
VAL CB  HB   sing N N 353 
VAL CG1 HG11 sing N N 354 
VAL CG1 HG12 sing N N 355 
VAL CG1 HG13 sing N N 356 
VAL CG2 HG21 sing N N 357 
VAL CG2 HG22 sing N N 358 
VAL CG2 HG23 sing N N 359 
VAL OXT HXT  sing N N 360 
# 
_pdbx_initial_refinement_model.id               1 
_pdbx_initial_refinement_model.entity_id_list   ? 
_pdbx_initial_refinement_model.type             'experimental model' 
_pdbx_initial_refinement_model.source_name      PDB 
_pdbx_initial_refinement_model.accession_code   1RGG 
_pdbx_initial_refinement_model.details          ? 
# 
_atom_sites.entry_id                    1MGR 
_atom_sites.fract_transf_matrix[1][1]   -0.01598586 
_atom_sites.fract_transf_matrix[1][2]   -0.01420814 
_atom_sites.fract_transf_matrix[1][3]   -0.02012758 
_atom_sites.fract_transf_matrix[2][1]   0.00926374 
_atom_sites.fract_transf_matrix[2][2]   -0.02569898 
_atom_sites.fract_transf_matrix[2][3]   0.01078350 
_atom_sites.fract_transf_matrix[3][1]   -0.00528036 
_atom_sites.fract_transf_matrix[3][2]   -0.00011083 
_atom_sites.fract_transf_matrix[3][3]   0.00427204 
_atom_sites.fract_transf_vector[1]      0.135665 
_atom_sites.fract_transf_vector[2]      0.520925 
_atom_sites.fract_transf_vector[3]      0.422752 
# 
loop_
_atom_type.symbol 
C 
N 
O 
S 
# 
loop_
_atom_site.group_PDB 
_atom_site.id 
_atom_site.type_symbol 
_atom_site.label_atom_id 
_atom_site.label_alt_id 
_atom_site.label_comp_id 
_atom_site.label_asym_id 
_atom_site.label_entity_id 
_atom_site.label_seq_id 
_atom_site.pdbx_PDB_ins_code 
_atom_site.Cartn_x 
_atom_site.Cartn_y 
_atom_site.Cartn_z 
_atom_site.occupancy 
_atom_site.B_iso_or_equiv 
_atom_site.pdbx_formal_charge 
_atom_site.auth_seq_id 
_atom_site.auth_comp_id 
_atom_site.auth_asym_id 
_atom_site.auth_atom_id 
_atom_site.pdbx_PDB_model_num 
ATOM   1   N N   . VAL A 1 3  ? 1.630   5.995   18.104  1.00 59.14  ? 3   VAL A N   1 
ATOM   2   C CA  . VAL A 1 3  ? 2.171   7.352   18.379  1.00 58.93  ? 3   VAL A CA  1 
ATOM   3   C C   . VAL A 1 3  ? 2.585   8.032   17.092  1.00 58.69  ? 3   VAL A C   1 
ATOM   4   O O   . VAL A 1 3  ? 3.703   8.538   16.956  1.00 59.72  ? 3   VAL A O   1 
ATOM   5   N N   . LYS A 1 4  ? 1.728   7.857   16.104  1.00 57.86  ? 4   LYS A N   1 
ATOM   6   C CA  . LYS A 1 4  ? 1.617   8.727   14.953  1.00 56.79  ? 4   LYS A CA  1 
ATOM   7   C C   . LYS A 1 4  ? 0.264   8.313   14.407  1.00 55.34  ? 4   LYS A C   1 
ATOM   8   O O   . LYS A 1 4  ? -0.039  7.118   14.340  1.00 55.41  ? 4   LYS A O   1 
ATOM   9   C CB  . LYS A 1 4  ? 2.754   8.556   13.947  1.00 57.08  ? 4   LYS A CB  1 
ATOM   10  C CG  . LYS A 1 4  ? 3.674   9.791   13.850  1.00 57.86  ? 4   LYS A CG  1 
ATOM   11  C CD  . LYS A 1 4  ? 2.962   10.959  13.149  1.00 58.95  ? 4   LYS A CD  1 
ATOM   12  C CE  . LYS A 1 4  ? 3.793   12.235  13.119  1.00 58.99  ? 4   LYS A CE  1 
ATOM   13  N NZ  . LYS A 1 4  ? 2.929   13.445  13.142  1.00 59.13  ? 4   LYS A NZ  1 
ATOM   14  N N   . ALA A 1 5  ? -0.594  9.282   14.106  1.00 53.28  ? 5   ALA A N   1 
ATOM   15  C CA  . ALA A 1 5  ? -1.896  8.961   13.543  1.00 51.30  ? 5   ALA A CA  1 
ATOM   16  C C   . ALA A 1 5  ? -1.748  8.698   12.051  1.00 49.01  ? 5   ALA A C   1 
ATOM   17  O O   . ALA A 1 5  ? -0.696  8.935   11.464  1.00 49.24  ? 5   ALA A O   1 
ATOM   18  C CB  . ALA A 1 5  ? -2.904  10.087  13.804  1.00 51.33  ? 5   ALA A CB  1 
ATOM   19  N N   . VAL A 1 6  ? -2.799  8.189   11.439  1.00 46.10  ? 6   VAL A N   1 
ATOM   20  C CA  . VAL A 1 6  ? -2.765  7.936   10.006  1.00 43.55  ? 6   VAL A CA  1 
ATOM   21  C C   . VAL A 1 6  ? -3.675  8.905   9.281   1.00 40.89  ? 6   VAL A C   1 
ATOM   22  O O   . VAL A 1 6  ? -4.880  8.909   9.491   1.00 40.91  ? 6   VAL A O   1 
ATOM   23  C CB  . VAL A 1 6  ? -3.168  6.487   9.698   1.00 43.43  ? 6   VAL A CB  1 
ATOM   24  C CG1 . VAL A 1 6  ? -3.269  6.243   8.198   1.00 43.43  ? 6   VAL A CG1 1 
ATOM   25  C CG2 . VAL A 1 6  ? -2.177  5.552   10.323  1.00 43.89  ? 6   VAL A CG2 1 
ATOM   26  N N   . GLY A 1 7  ? -3.088  9.702   8.406   1.00 37.82  ? 7   GLY A N   1 
ATOM   27  C CA  . GLY A 1 7  ? -3.836  10.630  7.602   1.00 35.90  ? 7   GLY A CA  1 
ATOM   28  C C   . GLY A 1 7  ? -4.616  9.920   6.498   1.00 33.83  ? 7   GLY A C   1 
ATOM   29  O O   . GLY A 1 7  ? -4.732  8.715   6.485   1.00 31.13  ? 7   GLY A O   1 
ATOM   30  N N   . ARG A 1 8  ? -5.149  10.717  5.592   1.00 33.31  ? 8   ARG A N   1 
ATOM   31  C CA  . ARG A 1 8  ? -6.029  10.261  4.529   1.00 31.55  ? 8   ARG A CA  1 
ATOM   32  C C   . ARG A 1 8  ? -5.472  10.862  3.264   1.00 29.17  ? 8   ARG A C   1 
ATOM   33  O O   . ARG A 1 8  ? -4.937  11.938  3.328   1.00 29.89  ? 8   ARG A O   1 
ATOM   34  C CB  . ARG A 1 8  ? -7.429  10.807  4.808   1.00 32.88  ? 8   ARG A CB  1 
ATOM   35  C CG  . ARG A 1 8  ? -8.507  10.240  3.992   1.00 35.07  ? 8   ARG A CG  1 
ATOM   36  C CD  . ARG A 1 8  ? -9.840  10.271  4.748   1.00 37.25  ? 8   ARG A CD  1 
ATOM   37  N NE  . ARG A 1 8  ? -10.303 11.649  4.838   1.00 38.79  ? 8   ARG A NE  1 
ATOM   38  C CZ  . ARG A 1 8  ? -10.359 12.403  5.925   1.00 41.47  ? 8   ARG A CZ  1 
ATOM   39  N NH1 . ARG A 1 8  ? -10.017 11.954  7.133   1.00 41.89  ? 8   ARG A NH1 1 
ATOM   40  N NH2 . ARG A 1 8  ? -10.802 13.649  5.793   1.00 42.49  ? 8   ARG A NH2 1 
ATOM   41  N N   . VAL A 1 9  ? -5.539  10.162  2.135   1.00 26.92  ? 9   VAL A N   1 
ATOM   42  C CA  . VAL A 1 9  ? -5.122  10.701  0.851   1.00 25.70  ? 9   VAL A CA  1 
ATOM   43  C C   . VAL A 1 9  ? -6.238  10.309  -0.126  1.00 26.60  ? 9   VAL A C   1 
ATOM   44  O O   . VAL A 1 9  ? -6.710  9.199   -0.099  1.00 24.75  ? 9   VAL A O   1 
ATOM   45  C CB  . VAL A 1 9  ? -3.746  10.106  0.332   1.00 27.02  ? 9   VAL A CB  1 
ATOM   46  C CG1 . VAL A 1 9  ? -3.856  8.654   0.133   1.00 27.05  ? 9   VAL A CG1 1 
ATOM   47  C CG2 . VAL A 1 9  ? -3.341  10.771  -0.955  1.00 26.45  ? 9   VAL A CG2 1 
ATOM   48  N N   . CYS A 1 10 ? -6.686  11.246  -0.942  1.00 27.84  ? 10  CYS A N   1 
ATOM   49  C CA  . CYS A 1 10 ? -7.722  10.915  -1.922  1.00 28.53  ? 10  CYS A CA  1 
ATOM   50  C C   . CYS A 1 10 ? -7.209  10.051  -3.072  1.00 29.00  ? 10  CYS A C   1 
ATOM   51  O O   . CYS A 1 10 ? -6.170  10.344  -3.703  1.00 28.43  ? 10  CYS A O   1 
ATOM   52  C CB  . CYS A 1 10 ? -8.249  12.172  -2.558  1.00 28.32  ? 10  CYS A CB  1 
ATOM   53  S SG  . CYS A 1 10 ? -9.389  13.218  -1.576  1.00 29.87  ? 10  CYS A SG  1 
ATOM   54  N N   . TYR A 1 11 ? -7.994  9.052   -3.428  1.00 29.67  ? 11  TYR A N   1 
ATOM   55  C CA  . TYR A 1 11 ? -7.639  8.221   -4.580  1.00 30.00  ? 11  TYR A CA  1 
ATOM   56  C C   . TYR A 1 11 ? -7.200  9.078   -5.732  1.00 30.84  ? 11  TYR A C   1 
ATOM   57  O O   . TYR A 1 11 ? -6.230  8.829   -6.404  1.00 30.32  ? 11  TYR A O   1 
ATOM   58  C CB  . TYR A 1 11 ? -8.833  7.435   -5.020  1.00 29.64  ? 11  TYR A CB  1 
ATOM   59  C CG  . TYR A 1 11 ? -8.615  6.624   -6.283  1.00 31.35  ? 11  TYR A CG  1 
ATOM   60  C CD1 . TYR A 1 11 ? -9.162  7.017   -7.495  1.00 31.53  ? 11  TYR A CD1 1 
ATOM   61  C CD2 . TYR A 1 11 ? -7.861  5.448   -6.257  1.00 32.29  ? 11  TYR A CD2 1 
ATOM   62  C CE1 . TYR A 1 11 ? -8.992  6.254   -8.641  1.00 33.51  ? 11  TYR A CE1 1 
ATOM   63  C CE2 . TYR A 1 11 ? -7.697  4.682   -7.404  1.00 32.39  ? 11  TYR A CE2 1 
ATOM   64  C CZ  . TYR A 1 11 ? -8.245  5.091   -8.587  1.00 33.41  ? 11  TYR A CZ  1 
ATOM   65  O OH  . TYR A 1 11 ? -8.074  4.329   -9.738  1.00 33.89  ? 11  TYR A OH  1 
ATOM   66  N N   . SER A 1 12 ? -7.941  10.143  -5.988  1.00 32.39  ? 12  SER A N   1 
ATOM   67  C CA  . SER A 1 12 ? -7.650  10.957  -7.140  1.00 32.81  ? 12  SER A CA  1 
ATOM   68  C C   . SER A 1 12 ? -6.284  11.633  -7.102  1.00 32.89  ? 12  SER A C   1 
ATOM   69  O O   . SER A 1 12 ? -5.738  12.013  -8.148  1.00 3.30   ? 12  SER A O   1 
ATOM   70  C CB  . SER A 1 12 ? -8.770  12.010  -7.265  1.00 33.58  ? 12  SER A CB  1 
ATOM   71  O OG  A SER A 1 12 ? -8.278  13.311  -7.010  0.50 36.43  ? 12  SER A OG  1 
ATOM   72  O OG  B SER A 1 12 ? -8.180  13.291  -7.433  0.50 35.95  ? 12  SER A OG  1 
ATOM   73  N N   . ALA A 1 13 ? -5.713  11.737  -5.904  1.00 32.64  ? 13  ALA A N   1 
ATOM   74  C CA  . ALA A 1 13 ? -4.475  12.414  -5.648  1.00 32.40  ? 13  ALA A CA  1 
ATOM   75  C C   . ALA A 1 13 ? -3.279  11.424  -5.639  1.00 32.53  ? 13  ALA A C   1 
ATOM   76  O O   . ALA A 1 13 ? -2.141  11.807  -5.413  1.00 33.13  ? 13  ALA A O   1 
ATOM   77  C CB  . ALA A 1 13 ? -4.569  13.135  -4.315  1.00 32.49  ? 13  ALA A CB  1 
ATOM   78  N N   . LEU A 1 14 ? -3.542  10.158  -5.868  1.00 31.46  ? 14  LEU A N   1 
ATOM   79  C CA  . LEU A 1 14 ? -2.425  9.196   -5.892  1.00 31.35  ? 14  LEU A CA  1 
ATOM   80  C C   . LEU A 1 14 ? -1.773  9.216   -7.277  1.00 32.18  ? 14  LEU A C   1 
ATOM   81  O O   . LEU A 1 14 ? -2.431  9.501   -8.292  1.00 33.77  ? 14  LEU A O   1 
ATOM   82  C CB  . LEU A 1 14 ? -2.919  7.792   -5.608  1.00 29.07  ? 14  LEU A CB  1 
ATOM   83  C CG  . LEU A 1 14 ? -3.385  7.452   -4.233  1.00 28.20  ? 14  LEU A CG  1 
ATOM   84  C CD1 . LEU A 1 14 ? -4.233  6.203   -4.273  1.00 27.97  ? 14  LEU A CD1 1 
ATOM   85  C CD2 . LEU A 1 14 ? -2.175  7.364   -3.273  1.00 27.86  ? 14  LEU A CD2 1 
ATOM   86  N N   . PRO A 1 15 ? -0.502  8.850   -7.364  1.00 32.60  ? 15  PRO A N   1 
ATOM   87  C CA  . PRO A 1 15 ? 0.154   8.728   -8.686  1.00 32.03  ? 15  PRO A CA  1 
ATOM   88  C C   . PRO A 1 15 ? -0.456  7.563   -9.525  1.00 30.99  ? 15  PRO A C   1 
ATOM   89  O O   . PRO A 1 15 ? -1.031  6.628   -8.955  1.00 28.61  ? 15  PRO A O   1 
ATOM   90  C CB  . PRO A 1 15 ? 1.629   8.439   -8.333  1.00 33.00  ? 15  PRO A CB  1 
ATOM   91  C CG  . PRO A 1 15 ? 1.747   8.610   -6.850  1.00 33.67  ? 15  PRO A CG  1 
ATOM   92  C CD  . PRO A 1 15 ? 0.378   8.476   -6.251  1.00 32.70  ? 15  PRO A CD  1 
ATOM   93  N N   . SER A 1 16 ? -0.372  7.654   -10.859 1.00 30.38  ? 16  SER A N   1 
ATOM   94  C CA  . SER A 1 16 ? -1.045  6.718   -11.768 1.00 30.93  ? 16  SER A CA  1 
ATOM   95  C C   . SER A 1 16 ? -0.569  5.267   -11.558 1.00 29.84  ? 16  SER A C   1 
ATOM   96  O O   . SER A 1 16 ? -1.353  4.352   -11.668 1.00 29.15  ? 16  SER A O   1 
ATOM   97  C CB  . SER A 1 16 ? -0.854  7.130   -13.225 1.00 31.92  ? 16  SER A CB  1 
ATOM   98  O OG  . SER A 1 16 ? 0.455   6.859   -13.694 1.00 33.55  ? 16  SER A OG  1 
ATOM   99  N N   . GLN A 1 17 ? 0.707   5.099   -11.238 1.00 29.11  ? 17  GLN A N   1 
ATOM   100 C CA  . GLN A 1 17 ? 1.254   3.782   -10.834 1.00 27.77  ? 17  GLN A CA  1 
ATOM   101 C C   . GLN A 1 17 ? 0.539   3.194   -9.607  1.00 26.11  ? 17  GLN A C   1 
ATOM   102 O O   . GLN A 1 17 ? 0.362   1.974   -9.518  1.00 24.54  ? 17  GLN A O   1 
ATOM   103 C CB  . GLN A 1 17 ? 2.767   3.882   -10.580 1.00 28.19  ? 17  GLN A CB  1 
ATOM   104 C CG  . GLN A 1 17 ? 3.586   4.280   -11.796 1.00 29.83  ? 17  GLN A CG  1 
ATOM   105 C CD  . GLN A 1 17 ? 3.555   5.795   -12.068 1.00 32.04  ? 17  GLN A CD  1 
ATOM   106 O OE1 . GLN A 1 17 ? 3.316   6.592   -11.160 1.00 32.65  ? 17  GLN A OE1 1 
ATOM   107 N NE2 . GLN A 1 17 ? 3.773   6.174   -13.311 1.00 32.50  ? 17  GLN A NE2 1 
ATOM   108 N N   . ALA A 1 18 ? 0.119   4.027   -8.642  1.00 23.30  ? 18  ALA A N   1 
ATOM   109 C CA  . ALA A 1 18 ? -0.633  3.490   -7.541  1.00 22.69  ? 18  ALA A CA  1 
ATOM   110 C C   . ALA A 1 18 ? -2.006  3.028   -8.021  1.00 22.53  ? 18  ALA A C   1 
ATOM   111 O O   . ALA A 1 18 ? -2.560  2.115   -7.483  1.00 21.94  ? 18  ALA A O   1 
ATOM   112 C CB  . ALA A 1 18 ? -0.772  4.548   -6.383  1.00 22.56  ? 18  ALA A CB  1 
ATOM   113 N N   . HIS A 1 19 ? -2.600  3.737   -8.993  1.00 24.44  ? 19  HIS A N   1 
ATOM   114 C CA  . HIS A 1 19 ? -3.839  3.311   -9.559  1.00 24.70  ? 19  HIS A CA  1 
ATOM   115 C C   . HIS A 1 19 ? -3.631  1.924   -10.206 1.00 23.83  ? 19  HIS A C   1 
ATOM   116 O O   . HIS A 1 19 ? -4.429  1.027   -9.980  1.00 22.95  ? 19  HIS A O   1 
ATOM   117 C CB  . HIS A 1 19 ? -4.321  4.316   -10.631 1.00 26.40  ? 19  HIS A CB  1 
ATOM   118 C CG  . HIS A 1 19 ? -4.725  5.659   -10.089 1.00 29.47  ? 19  HIS A CG  1 
ATOM   119 N ND1 . HIS A 1 19 ? -5.073  5.863   -8.771  1.00 33.17  ? 19  HIS A ND1 1 
ATOM   120 C CD2 . HIS A 1 19 ? -4.858  6.865   -10.705 1.00 31.38  ? 19  HIS A CD2 1 
ATOM   121 C CE1 . HIS A 1 19 ? -5.397  7.138   -8.593  1.00 31.81  ? 19  HIS A CE1 1 
ATOM   122 N NE2 . HIS A 1 19 ? -5.273  7.766   -9.748  1.00 33.61  ? 19  HIS A NE2 1 
ATOM   123 N N   . ASP A 1 20 ? -2.555  1.786   -10.966 1.00 23.63  ? 20  ASP A N   1 
ATOM   124 C CA  . ASP A 1 20 ? -2.198  0.490   -11.553 1.00 24.57  ? 20  ASP A CA  1 
ATOM   125 C C   . ASP A 1 20 ? -2.113  -0.614  -10.495 1.00 22.89  ? 20  ASP A C   1 
ATOM   126 O O   . ASP A 1 20 ? -2.690  -1.667  -10.646 1.00 22.10  ? 20  ASP A O   1 
ATOM   127 C CB  . ASP A 1 20 ? -0.885  0.555   -12.308 1.00 25.01  ? 20  ASP A CB  1 
ATOM   128 C CG  . ASP A 1 20 ? -0.896  1.499   -13.468 1.00 29.15  ? 20  ASP A CG  1 
ATOM   129 O OD1 . ASP A 1 20 ? -1.984  1.912   -13.970 1.00 33.80  ? 20  ASP A OD1 1 
ATOM   130 O OD2 . ASP A 1 20 ? 0.186   1.872   -13.946 1.00 30.24  ? 20  ASP A OD2 1 
ATOM   131 N N   . THR A 1 21 ? -1.364  -0.372  -9.411  1.00 21.66  ? 21  THR A N   1 
ATOM   132 C CA  . THR A 1 21 ? -1.317  -1.342  -8.323  1.00 19.85  ? 21  THR A CA  1 
ATOM   133 C C   . THR A 1 21 ? -2.641  -1.726  -7.773  1.00 19.46  ? 21  THR A C   1 
ATOM   134 O O   . THR A 1 21 ? -2.879  -2.872  -7.491  1.00 18.59  ? 21  THR A O   1 
ATOM   135 C CB  . THR A 1 21 ? -0.365  -0.849  -7.224  1.00 20.15  ? 21  THR A CB  1 
ATOM   136 O OG1 . THR A 1 21 ? 0.899   -0.597  -7.840  1.00 20.67  ? 21  THR A OG1 1 
ATOM   137 C CG2 . THR A 1 21 ? -0.114  -1.909  -6.176  1.00 18.59  ? 21  THR A CG2 1 
ATOM   138 N N   . LEU A 1 22 ? -3.509  -0.743  -7.510  1.00 19.35  ? 22  LEU A N   1 
ATOM   139 C CA  . LEU A 1 22 ? -4.804  -1.053  -6.953  1.00 20.24  ? 22  LEU A CA  1 
ATOM   140 C C   . LEU A 1 22 ? -5.641  -1.921  -7.893  1.00 20.53  ? 22  LEU A C   1 
ATOM   141 O O   . LEU A 1 22 ? -6.281  -2.851  -7.434  1.00 21.77  ? 22  LEU A O   1 
ATOM   142 C CB  . LEU A 1 22 ? -5.526  0.255   -6.581  1.00 21.53  ? 22  LEU A CB  1 
ATOM   143 C CG  . LEU A 1 22 ? -5.000  0.901   -5.288  1.00 22.04  ? 22  LEU A CG  1 
ATOM   144 C CD1 . LEU A 1 22 ? -5.600  2.293   -5.198  1.00 26.00  ? 22  LEU A CD1 1 
ATOM   145 C CD2 . LEU A 1 22 ? -5.326  0.125   -4.054  1.00 21.47  ? 22  LEU A CD2 1 
ATOM   146 N N   . ASP A 1 23 ? -5.557  -1.638  -9.168  1.00 21.01  ? 23  ASP A N   1 
ATOM   147 C CA  . ASP A 1 23 ? -6.225  -2.421  -10.222 1.00 22.03  ? 23  ASP A CA  1 
ATOM   148 C C   . ASP A 1 23 ? -5.688  -3.881  -10.198 1.00 21.93  ? 23  ASP A C   1 
ATOM   149 O O   . ASP A 1 23 ? -6.448  -4.863  -10.207 1.00 21.70  ? 23  ASP A O   1 
ATOM   150 C CB  . ASP A 1 23 ? -5.970  -1.768  -11.582 1.00 23.20  ? 23  ASP A CB  1 
ATOM   151 C CG  . ASP A 1 23 ? -6.895  -0.545  -11.861 1.00 27.23  ? 23  ASP A CG  1 
ATOM   152 O OD1 . ASP A 1 23 ? -7.859  -0.353  -11.109 1.00 30.12  ? 23  ASP A OD1 1 
ATOM   153 O OD2 . ASP A 1 23 ? -6.702  0.267   -12.788 1.00 30.09  ? 23  ASP A OD2 1 
ATOM   154 N N   . LEU A 1 24 ? -4.368  -4.010  -10.086 1.00 19.80  ? 24  LEU A N   1 
ATOM   155 C CA  . LEU A 1 24 ? -3.798  -5.329  -10.058 1.00 18.63  ? 24  LEU A CA  1 
ATOM   156 C C   . LEU A 1 24 ? -4.227  -6.095  -8.824  1.00 18.05  ? 24  LEU A C   1 
ATOM   157 O O   . LEU A 1 24 ? -4.410  -7.252  -8.876  1.00 18.56  ? 24  LEU A O   1 
ATOM   158 C CB  . LEU A 1 24 ? -2.270  -5.281  -10.219 1.00 16.59  ? 24  LEU A CB  1 
ATOM   159 C CG  . LEU A 1 24 ? -1.732  -4.726  -11.533 1.00 19.73  ? 24  LEU A CG  1 
ATOM   160 C CD1 . LEU A 1 24 ? -0.265  -4.376  -11.492 1.00 21.22  ? 24  LEU A CD1 1 
ATOM   161 C CD2 . LEU A 1 24 ? -2.018  -5.740  -12.640 1.00 21.10  ? 24  LEU A CD2 1 
ATOM   162 N N   . ILE A 1 25 ? -4.309  -5.462  -7.655  1.00 17.64  ? 25  ILE A N   1 
ATOM   163 C CA  . ILE A 1 25 ? -4.750  -6.136  -6.481  1.00 18.81  ? 25  ILE A CA  1 
ATOM   164 C C   . ILE A 1 25 ? -6.210  -6.626  -6.695  1.00 20.16  ? 25  ILE A C   1 
ATOM   165 O O   . ILE A 1 25 ? -6.537  -7.677  -6.270  1.00 20.18  ? 25  ILE A O   1 
ATOM   166 C CB  . ILE A 1 25 ? -4.689  -5.148  -5.281  1.00 19.03  ? 25  ILE A CB  1 
ATOM   167 C CG1 . ILE A 1 25 ? -3.209  -4.783  -4.966  1.00 18.43  ? 25  ILE A CG1 1 
ATOM   168 C CG2 . ILE A 1 25 ? -5.331  -5.753  -4.115  1.00 20.76  ? 25  ILE A CG2 1 
ATOM   169 C CD1 . ILE A 1 25 ? -3.040  -3.520  -4.069  1.00 17.67  ? 25  ILE A CD1 1 
ATOM   170 N N   . ASP A 1 26 ? -7.034  -5.807  -7.328  1.00 23.03  ? 26  ASP A N   1 
ATOM   171 C CA  . ASP A 1 26 ? -8.446  -6.166  -7.557  1.00 24.49  ? 26  ASP A CA  1 
ATOM   172 C C   . ASP A 1 26 ? -8.517  -7.411  -8.440  1.00 24.34  ? 26  ASP A C   1 
ATOM   173 O O   . ASP A 1 26 ? -9.356  -8.276  -8.258  1.00 23.89  ? 26  ASP A O   1 
ATOM   174 C CB  . ASP A 1 26 ? -9.193  -5.037  -8.244  1.00 26.94  ? 26  ASP A CB  1 
ATOM   175 C CG  . ASP A 1 26 ? -10.646 -5.393  -8.498  1.00 33.16  ? 26  ASP A CG  1 
ATOM   176 O OD1 . ASP A 1 26 ? -11.379 -5.726  -7.511  1.00 38.62  ? 26  ASP A OD1 1 
ATOM   177 O OD2 . ASP A 1 26 ? -11.118 -5.427  -9.655  1.00 39.98  ? 26  ASP A OD2 1 
ATOM   178 N N   . GLU A 1 27 ? -7.588  -7.485  -9.365  1.00 24.42  ? 27  GLU A N   1 
ATOM   179 C CA  . GLU A 1 27 ? -7.547  -8.612  -10.348 1.00 24.44  ? 27  GLU A CA  1 
ATOM   180 C C   . GLU A 1 27 ? -6.828  -9.861  -9.856  1.00 23.95  ? 27  GLU A C   1 
ATOM   181 O O   . GLU A 1 27 ? -7.029  -10.955 -10.383 1.00 23.02  ? 27  GLU A O   1 
ATOM   182 C CB  . GLU A 1 27 ? -6.898  -8.113  -11.620 1.00 26.29  ? 27  GLU A CB  1 
ATOM   183 C CG  . GLU A 1 27 ? -7.706  -7.044  -12.365 1.00 31.00  ? 27  GLU A CG  1 
ATOM   184 C CD  . GLU A 1 27 ? -7.101  -6.666  -13.716 1.00 38.38  ? 27  GLU A CD  1 
ATOM   185 O OE1 . GLU A 1 27 ? -6.046  -5.969  -13.765 1.00 43.48  ? 27  GLU A OE1 1 
ATOM   186 O OE2 . GLU A 1 27 ? -7.692  -7.044  -14.749 1.00 43.04  ? 27  GLU A OE2 1 
ATOM   187 N N   . GLY A 1 28 ? -5.970  -9.717  -8.844  1.00 22.73  ? 28  GLY A N   1 
ATOM   188 C CA  . GLY A 1 28 ? -5.252  -10.822 -8.311  1.00 21.87  ? 28  GLY A CA  1 
ATOM   189 C C   . GLY A 1 28 ? -3.897  -11.023 -9.026  1.00 20.58  ? 28  GLY A C   1 
ATOM   190 O O   . GLY A 1 28 ? -3.320  -12.086 -8.855  1.00 21.80  ? 28  GLY A O   1 
ATOM   191 N N   . GLY A 1 29 ? -3.414  -10.025 -9.745  1.00 18.62  ? 29  GLY A N   1 
ATOM   192 C CA  . GLY A 1 29 ? -2.141  -10.099 -10.447 1.00 19.19  ? 29  GLY A CA  1 
ATOM   193 C C   . GLY A 1 29 ? -2.339  -9.750  -11.906 1.00 19.36  ? 29  GLY A C   1 
ATOM   194 O O   . GLY A 1 29 ? -3.459  -9.454  -12.297 1.00 19.03  ? 29  GLY A O   1 
ATOM   195 N N   . PRO A 1 30 ? -1.299  -9.796  -12.736 1.00 19.50  ? 30  PRO A N   1 
ATOM   196 C CA  . PRO A 1 30 ? 0.067   -10.206 -12.348 1.00 19.15  ? 30  PRO A CA  1 
ATOM   197 C C   . PRO A 1 30 ? 0.858   -9.117  -11.698 1.00 18.84  ? 30  PRO A C   1 
ATOM   198 O O   . PRO A 1 30 ? 0.655   -7.967  -12.072 1.00 20.08  ? 30  PRO A O   1 
ATOM   199 C CB  . PRO A 1 30 ? 0.720   -10.499 -13.692 1.00 19.08  ? 30  PRO A CB  1 
ATOM   200 C CG  . PRO A 1 30 ? -0.027  -9.617  -14.675 1.00 20.52  ? 30  PRO A CG  1 
ATOM   201 C CD  . PRO A 1 30 ? -1.385  -9.475  -14.173 1.00 19.93  ? 30  PRO A CD  1 
ATOM   202 N N   . PHE A 1 31 ? 1.763   -9.487  -10.782 1.00 16.91  ? 31  PHE A N   1 
ATOM   203 C CA  . PHE A 1 31 ? 2.565   -8.511  -10.064 1.00 16.77  ? 31  PHE A CA  1 
ATOM   204 C C   . PHE A 1 31 ? 3.991   -8.610  -10.519 1.00 17.86  ? 31  PHE A C   1 
ATOM   205 O O   . PHE A 1 31 ? 4.468   -9.696  -10.823 1.00 19.07  ? 31  PHE A O   1 
ATOM   206 C CB  . PHE A 1 31 ? 2.473   -8.764  -8.566  1.00 15.40  ? 31  PHE A CB  1 
ATOM   207 C CG  . PHE A 1 31 ? 1.069   -8.650  -8.039  1.00 17.11  ? 31  PHE A CG  1 
ATOM   208 C CD1 . PHE A 1 31 ? 0.378   -9.762  -7.640  1.00 19.33  ? 31  PHE A CD1 1 
ATOM   209 C CD2 . PHE A 1 31 ? 0.506   -7.423  -7.906  1.00 18.52  ? 31  PHE A CD2 1 
ATOM   210 C CE1 . PHE A 1 31 ? -0.920  -9.665  -7.129  1.00 20.98  ? 31  PHE A CE1 1 
ATOM   211 C CE2 . PHE A 1 31 ? -0.811  -7.330  -7.425  1.00 19.55  ? 31  PHE A CE2 1 
ATOM   212 C CZ  . PHE A 1 31 ? -1.490  -8.438  -7.053  1.00 19.93  ? 31  PHE A CZ  1 
ATOM   213 N N   . PRO A 1 32 ? 4.642   -7.465  -10.567 1.00 18.37  ? 32  PRO A N   1 
ATOM   214 C CA  . PRO A 1 32 ? 6.015   -7.403  -11.087 1.00 19.45  ? 32  PRO A CA  1 
ATOM   215 C C   . PRO A 1 32 ? 7.120   -7.935  -10.174 1.00 18.10  ? 32  PRO A C   1 
ATOM   216 O O   . PRO A 1 32 ? 8.166   -8.399  -10.716 1.00 19.04  ? 32  PRO A O   1 
ATOM   217 C CB  . PRO A 1 32 ? 6.158   -5.941  -11.440 1.00 20.72  ? 32  PRO A CB  1 
ATOM   218 C CG  . PRO A 1 32 ? 5.323   -5.226  -10.438 1.00 20.05  ? 32  PRO A CG  1 
ATOM   219 C CD  . PRO A 1 32 ? 4.056   -6.127  -10.360 1.00 19.65  ? 32  PRO A CD  1 
ATOM   220 N N   . TYR A 1 33 ? 6.898   -7.981  -8.864  1.00 14.98  ? 33  TYR A N   1 
ATOM   221 C CA  . TYR A 1 33 ? 7.932   -8.362  -7.919  1.00 14.60  ? 33  TYR A CA  1 
ATOM   222 C C   . TYR A 1 33 ? 7.524   -9.518  -7.081  1.00 13.96  ? 33  TYR A C   1 
ATOM   223 O O   . TYR A 1 33 ? 6.342   -9.689  -6.749  1.00 14.76  ? 33  TYR A O   1 
ATOM   224 C CB  . TYR A 1 33 ? 8.299   -7.164  -7.020  1.00 14.29  ? 33  TYR A CB  1 
ATOM   225 C CG  . TYR A 1 33 ? 8.987   -6.087  -7.800  1.00 16.09  ? 33  TYR A CG  1 
ATOM   226 C CD1 . TYR A 1 33 ? 10.317  -6.229  -8.162  1.00 18.75  ? 33  TYR A CD1 1 
ATOM   227 C CD2 . TYR A 1 33 ? 8.315   -4.973  -8.252  1.00 16.11  ? 33  TYR A CD2 1 
ATOM   228 C CE1 . TYR A 1 33 ? 10.928  -5.267  -8.918  1.00 20.55  ? 33  TYR A CE1 1 
ATOM   229 C CE2 . TYR A 1 33 ? 8.937   -4.006  -8.999  1.00 19.71  ? 33  TYR A CE2 1 
ATOM   230 C CZ  . TYR A 1 33 ? 10.248  -4.166  -9.323  1.00 21.12  ? 33  TYR A CZ  1 
ATOM   231 O OH  . TYR A 1 33 ? 10.879  -3.237  -10.090 1.00 28.74  ? 33  TYR A OH  1 
ATOM   232 N N   . SER A 1 34 ? 8.500   -10.290 -6.636  1.00 14.08  ? 34  SER A N   1 
ATOM   233 C CA  . SER A 1 34 ? 8.225   -11.468 -5.885  1.00 15.11  ? 34  SER A CA  1 
ATOM   234 C C   . SER A 1 34 ? 7.579   -11.139 -4.541  1.00 14.50  ? 34  SER A C   1 
ATOM   235 O O   . SER A 1 34 ? 6.850   -11.941 -4.036  1.00 15.25  ? 34  SER A O   1 
ATOM   236 C CB  . SER A 1 34 ? 9.519   -12.264 -5.660  1.00 15.78  ? 34  SER A CB  1 
ATOM   237 O OG  . SER A 1 34 ? 10.487  -11.521 -4.912  1.00 20.06  ? 34  SER A OG  1 
ATOM   238 N N   . GLN A 1 35 ? 7.902   -9.981  -3.967  1.00 14.27  ? 35  GLN A N   1 
ATOM   239 C CA  . GLN A 1 35 ? 7.364   -9.642  -2.666  1.00 14.58  ? 35  GLN A CA  1 
ATOM   240 C C   . GLN A 1 35 ? 5.936   -9.135  -2.740  1.00 14.95  ? 35  GLN A C   1 
ATOM   241 O O   . GLN A 1 35 ? 5.291   -8.926  -1.709  1.00 16.31  ? 35  GLN A O   1 
ATOM   242 C CB  . GLN A 1 35 ? 8.165   -8.509  -2.026  1.00 16.04  ? 35  GLN A CB  1 
ATOM   243 C CG  . GLN A 1 35 ? 9.594   -8.845  -1.663  1.00 16.75  ? 35  GLN A CG  1 
ATOM   244 C CD  . GLN A 1 35 ? 10.541  -8.771  -2.805  1.00 19.08  ? 35  GLN A CD  1 
ATOM   245 O OE1 . GLN A 1 35 ? 10.215  -8.268  -3.907  1.00 19.77  ? 35  GLN A OE1 1 
ATOM   246 N NE2 . GLN A 1 35 ? 11.769  -9.260  -2.553  1.00 21.42  ? 35  GLN A NE2 1 
ATOM   247 N N   . ASP A 1 36 ? 5.424   -8.938  -3.924  1.00 13.45  ? 36  ASP A N   1 
ATOM   248 C CA  . ASP A 1 36 ? 4.027   -8.400  -4.036  1.00 13.06  ? 36  ASP A CA  1 
ATOM   249 C C   . ASP A 1 36 ? 3.065   -9.450  -3.590  1.00 15.16  ? 36  ASP A C   1 
ATOM   250 O O   . ASP A 1 36 ? 3.023   -10.564 -4.122  1.00 16.44  ? 36  ASP A O   1 
ATOM   251 C CB  . ASP A 1 36 ? 3.749   -7.976  -5.471  1.00 14.34  ? 36  ASP A CB  1 
ATOM   252 C CG  . ASP A 1 36 ? 4.552   -6.788  -5.861  1.00 14.87  ? 36  ASP A CG  1 
ATOM   253 O OD1 . ASP A 1 36 ? 4.730   -6.545  -7.072  1.00 17.03  ? 36  ASP A OD1 1 
ATOM   254 O OD2 . ASP A 1 36 ? 5.055   -6.057  -4.987  1.00 15.51  ? 36  ASP A OD2 1 
ATOM   255 N N   . GLY A 1 37 ? 2.270   -9.103  -2.569  1.00 13.47  ? 37  GLY A N   1 
ATOM   256 C CA  . GLY A 1 37 ? 1.352   -10.005 -1.931  1.00 15.25  ? 37  GLY A CA  1 
ATOM   257 C C   . GLY A 1 37 ? 1.785   -10.648 -0.631  1.00 16.22  ? 37  GLY A C   1 
ATOM   258 O O   . GLY A 1 37 ? 0.992   -11.362 0.002   1.00 18.79  ? 37  GLY A O   1 
ATOM   259 N N   . VAL A 1 38 ? 3.019   -10.426 -0.201  1.00 15.78  ? 38  VAL A N   1 
ATOM   260 C CA  . VAL A 1 38 ? 3.461   -10.996 1.058   1.00 16.72  ? 38  VAL A CA  1 
ATOM   261 C C   . VAL A 1 38 ? 2.849   -10.231 2.215   1.00 17.70  ? 38  VAL A C   1 
ATOM   262 O O   . VAL A 1 38 ? 2.336   -9.103  2.070   1.00 18.43  ? 38  VAL A O   1 
ATOM   263 C CB  . VAL A 1 38 ? 4.985   -11.070 1.242   1.00 17.84  ? 38  VAL A CB  1 
ATOM   264 C CG1 . VAL A 1 38 ? 5.595   -11.878 0.109   1.00 20.57  ? 38  VAL A CG1 1 
ATOM   265 C CG2 . VAL A 1 38 ? 5.620   -9.673  1.361   1.00 17.84  ? 38  VAL A CG2 1 
ATOM   266 N N   . VAL A 1 39 ? 2.847   -10.908 3.353   1.00 17.71  ? 39  VAL A N   1 
ATOM   267 C CA  . VAL A 1 39 ? 2.325   -10.321 4.570   1.00 18.90  ? 39  VAL A CA  1 
ATOM   268 C C   . VAL A 1 39 ? 3.190   -9.141  5.023   1.00 17.39  ? 39  VAL A C   1 
ATOM   269 O O   . VAL A 1 39 ? 4.407   -9.197  4.981   1.00 18.15  ? 39  VAL A O   1 
ATOM   270 C CB  . VAL A 1 39 ? 2.236   -11.357 5.655   1.00 20.41  ? 39  VAL A CB  1 
ATOM   271 C CG1 . VAL A 1 39 ? 1.841   -10.697 7.048   1.00 22.57  ? 39  VAL A CG1 1 
ATOM   272 C CG2 . VAL A 1 39 ? 1.145   -12.388 5.250   1.00 23.62  ? 39  VAL A CG2 1 
ATOM   273 N N   . PHE A 1 40 ? 2.524   -8.067  5.428   1.00 16.76  ? 40  PHE A N   1 
ATOM   274 C CA  . PHE A 1 40 ? 3.208   -6.902  6.006   1.00 16.03  ? 40  PHE A CA  1 
ATOM   275 C C   . PHE A 1 40 ? 2.993   -7.053  7.511   1.00 18.20  ? 40  PHE A C   1 
ATOM   276 O O   . PHE A 1 40 ? 1.838   -7.165  8.004   1.00 18.18  ? 40  PHE A O   1 
ATOM   277 C CB  . PHE A 1 40 ? 2.615   -5.581  5.501   1.00 15.08  ? 40  PHE A CB  1 
ATOM   278 C CG  . PHE A 1 40 ? 3.177   -4.371  6.195   1.00 15.81  ? 40  PHE A CG  1 
ATOM   279 C CD1 . PHE A 1 40 ? 2.389   -3.613  6.993   1.00 16.81  ? 40  PHE A CD1 1 
ATOM   280 C CD2 . PHE A 1 40 ? 4.505   -3.990  6.027   1.00 17.56  ? 40  PHE A CD2 1 
ATOM   281 C CE1 . PHE A 1 40 ? 2.902   -2.503  7.625   1.00 18.10  ? 40  PHE A CE1 1 
ATOM   282 C CE2 . PHE A 1 40 ? 4.999   -2.927  6.663   1.00 19.24  ? 40  PHE A CE2 1 
ATOM   283 C CZ  . PHE A 1 40 ? 4.219   -2.183  7.475   1.00 19.31  ? 40  PHE A CZ  1 
ATOM   284 N N   . GLN A 1 41 ? 4.094   -7.051  8.229   1.00 18.27  ? 41  GLN A N   1 
ATOM   285 C CA  . GLN A 1 41 ? 4.057   -7.345  9.647   1.00 20.01  ? 41  GLN A CA  1 
ATOM   286 C C   . GLN A 1 41 ? 3.694   -6.195  10.559  1.00 19.37  ? 41  GLN A C   1 
ATOM   287 O O   . GLN A 1 41 ? 3.380   -6.444  11.729  1.00 20.75  ? 41  GLN A O   1 
ATOM   288 C CB  . GLN A 1 41 ? 5.371   -7.906  10.090  1.00 22.53  ? 41  GLN A CB  1 
ATOM   289 C CG  . GLN A 1 41 ? 5.539   -9.332  9.680   1.00 28.34  ? 41  GLN A CG  1 
ATOM   290 C CD  . GLN A 1 41 ? 6.698   -9.971  10.356  1.00 34.75  ? 41  GLN A CD  1 
ATOM   291 O OE1 . GLN A 1 41 ? 7.848   -9.528  10.194  1.00 39.93  ? 41  GLN A OE1 1 
ATOM   292 N NE2 . GLN A 1 41 ? 6.423   -11.027 11.109  1.00 37.21  ? 41  GLN A NE2 1 
ATOM   293 N N   . ASN A 1 42 ? 3.722   -4.976  10.069  1.00 16.90  ? 42  ASN A N   1 
ATOM   294 C CA  . ASN A 1 42 ? 3.357   -3.822  10.897  1.00 18.06  ? 42  ASN A CA  1 
ATOM   295 C C   . ASN A 1 42 ? 4.166   -3.751  12.196  1.00 18.63  ? 42  ASN A C   1 
ATOM   296 O O   . ASN A 1 42 ? 3.654   -3.356  13.268  1.00 18.19  ? 42  ASN A O   1 
ATOM   297 C CB  . ASN A 1 42 ? 1.840   -3.837  11.173  1.00 17.89  ? 42  ASN A CB  1 
ATOM   298 C CG  . ASN A 1 42 ? 1.330   -2.508  11.719  1.00 20.17  ? 42  ASN A CG  1 
ATOM   299 O OD1 . ASN A 1 42 ? 1.854   -1.424  11.370  1.00 18.48  ? 42  ASN A OD1 1 
ATOM   300 N ND2 . ASN A 1 42 ? 0.264   -2.576  12.598  1.00 21.73  ? 42  ASN A ND2 1 
ATOM   301 N N   . ARG A 1 43 ? 5.454   -4.068  12.112  1.00 19.33  ? 43  ARG A N   1 
ATOM   302 C CA  . ARG A 1 43 ? 6.305   -4.150  13.303  1.00 22.16  ? 43  ARG A CA  1 
ATOM   303 C C   . ARG A 1 43 ? 6.444   -2.855  14.069  1.00 22.00  ? 43  ARG A C   1 
ATOM   304 O O   . ARG A 1 43 ? 6.618   -2.880  15.301  1.00 24.49  ? 43  ARG A O   1 
ATOM   305 C CB  . ARG A 1 43 ? 7.710   -4.650  12.953  1.00 23.06  ? 43  ARG A CB  1 
ATOM   306 C CG  . ARG A 1 43 ? 7.801   -6.123  12.812  1.00 29.17  ? 43  ARG A CG  1 
ATOM   307 C CD  . ARG A 1 43 ? 9.217   -6.683  12.841  1.00 34.00  ? 43  ARG A CD  1 
ATOM   308 N NE  . ARG A 1 43 ? 9.683   -7.070  14.170  1.00 38.63  ? 43  ARG A NE  1 
ATOM   309 C CZ  . ARG A 1 43 ? 9.744   -8.321  14.616  1.00 41.63  ? 43  ARG A CZ  1 
ATOM   310 N NH1 . ARG A 1 43 ? 9.349   -9.332  13.847  1.00 43.27  ? 43  ARG A NH1 1 
ATOM   311 N NH2 . ARG A 1 43 ? 10.191  -8.565  15.843  1.00 42.84  ? 43  ARG A NH2 1 
ATOM   312 N N   . GLU A 1 44 ? 6.319   -1.729  13.398  1.00 21.19  ? 44  GLU A N   1 
ATOM   313 C CA  . GLU A 1 44 ? 6.504   -0.446  14.078  1.00 21.13  ? 44  GLU A CA  1 
ATOM   314 C C   . GLU A 1 44 ? 5.201   0.070   14.695  1.00 22.14  ? 44  GLU A C   1 
ATOM   315 O O   . GLU A 1 44 ? 5.214   1.118   15.295  1.00 23.50  ? 44  GLU A O   1 
ATOM   316 C CB  . GLU A 1 44 ? 7.027   0.614   13.142  1.00 21.81  ? 44  GLU A CB  1 
ATOM   317 C CG  . GLU A 1 44 ? 8.474   0.337   12.750  1.00 23.79  ? 44  GLU A CG  1 
ATOM   318 C CD  . GLU A 1 44 ? 9.054   1.376   11.834  1.00 28.17  ? 44  GLU A CD  1 
ATOM   319 O OE1 . GLU A 1 44 ? 9.084   2.556   12.209  1.00 35.04  ? 44  GLU A OE1 1 
ATOM   320 O OE2 . GLU A 1 44 ? 9.444   1.018   10.729  1.00 26.71  ? 44  GLU A OE2 1 
ATOM   321 N N   . GLY A 1 45 ? 4.119   -0.635  14.458  1.00 21.36  ? 45  GLY A N   1 
ATOM   322 C CA  . GLY A 1 45 ? 2.818   -0.267  15.036  1.00 22.21  ? 45  GLY A CA  1 
ATOM   323 C C   . GLY A 1 45 ? 2.159   0.971   14.473  1.00 22.06  ? 45  GLY A C   1 
ATOM   324 O O   . GLY A 1 45 ? 1.232   1.538   15.119  1.00 24.73  ? 45  GLY A O   1 
ATOM   325 N N   . LEU A 1 46 ? 2.561   1.413   13.285  1.00 20.60  ? 46  LEU A N   1 
ATOM   326 C CA  . LEU A 1 46 ? 1.996   2.596   12.687  1.00 21.45  ? 46  LEU A CA  1 
ATOM   327 C C   . LEU A 1 46 ? 0.553   2.416   12.170  1.00 22.62  ? 46  LEU A C   1 
ATOM   328 O O   . LEU A 1 46 ? -0.216  3.367   12.222  1.00 24.80  ? 46  LEU A O   1 
ATOM   329 C CB  . LEU A 1 46 ? 2.865   3.185   11.590  1.00 22.25  ? 46  LEU A CB  1 
ATOM   330 C CG  . LEU A 1 46 ? 4.275   3.630   12.010  1.00 24.93  ? 46  LEU A CG  1 
ATOM   331 C CD1 . LEU A 1 46 ? 4.876   4.337   10.842  1.00 27.17  ? 46  LEU A CD1 1 
ATOM   332 C CD2 . LEU A 1 46 ? 4.290   4.523   13.233  1.00 26.99  ? 46  LEU A CD2 1 
ATOM   333 N N   . LEU A 1 47 ? 0.214   1.218   11.714  1.00 21.54  ? 47  LEU A N   1 
ATOM   334 C CA  . LEU A 1 47 ? -1.150  0.912   11.330  1.00 21.62  ? 47  LEU A CA  1 
ATOM   335 C C   . LEU A 1 47 ? -1.832  0.271   12.523  1.00 22.55  ? 47  LEU A C   1 
ATOM   336 O O   . LEU A 1 47 ? -1.196  -0.239  13.422  1.00 21.70  ? 47  LEU A O   1 
ATOM   337 C CB  . LEU A 1 47 ? -1.151  -0.017  10.103  1.00 20.65  ? 47  LEU A CB  1 
ATOM   338 C CG  . LEU A 1 47 ? -0.474  0.614   8.885   1.00 20.14  ? 47  LEU A CG  1 
ATOM   339 C CD1 . LEU A 1 47 ? -0.406  -0.446  7.769   1.00 20.70  ? 47  LEU A CD1 1 
ATOM   340 C CD2 . LEU A 1 47 ? -1.132  1.819   8.366   1.00 21.23  ? 47  LEU A CD2 1 
ATOM   341 N N   . PRO A 1 48 ? -3.168  0.273   12.544  1.00 24.27  ? 48  PRO A N   1 
ATOM   342 C CA  . PRO A 1 48 ? -3.890  -0.365  13.642  1.00 25.03  ? 48  PRO A CA  1 
ATOM   343 C C   . PRO A 1 48 ? -3.492  -1.809  13.843  1.00 25.62  ? 48  PRO A C   1 
ATOM   344 O O   . PRO A 1 48 ? -3.311  -2.573  12.879  1.00 26.03  ? 48  PRO A O   1 
ATOM   345 C CB  . PRO A 1 48 ? -5.359  -0.275  13.195  1.00 24.84  ? 48  PRO A CB  1 
ATOM   346 C CG  . PRO A 1 48 ? -5.401  0.875   12.311  1.00 25.61  ? 48  PRO A CG  1 
ATOM   347 C CD  . PRO A 1 48 ? -4.041  0.904   11.557  1.00 24.46  ? 48  PRO A CD  1 
ATOM   348 N N   . ALA A 1 49 ? -3.322  -2.180  15.089  1.00 27.12  ? 49  ALA A N   1 
ATOM   349 C CA  . ALA A 1 49 ? -2.977  -3.506  15.483  1.00 29.40  ? 49  ALA A CA  1 
ATOM   350 C C   . ALA A 1 49 ? -3.994  -4.558  15.064  1.00 31.10  ? 49  ALA A C   1 
ATOM   351 O O   . ALA A 1 49 ? -5.193  -4.495  15.436  1.00 31.96  ? 49  ALA A O   1 
ATOM   352 C CB  . ALA A 1 49 ? -2.803  -3.553  16.983  1.00 31.64  ? 49  ALA A CB  1 
ATOM   353 N N   . HIS A 1 50 ? -3.535  -5.530  14.276  1.00 31.09  ? 50  HIS A N   1 
ATOM   354 C CA  . HIS A 1 50 ? -4.356  -6.708  13.967  1.00 31.38  ? 50  HIS A CA  1 
ATOM   355 C C   . HIS A 1 50 ? -3.498  -7.918  14.014  1.00 31.24  ? 50  HIS A C   1 
ATOM   356 O O   . HIS A 1 50 ? -2.251  -7.834  14.138  1.00 30.91  ? 50  HIS A O   1 
ATOM   357 C CB  . HIS A 1 50 ? -5.066  -6.640  12.623  1.00 32.14  ? 50  HIS A CB  1 
ATOM   358 C CG  . HIS A 1 50 ? -6.120  -5.597  12.536  1.00 33.21  ? 50  HIS A CG  1 
ATOM   359 N ND1 . HIS A 1 50 ? -5.901  -4.364  11.968  1.00 33.24  ? 50  HIS A ND1 1 
ATOM   360 C CD2 . HIS A 1 50 ? -7.423  -5.608  12.923  1.00 33.36  ? 50  HIS A CD2 1 
ATOM   361 C CE1 . HIS A 1 50 ? -7.019  -3.662  12.005  1.00 34.52  ? 50  HIS A CE1 1 
ATOM   362 N NE2 . HIS A 1 50 ? -7.955  -4.395  12.572  1.00 34.91  ? 50  HIS A NE2 1 
ATOM   363 N N   . SER A 1 51 ? -4.146  -9.069  13.895  1.00 30.59  ? 51  SER A N   1 
ATOM   364 C CA  . SER A 1 51 ? -3.471  -10.324 13.895  1.00 30.83  ? 51  SER A CA  1 
ATOM   365 C C   . SER A 1 51 ? -2.606  -10.379 12.649  1.00 29.72  ? 51  SER A C   1 
ATOM   366 O O   . SER A 1 51 ? -2.903  -9.742  11.657  1.00 27.99  ? 51  SER A O   1 
ATOM   367 C CB  . SER A 1 51 ? -4.493  -11.456 13.828  1.00 32.04  ? 51  SER A CB  1 
ATOM   368 O OG  . SER A 1 51 ? -5.686  -11.021 14.466  1.00 36.22  ? 51  SER A OG  1 
ATOM   369 N N   . THR A 1 52 ? -1.561  -11.172 12.723  1.00 29.76  ? 52  THR A N   1 
ATOM   370 C CA  . THR A 1 52 ? -0.659  -11.322 11.610  1.00 29.91  ? 52  THR A CA  1 
ATOM   371 C C   . THR A 1 52 ? -1.410  -11.909 10.430  1.00 29.07  ? 52  THR A C   1 
ATOM   372 O O   . THR A 1 52 ? -2.206  -12.869 10.572  1.00 30.63  ? 52  THR A O   1 
ATOM   373 C CB  . THR A 1 52 ? 0.498   -12.237 12.007  1.00 30.44  ? 52  THR A CB  1 
ATOM   374 O OG1 . THR A 1 52 ? 1.095   -11.741 13.219  1.00 32.93  ? 52  THR A OG1 1 
ATOM   375 C CG2 . THR A 1 52 ? 1.597   -12.254 10.951  1.00 31.26  ? 52  THR A CG2 1 
ATOM   376 N N   . GLY A 1 53 ? -1.173  -11.347 9.253   1.00 26.77  ? 53  GLY A N   1 
ATOM   377 C CA  . GLY A 1 53 ? -1.868  -11.796 8.073   1.00 25.94  ? 53  GLY A CA  1 
ATOM   378 C C   . GLY A 1 53 ? -2.944  -10.854 7.661   1.00 25.59  ? 53  GLY A C   1 
ATOM   379 O O   . GLY A 1 53 ? -3.517  -10.964 6.581   1.00 27.20  ? 53  GLY A O   1 
ATOM   380 N N   . TYR A 1 54 ? -3.271  -9.914  8.536   1.00 23.49  ? 54  TYR A N   1 
ATOM   381 C CA  . TYR A 1 54 ? -4.267  -8.947  8.200   1.00 22.68  ? 54  TYR A CA  1 
ATOM   382 C C   . TYR A 1 54 ? -3.819  -8.048  7.063   1.00 21.02  ? 54  TYR A C   1 
ATOM   383 O O   . TYR A 1 54 ? -4.622  -7.612  6.242   1.00 20.97  ? 54  TYR A O   1 
ATOM   384 C CB  . TYR A 1 54 ? -4.590  -8.066  9.438   1.00 22.99  ? 54  TYR A CB  1 
ATOM   385 C CG  . TYR A 1 54 ? -5.750  -7.117  9.273   1.00 22.85  ? 54  TYR A CG  1 
ATOM   386 C CD1 . TYR A 1 54 ? -7.060  -7.493  9.676   1.00 25.09  ? 54  TYR A CD1 1 
ATOM   387 C CD2 . TYR A 1 54 ? -5.587  -5.864  8.774   1.00 22.65  ? 54  TYR A CD2 1 
ATOM   388 C CE1 . TYR A 1 54 ? -8.108  -6.594  9.565   1.00 26.66  ? 54  TYR A CE1 1 
ATOM   389 C CE2 . TYR A 1 54 ? -6.595  -4.998  8.656   1.00 26.56  ? 54  TYR A CE2 1 
ATOM   390 C CZ  . TYR A 1 54 ? -7.892  -5.373  9.050   1.00 26.18  ? 54  TYR A CZ  1 
ATOM   391 O OH  . TYR A 1 54 ? -8.898  -4.450  8.918   1.00 27.30  ? 54  TYR A OH  1 
ATOM   392 N N   . TYR A 1 55 ? -2.521  -7.723  7.044   1.00 19.38  ? 55  TYR A N   1 
ATOM   393 C CA  . TYR A 1 55 ? -2.004  -6.769  6.096   1.00 18.05  ? 55  TYR A CA  1 
ATOM   394 C C   . TYR A 1 55 ? -1.102  -7.464  5.098   1.00 16.80  ? 55  TYR A C   1 
ATOM   395 O O   . TYR A 1 55 ? -0.350  -8.322  5.479   1.00 17.35  ? 55  TYR A O   1 
ATOM   396 C CB  . TYR A 1 55 ? -1.116  -5.743  6.836   1.00 16.97  ? 55  TYR A CB  1 
ATOM   397 C CG  . TYR A 1 55 ? -1.876  -4.815  7.767   1.00 17.46  ? 55  TYR A CG  1 
ATOM   398 C CD1 . TYR A 1 55 ? -1.690  -4.899  9.116   1.00 18.77  ? 55  TYR A CD1 1 
ATOM   399 C CD2 . TYR A 1 55 ? -2.719  -3.871  7.267   1.00 17.30  ? 55  TYR A CD2 1 
ATOM   400 C CE1 . TYR A 1 55 ? -2.386  -4.068  10.016  1.00 19.41  ? 55  TYR A CE1 1 
ATOM   401 C CE2 . TYR A 1 55 ? -3.450  -3.006  8.158   1.00 19.45  ? 55  TYR A CE2 1 
ATOM   402 C CZ  . TYR A 1 55 ? -3.220  -3.111  9.526   1.00 20.07  ? 55  TYR A CZ  1 
ATOM   403 O OH  . TYR A 1 55 ? -3.916  -2.287  10.403  1.00 23.15  ? 55  TYR A OH  1 
ATOM   404 N N   . HIS A 1 56 ? -1.205  -7.040  3.852   1.00 17.14  ? 56  HIS A N   1 
ATOM   405 C CA  . HIS A 1 56 ? -0.307  -7.481  2.749   1.00 16.85  ? 56  HIS A CA  1 
ATOM   406 C C   . HIS A 1 56 ? 0.260   -6.265  2.014   1.00 14.40  ? 56  HIS A C   1 
ATOM   407 O O   . HIS A 1 56 ? -0.338  -5.209  1.950   1.00 15.46  ? 56  HIS A O   1 
ATOM   408 C CB  . HIS A 1 56 ? -1.056  -8.390  1.750   1.00 18.45  ? 56  HIS A CB  1 
ATOM   409 C CG  . HIS A 1 56 ? -1.528  -9.664  2.368   1.00 19.50  ? 56  HIS A CG  1 
ATOM   410 N ND1 . HIS A 1 56 ? -2.655  -9.725  3.178   1.00 24.83  ? 56  HIS A ND1 1 
ATOM   411 C CD2 . HIS A 1 56 ? -0.969  -10.889 2.408   1.00 23.81  ? 56  HIS A CD2 1 
ATOM   412 C CE1 . HIS A 1 56 ? -2.782  -10.955 3.650   1.00 26.43  ? 56  HIS A CE1 1 
ATOM   413 N NE2 . HIS A 1 56 ? -1.783  -11.688 3.187   1.00 25.36  ? 56  HIS A NE2 1 
ATOM   414 N N   . GLU A 1 57 ? 1.455   -6.429  1.435   1.00 13.82  ? 57  GLU A N   1 
ATOM   415 C CA  . GLU A 1 57 ? 2.125   -5.323  0.773   1.00 12.99  ? 57  GLU A CA  1 
ATOM   416 C C   . GLU A 1 57 ? 2.283   -5.529  -0.729  1.00 12.89  ? 57  GLU A C   1 
ATOM   417 O O   . GLU A 1 57 ? 2.495   -6.639  -1.180  1.00 14.49  ? 57  GLU A O   1 
ATOM   418 C CB  . GLU A 1 57 ? 3.506   -5.099  1.406   1.00 14.26  ? 57  GLU A CB  1 
ATOM   419 C CG  . GLU A 1 57 ? 4.363   -6.315  1.440   1.00 16.59  ? 57  GLU A CG  1 
ATOM   420 C CD  . GLU A 1 57 ? 5.774   -6.037  1.877   1.00 19.88  ? 57  GLU A CD  1 
ATOM   421 O OE1 . GLU A 1 57 ? 5.944   -5.869  3.079   1.00 23.05  ? 57  GLU A OE1 1 
ATOM   422 O OE2 . GLU A 1 57 ? 6.634   -5.936  1.010   1.00 19.98  ? 57  GLU A OE2 1 
ATOM   423 N N   . TYR A 1 58 ? 2.193   -4.440  -1.468  1.00 11.26  ? 58  TYR A N   1 
ATOM   424 C CA  . TYR A 1 58 ? 2.349   -4.424  -2.909  1.00 13.14  ? 58  TYR A CA  1 
ATOM   425 C C   . TYR A 1 58 ? 3.187   -3.249  -3.376  1.00 13.35  ? 58  TYR A C   1 
ATOM   426 O O   . TYR A 1 58 ? 3.076   -2.135  -2.880  1.00 15.39  ? 58  TYR A O   1 
ATOM   427 C CB  . TYR A 1 58 ? 0.978   -4.350  -3.577  1.00 12.57  ? 58  TYR A CB  1 
ATOM   428 C CG  . TYR A 1 58 ? 0.104   -5.477  -3.204  1.00 15.24  ? 58  TYR A CG  1 
ATOM   429 C CD1 . TYR A 1 58 ? 0.039   -6.613  -3.954  1.00 13.99  ? 58  TYR A CD1 1 
ATOM   430 C CD2 . TYR A 1 58 ? -0.665  -5.429  -2.079  1.00 16.77  ? 58  TYR A CD2 1 
ATOM   431 C CE1 . TYR A 1 58 ? -0.730  -7.646  -3.581  1.00 16.49  ? 58  TYR A CE1 1 
ATOM   432 C CE2 . TYR A 1 58 ? -1.441  -6.468  -1.695  1.00 17.49  ? 58  TYR A CE2 1 
ATOM   433 C CZ  . TYR A 1 58 ? -1.485  -7.579  -2.450  1.00 17.37  ? 58  TYR A CZ  1 
ATOM   434 O OH  . TYR A 1 58 ? -2.263  -8.627  -2.071  1.00 24.41  ? 58  TYR A OH  1 
ATOM   435 N N   . THR A 1 59 ? 4.075   -3.489  -4.365  1.00 13.05  ? 59  THR A N   1 
ATOM   436 C CA  . THR A 1 59 ? 4.893   -2.431  -4.910  1.00 13.59  ? 59  THR A CA  1 
ATOM   437 C C   . THR A 1 59 ? 4.068   -1.451  -5.761  1.00 15.29  ? 59  THR A C   1 
ATOM   438 O O   . THR A 1 59 ? 3.213   -1.888  -6.549  1.00 15.39  ? 59  THR A O   1 
ATOM   439 C CB  . THR A 1 59 ? 5.988   -2.975  -5.808  1.00 15.02  ? 59  THR A CB  1 
ATOM   440 O OG1 . THR A 1 59 ? 6.714   -3.992  -5.079  1.00 14.73  ? 59  THR A OG1 1 
ATOM   441 C CG2 . THR A 1 59 ? 6.976   -1.915  -6.119  1.00 14.53  ? 59  THR A CG2 1 
ATOM   442 N N   . VAL A 1 60 ? 4.393   -0.168  -5.608  1.00 15.82  ? 60  VAL A N   1 
ATOM   443 C CA  . VAL A 1 60 ? 3.945   0.860   -6.511  1.00 17.64  ? 60  VAL A CA  1 
ATOM   444 C C   . VAL A 1 60 ? 5.205   1.271   -7.249  1.00 18.90  ? 60  VAL A C   1 
ATOM   445 O O   . VAL A 1 60 ? 6.190   1.738   -6.661  1.00 18.91  ? 60  VAL A O   1 
ATOM   446 C CB  . VAL A 1 60 ? 3.308   2.080   -5.814  1.00 18.67  ? 60  VAL A CB  1 
ATOM   447 C CG1 . VAL A 1 60 ? 3.081   3.119   -6.828  1.00 21.20  ? 60  VAL A CG1 1 
ATOM   448 C CG2 . VAL A 1 60 ? 2.022   1.705   -5.118  1.00 20.13  ? 60  VAL A CG2 1 
ATOM   449 N N   . ILE A 1 61 ? 5.190   1.076   -8.556  1.00 19.90  ? 61  ILE A N   1 
ATOM   450 C CA  . ILE A 1 61 ? 6.380   1.379   -9.342  1.00 22.37  ? 61  ILE A CA  1 
ATOM   451 C C   . ILE A 1 61 ? 6.669   2.903   -9.277  1.00 24.03  ? 61  ILE A C   1 
ATOM   452 O O   . ILE A 1 61 ? 5.724   3.708   -9.295  1.00 21.88  ? 61  ILE A O   1 
ATOM   453 C CB  . ILE A 1 61 ? 6.172   0.901   -10.799 1.00 23.98  ? 61  ILE A CB  1 
ATOM   454 C CG1 . ILE A 1 61 ? 6.230   -0.623  -10.900 1.00 26.08  ? 61  ILE A CG1 1 
ATOM   455 C CG2 . ILE A 1 61 ? 7.225   1.473   -11.689 1.00 24.60  ? 61  ILE A CG2 1 
ATOM   456 C CD1 . ILE A 1 61 ? 5.772   -1.138  -12.267 1.00 29.41  ? 61  ILE A CD1 1 
ATOM   457 N N   . THR A 1 62 ? 7.952   3.247   -9.127  1.00 25.47  ? 62  THR A N   1 
ATOM   458 C CA  . THR A 1 62 ? 8.445   4.610   -9.211  1.00 27.49  ? 62  THR A CA  1 
ATOM   459 C C   . THR A 1 62 ? 8.991   4.772   -10.629 1.00 29.89  ? 62  THR A C   1 
ATOM   460 O O   . THR A 1 62 ? 9.904   4.061   -11.001 1.00 29.23  ? 62  THR A O   1 
ATOM   461 C CB  . THR A 1 62 ? 9.569   4.822   -8.182  1.00 27.56  ? 62  THR A CB  1 
ATOM   462 O OG1 . THR A 1 62 ? 9.046   4.736   -6.849  1.00 27.09  ? 62  THR A OG1 1 
ATOM   463 C CG2 . THR A 1 62 ? 10.135  6.266   -8.249  1.00 28.81  ? 62  THR A CG2 1 
ATOM   464 N N   . PRO A 1 63 ? 8.433   5.694   -11.411 1.00 33.10  ? 63  PRO A N   1 
ATOM   465 C CA  . PRO A 1 63 ? 8.877   5.897   -12.794 1.00 35.52  ? 63  PRO A CA  1 
ATOM   466 C C   . PRO A 1 63 ? 10.366  6.228   -12.800 1.00 37.72  ? 63  PRO A C   1 
ATOM   467 O O   . PRO A 1 63 ? 10.792  7.030   -11.993 1.00 38.83  ? 63  PRO A O   1 
ATOM   468 C CB  . PRO A 1 63 ? 8.057   7.114   -13.270 1.00 35.82  ? 63  PRO A CB  1 
ATOM   469 C CG  . PRO A 1 63 ? 7.033   7.410   -12.212 1.00 35.19  ? 63  PRO A CG  1 
ATOM   470 C CD  . PRO A 1 63 ? 7.403   6.654   -10.989 1.00 33.29  ? 63  PRO A CD  1 
ATOM   471 N N   . GLY A 1 64 ? 11.162  5.585   -13.642 1.00 39.91  ? 64  GLY A N   1 
ATOM   472 C CA  . GLY A 1 64 ? 12.581  5.889   -13.693 1.00 41.15  ? 64  GLY A CA  1 
ATOM   473 C C   . GLY A 1 64 ? 13.514  5.318   -12.628 1.00 41.98  ? 64  GLY A C   1 
ATOM   474 O O   . GLY A 1 64 ? 14.711  5.689   -12.586 1.00 42.55  ? 64  GLY A O   1 
ATOM   475 N N   . SER A 1 65 ? 13.000  4.426   -11.782 1.00 42.11  ? 65  SER A N   1 
ATOM   476 C CA  . SER A 1 65 ? 13.810  3.785   -10.755 1.00 42.22  ? 65  SER A CA  1 
ATOM   477 C C   . SER A 1 65 ? 14.240  2.403   -11.207 1.00 42.21  ? 65  SER A C   1 
ATOM   478 O O   . SER A 1 65 ? 13.440  1.668   -11.751 1.00 42.20  ? 65  SER A O   1 
ATOM   479 C CB  . SER A 1 65 ? 13.027  3.625   -9.449  1.00 42.27  ? 65  SER A CB  1 
ATOM   480 O OG  . SER A 1 65 ? 13.867  3.058   -8.452  1.00 40.97  ? 65  SER A OG  1 
ATOM   481 N N   . PRO A 1 66 ? 15.491  2.036   -10.957 1.00 42.42  ? 66  PRO A N   1 
ATOM   482 C CA  . PRO A 1 66 ? 15.986  0.708   -11.346 1.00 42.25  ? 66  PRO A CA  1 
ATOM   483 C C   . PRO A 1 66 ? 15.817  -0.354  -10.263 1.00 41.35  ? 66  PRO A C   1 
ATOM   484 O O   . PRO A 1 66 ? 16.199  -1.525  -10.476 1.00 42.34  ? 66  PRO A O   1 
ATOM   485 C CB  . PRO A 1 66 ? 17.472  0.955   -11.590 1.00 42.40  ? 66  PRO A CB  1 
ATOM   486 C CG  . PRO A 1 66 ? 17.802  2.218   -10.858 1.00 42.86  ? 66  PRO A CG  1 
ATOM   487 C CD  . PRO A 1 66 ? 16.546  2.847   -10.327 1.00 42.63  ? 66  PRO A CD  1 
ATOM   488 N N   . THR A 1 67 ? 15.302  0.055   -9.104  1.00 39.27  ? 67  THR A N   1 
ATOM   489 C CA  . THR A 1 67 ? 15.029  -0.850  -8.009  1.00 37.37  ? 67  THR A CA  1 
ATOM   490 C C   . THR A 1 67 ? 13.528  -0.748  -7.718  1.00 34.39  ? 67  THR A C   1 
ATOM   491 O O   . THR A 1 67 ? 12.827  0.009   -8.383  1.00 33.30  ? 67  THR A O   1 
ATOM   492 C CB  . THR A 1 67 ? 15.852  -0.479  -6.765  1.00 38.07  ? 67  THR A CB  1 
ATOM   493 O OG1 . THR A 1 67 ? 15.469  0.811   -6.282  1.00 39.78  ? 67  THR A OG1 1 
ATOM   494 C CG2 . THR A 1 67 ? 17.331  -0.313  -7.098  1.00 39.65  ? 67  THR A CG2 1 
ATOM   495 N N   . ARG A 1 68 ? 13.046  -1.506  -6.740  1.00 31.35  ? 68  ARG A N   1 
ATOM   496 C CA  . ARG A 1 68 ? 11.634  -1.438  -6.382  1.00 29.72  ? 68  ARG A CA  1 
ATOM   497 C C   . ARG A 1 68 ? 11.276  -0.103  -5.811  1.00 27.82  ? 68  ARG A C   1 
ATOM   498 O O   . ARG A 1 68 ? 10.072  0.202   -5.648  1.00 28.71  ? 68  ARG A O   1 
ATOM   499 C CB  . ARG A 1 68 ? 11.288  -2.423  -5.292  1.00 28.97  ? 68  ARG A CB  1 
ATOM   500 C CG  . ARG A 1 68 ? 10.728  -3.621  -5.815  1.00 29.12  ? 68  ARG A CG  1 
ATOM   501 C CD  . ARG A 1 68 ? 10.756  -4.685  -4.870  1.00 25.40  ? 68  ARG A CD  1 
ATOM   502 N NE  . ARG A 1 68 ? 9.562   -4.655  -4.063  1.00 21.67  ? 68  ARG A NE  1 
ATOM   503 C CZ  . ARG A 1 68 ? 9.563   -4.840  -2.772  1.00 20.35  ? 68  ARG A CZ  1 
ATOM   504 N NH1 . ARG A 1 68 ? 10.717  -5.008  -2.108  1.00 21.40  ? 68  ARG A NH1 1 
ATOM   505 N NH2 . ARG A 1 68 ? 8.421   -4.840  -2.133  1.00 18.15  ? 68  ARG A NH2 1 
ATOM   506 N N   . GLY A 1 69 ? 12.270  0.669   -5.406  1.00 25.13  ? 69  GLY A N   1 
ATOM   507 C CA  . GLY A 1 69 ? 11.945  1.963   -4.825  1.00 23.66  ? 69  GLY A CA  1 
ATOM   508 C C   . GLY A 1 69 ? 11.275  1.843   -3.447  1.00 22.15  ? 69  GLY A C   1 
ATOM   509 O O   . GLY A 1 69 ? 11.358  0.794   -2.793  1.00 22.83  ? 69  GLY A O   1 
ATOM   510 N N   . ALA A 1 70 ? 10.601  2.916   -3.035  1.00 19.35  ? 70  ALA A N   1 
ATOM   511 C CA  . ALA A 1 70 ? 10.079  3.023   -1.668  1.00 18.76  ? 70  ALA A CA  1 
ATOM   512 C C   . ALA A 1 70 ? 8.561   3.181   -1.606  1.00 17.67  ? 70  ALA A C   1 
ATOM   513 O O   . ALA A 1 70 ? 8.028   3.342   -0.514  1.00 17.51  ? 70  ALA A O   1 
ATOM   514 C CB  . ALA A 1 70 ? 10.702  4.195   -0.971  1.00 19.75  ? 70  ALA A CB  1 
ATOM   515 N N   . ARG A 1 71 ? 7.891   3.154   -2.754  1.00 16.42  ? 71  ARG A N   1 
ATOM   516 C CA  . ARG A 1 71 ? 6.408   3.346   -2.764  1.00 15.83  ? 71  ARG A CA  1 
ATOM   517 C C   . ARG A 1 71 ? 5.687   2.022   -2.643  1.00 14.29  ? 71  ARG A C   1 
ATOM   518 O O   . ARG A 1 71 ? 6.067   1.053   -3.298  1.00 13.98  ? 71  ARG A O   1 
ATOM   519 C CB  . ARG A 1 71 ? 5.942   4.009   -4.039  1.00 17.53  ? 71  ARG A CB  1 
ATOM   520 C CG  . ARG A 1 71 ? 6.501   5.405   -4.173  1.00 22.49  ? 71  ARG A CG  1 
ATOM   521 C CD  . ARG A 1 71 ? 6.150   6.119   -5.416  1.00 27.12  ? 71  ARG A CD  1 
ATOM   522 N NE  . ARG A 1 71 ? 6.929   7.340   -5.427  1.00 31.24  ? 71  ARG A NE  1 
ATOM   523 C CZ  . ARG A 1 71 ? 6.773   8.319   -6.314  1.00 36.04  ? 71  ARG A CZ  1 
ATOM   524 N NH1 . ARG A 1 71 ? 5.879   8.204   -7.285  1.00 35.89  ? 71  ARG A NH1 1 
ATOM   525 N NH2 . ARG A 1 71 ? 7.541   9.406   -6.236  1.00 37.28  ? 71  ARG A NH2 1 
ATOM   526 N N   . ARG A 1 72 ? 4.630   1.963   -1.803  1.00 13.52  ? 72  ARG A N   1 
ATOM   527 C CA  . ARG A 1 72 ? 3.914   0.715   -1.581  1.00 14.14  ? 72  ARG A CA  1 
ATOM   528 C C   . ARG A 1 72 ? 2.445   0.992   -1.274  1.00 14.71  ? 72  ARG A C   1 
ATOM   529 O O   . ARG A 1 72 ? 2.093   2.075   -0.780  1.00 15.16  ? 72  ARG A O   1 
ATOM   530 C CB  . ARG A 1 72 ? 4.452   -0.020  -0.334  1.00 13.46  ? 72  ARG A CB  1 
ATOM   531 C CG  . ARG A 1 72 ? 5.967   -0.291  -0.267  1.00 13.68  ? 72  ARG A CG  1 
ATOM   532 C CD  . ARG A 1 72 ? 6.370   -1.404  -1.197  1.00 13.65  ? 72  ARG A CD  1 
ATOM   533 N NE  . ARG A 1 72 ? 7.828   -1.668  -1.046  1.00 12.28  ? 72  ARG A NE  1 
ATOM   534 C CZ  . ARG A 1 72 ? 8.787   -1.137  -1.774  1.00 15.88  ? 72  ARG A CZ  1 
ATOM   535 N NH1 . ARG A 1 72 ? 10.063  -1.470  -1.533  1.00 16.06  ? 72  ARG A NH1 1 
ATOM   536 N NH2 . ARG A 1 72 ? 8.500   -0.356  -2.786  1.00 16.19  ? 72  ARG A NH2 1 
ATOM   537 N N   . ILE A 1 73 ? 1.607   0.014   -1.574  1.00 13.80  ? 73  ILE A N   1 
ATOM   538 C CA  . ILE A 1 73 ? 0.213   -0.088  -1.042  1.00 15.00  ? 73  ILE A CA  1 
ATOM   539 C C   . ILE A 1 73 ? 0.175   -1.226  -0.010  1.00 15.20  ? 73  ILE A C   1 
ATOM   540 O O   . ILE A 1 73 ? 0.711   -2.331  -0.248  1.00 14.43  ? 73  ILE A O   1 
ATOM   541 C CB  . ILE A 1 73 ? -0.787  -0.398  -2.160  1.00 15.58  ? 73  ILE A CB  1 
ATOM   542 C CG1 . ILE A 1 73 ? -0.799  0.754   -3.150  1.00 20.30  ? 73  ILE A CG1 1 
ATOM   543 C CG2 . ILE A 1 73 ? -2.174  -0.669  -1.573  1.00 16.20  ? 73  ILE A CG2 1 
ATOM   544 C CD1 . ILE A 1 73 ? -1.537  1.961   -2.680  1.00 25.12  ? 73  ILE A CD1 1 
ATOM   545 N N   . ILE A 1 74 ? -0.416  -0.969  1.166   1.00 14.28  ? 74  ILE A N   1 
ATOM   546 C CA  . ILE A 1 74 ? -0.643  -1.983  2.133   1.00 15.69  ? 74  ILE A CA  1 
ATOM   547 C C   . ILE A 1 74 ? -2.174  -2.151  2.108   1.00 16.47  ? 74  ILE A C   1 
ATOM   548 O O   . ILE A 1 74 ? -2.942  -1.153  2.195   1.00 19.16  ? 74  ILE A O   1 
ATOM   549 C CB  . ILE A 1 74 ? -0.225  -1.516  3.547   1.00 16.10  ? 74  ILE A CB  1 
ATOM   550 C CG1 . ILE A 1 74 ? 1.321   -1.377  3.631   1.00 17.44  ? 74  ILE A CG1 1 
ATOM   551 C CG2 . ILE A 1 74 ? -0.672  -2.466  4.544   1.00 19.37  ? 74  ILE A CG2 1 
ATOM   552 C CD1 . ILE A 1 74 ? 2.096   -2.551  3.199   1.00 19.07  ? 74  ILE A CD1 1 
ATOM   553 N N   . THR A 1 75 ? -2.606  -3.369  2.009   1.00 16.00  ? 75  THR A N   1 
ATOM   554 C CA  . THR A 1 75 ? -4.059  -3.635  2.100   1.00 17.07  ? 75  THR A CA  1 
ATOM   555 C C   . THR A 1 75 ? -4.374  -4.270  3.439   1.00 19.26  ? 75  THR A C   1 
ATOM   556 O O   . THR A 1 75 ? -3.587  -5.027  3.990   1.00 18.16  ? 75  THR A O   1 
ATOM   557 C CB  . THR A 1 75 ? -4.515  -4.661  1.017   1.00 17.73  ? 75  THR A CB  1 
ATOM   558 O OG1 . THR A 1 75 ? -3.880  -5.908  1.279   1.00 19.15  ? 75  THR A OG1 1 
ATOM   559 C CG2 . THR A 1 75 ? -4.156  -4.267  -0.357  1.00 19.76  ? 75  THR A CG2 1 
ATOM   560 N N   . GLY A 1 76 ? -5.574  -3.981  3.972   1.00 21.53  ? 76  GLY A N   1 
ATOM   561 C CA  . GLY A 1 76 ? -6.064  -4.647  5.165   1.00 24.38  ? 76  GLY A CA  1 
ATOM   562 C C   . GLY A 1 76 ? -7.144  -5.666  4.761   1.00 27.77  ? 76  GLY A C   1 
ATOM   563 O O   . GLY A 1 76 ? -7.480  -5.732  3.589   1.00 27.28  ? 76  GLY A O   1 
ATOM   564 N N   . GLN A 1 77 ? -7.649  -6.441  5.714   1.00 32.03  ? 77  GLN A N   1 
ATOM   565 C CA  . GLN A 1 77 ? -8.634  -7.493  5.428   1.00 35.88  ? 77  GLN A CA  1 
ATOM   566 C C   . GLN A 1 77 ? -9.998  -6.980  5.004   1.00 38.40  ? 77  GLN A C   1 
ATOM   567 O O   . GLN A 1 77 ? -10.694 -7.678  4.247   1.00 39.09  ? 77  GLN A O   1 
ATOM   568 C CB  . GLN A 1 77 ? -8.780  -8.452  6.613   1.00 37.35  ? 77  GLN A CB  1 
ATOM   569 C CG  . GLN A 1 77 ? -7.819  -9.622  6.576   1.00 40.45  ? 77  GLN A CG  1 
ATOM   570 C CD  . GLN A 1 77 ? -7.981  -10.568 7.769   1.00 45.69  ? 77  GLN A CD  1 
ATOM   571 O OE1 . GLN A 1 77 ? -9.065  -11.106 8.001   1.00 48.34  ? 77  GLN A OE1 1 
ATOM   572 N NE2 . GLN A 1 77 ? -6.895  -10.768 8.528   1.00 49.16  ? 77  GLN A NE2 1 
ATOM   573 N N   . GLN A 1 78 ? -10.372 -5.780  5.454   1.00 40.20  ? 78  GLN A N   1 
ATOM   574 C CA  . GLN A 1 78 ? -11.666 -5.176  5.101   1.00 42.21  ? 78  GLN A CA  1 
ATOM   575 C C   . GLN A 1 78 ? -11.730 -4.637  3.695   1.00 42.98  ? 78  GLN A C   1 
ATOM   576 O O   . GLN A 1 78 ? -10.792 -4.007  3.225   1.00 43.07  ? 78  GLN A O   1 
ATOM   577 C CB  . GLN A 1 78 ? -11.969 -3.998  6.021   1.00 42.69  ? 78  GLN A CB  1 
ATOM   578 C CG  . GLN A 1 78 ? -12.165 -4.373  7.447   1.00 45.45  ? 78  GLN A CG  1 
ATOM   579 C CD  . GLN A 1 78 ? -12.763 -3.247  8.237   1.00 49.79  ? 78  GLN A CD  1 
ATOM   580 O OE1 . GLN A 1 78 ? -13.979 -3.245  8.527   1.00 52.69  ? 78  GLN A OE1 1 
ATOM   581 N NE2 . GLN A 1 78 ? -11.927 -2.264  8.585   1.00 52.34  ? 78  GLN A NE2 1 
ATOM   582 N N   . TRP A 1 79 ? -12.862 -4.828  3.023   1.00 43.40  ? 79  TRP A N   1 
ATOM   583 C CA  . TRP A 1 79 ? -13.005 -4.262  1.688   1.00 44.06  ? 79  TRP A CA  1 
ATOM   584 C C   . TRP A 1 79 ? -12.569 -2.785  1.586   1.00 41.78  ? 79  TRP A C   1 
ATOM   585 O O   . TRP A 1 79 ? -12.904 -1.944  2.417   1.00 41.40  ? 79  TRP A O   1 
ATOM   586 C CB  . TRP A 1 79 ? -14.425 -4.481  1.147   1.00 45.48  ? 79  TRP A CB  1 
ATOM   587 C CG  . TRP A 1 79 ? -14.546 -5.775  0.364   1.00 51.42  ? 79  TRP A CG  1 
ATOM   588 C CD1 . TRP A 1 79 ? -15.704 -6.389  -0.020  1.00 55.00  ? 79  TRP A CD1 1 
ATOM   589 C CD2 . TRP A 1 79 ? -13.474 -6.607  -0.133  1.00 56.97  ? 79  TRP A CD2 1 
ATOM   590 N NE1 . TRP A 1 79 ? -15.423 -7.536  -0.722  1.00 57.08  ? 79  TRP A NE1 1 
ATOM   591 C CE2 . TRP A 1 79 ? -14.066 -7.698  -0.801  1.00 58.50  ? 79  TRP A CE2 1 
ATOM   592 C CE3 . TRP A 1 79 ? -12.071 -6.545  -0.074  1.00 59.72  ? 79  TRP A CE3 1 
ATOM   593 C CZ2 . TRP A 1 79 ? -13.312 -8.711  -1.411  1.00 60.65  ? 79  TRP A CZ2 1 
ATOM   594 C CZ3 . TRP A 1 79 ? -11.326 -7.554  -0.680  1.00 60.96  ? 79  TRP A CZ3 1 
ATOM   595 C CH2 . TRP A 1 79 ? -11.947 -8.616  -1.337  1.00 61.30  ? 79  TRP A CH2 1 
ATOM   596 N N   . GLN A 1 80 ? -11.795 -2.507  0.545   1.00 39.72  ? 80  GLN A N   1 
ATOM   597 C CA  . GLN A 1 80 ? -11.236 -1.179  0.259   1.00 38.13  ? 80  GLN A CA  1 
ATOM   598 C C   . GLN A 1 80 ? -10.430 -0.495  1.380   1.00 35.07  ? 80  GLN A C   1 
ATOM   599 O O   . GLN A 1 80 ? -10.354 0.737   1.410   1.00 34.96  ? 80  GLN A O   1 
ATOM   600 C CB  . GLN A 1 80 ? -12.325 -0.250  -0.235  1.00 39.27  ? 80  GLN A CB  1 
ATOM   601 C CG  . GLN A 1 80 ? -13.030 -0.808  -1.448  1.00 42.43  ? 80  GLN A CG  1 
ATOM   602 C CD  . GLN A 1 80 ? -13.357 0.238   -2.468  1.00 45.74  ? 80  GLN A CD  1 
ATOM   603 O OE1 . GLN A 1 80 ? -13.832 1.325   -2.127  1.00 48.79  ? 80  GLN A OE1 1 
ATOM   604 N NE2 . GLN A 1 80 ? -13.100 -0.076  -3.728  1.00 47.55  ? 80  GLN A NE2 1 
ATOM   605 N N   . GLU A 1 81 ? -9.871  -1.275  2.295   1.00 31.07  ? 81  GLU A N   1 
ATOM   606 C CA  . GLU A 1 81 ? -9.008  -0.724  3.337   1.00 27.95  ? 81  GLU A CA  1 
ATOM   607 C C   . GLU A 1 81 ? -7.578  -0.753  2.781   1.00 25.42  ? 81  GLU A C   1 
ATOM   608 O O   . GLU A 1 81 ? -7.025  -1.804  2.760   1.00 24.95  ? 81  GLU A O   1 
ATOM   609 C CB  . GLU A 1 81 ? -9.040  -1.603  4.559   1.00 27.91  ? 81  GLU A CB  1 
ATOM   610 C CG  . GLU A 1 81 ? -8.375  -0.906  5.724   1.00 28.94  ? 81  GLU A CG  1 
ATOM   611 C CD  . GLU A 1 81 ? -8.207  -1.794  6.898   1.00 32.09  ? 81  GLU A CD  1 
ATOM   612 O OE1 . GLU A 1 81 ? -7.528  -1.362  7.876   1.00 36.78  ? 81  GLU A OE1 1 
ATOM   613 O OE2 . GLU A 1 81 ? -8.732  -2.924  6.848   1.00 33.95  ? 81  GLU A OE2 1 
ATOM   614 N N   . ASP A 1 82 ? -7.076  0.376   2.316   1.00 21.99  ? 82  ASP A N   1 
ATOM   615 C CA  . ASP A 1 82 ? -5.758  0.492   1.658   1.00 21.94  ? 82  ASP A CA  1 
ATOM   616 C C   . ASP A 1 82 ? -4.975  1.653   2.188   1.00 20.79  ? 82  ASP A C   1 
ATOM   617 O O   . ASP A 1 82 ? -5.530  2.721   2.472   1.00 21.16  ? 82  ASP A O   1 
ATOM   618 C CB  . ASP A 1 82 ? -5.930  0.693   0.163   1.00 21.20  ? 82  ASP A CB  1 
ATOM   619 C CG  . ASP A 1 82 ? -6.596  -0.467  -0.494  1.00 25.86  ? 82  ASP A CG  1 
ATOM   620 O OD1 . ASP A 1 82 ? -7.714  -0.266  -0.988  1.00 28.42  ? 82  ASP A OD1 1 
ATOM   621 O OD2 . ASP A 1 82 ? -6.090  -1.617  -0.534  1.00 28.22  ? 82  ASP A OD2 1 
ATOM   622 N N   . TYR A 1 83 ? -3.668  1.472   2.336   1.00 18.38  ? 83  TYR A N   1 
ATOM   623 C CA  . TYR A 1 83 ? -2.812  2.525   2.819   1.00 18.85  ? 83  TYR A CA  1 
ATOM   624 C C   . TYR A 1 83 ? -1.663  2.705   1.876   1.00 18.25  ? 83  TYR A C   1 
ATOM   625 O O   . TYR A 1 83 ? -1.172  1.726   1.333   1.00 20.05  ? 83  TYR A O   1 
ATOM   626 C CB  . TYR A 1 83 ? -2.301  2.204   4.218   1.00 17.70  ? 83  TYR A CB  1 
ATOM   627 C CG  . TYR A 1 83 ? -3.385  1.896   5.255   1.00 20.37  ? 83  TYR A CG  1 
ATOM   628 C CD1 . TYR A 1 83 ? -3.804  0.593   5.476   1.00 20.65  ? 83  TYR A CD1 1 
ATOM   629 C CD2 . TYR A 1 83 ? -3.913  2.889   6.065   1.00 21.48  ? 83  TYR A CD2 1 
ATOM   630 C CE1 . TYR A 1 83 ? -4.773  0.267   6.414   1.00 21.64  ? 83  TYR A CE1 1 
ATOM   631 C CE2 . TYR A 1 83 ? -4.874  2.579   7.023   1.00 24.18  ? 83  TYR A CE2 1 
ATOM   632 C CZ  . TYR A 1 83 ? -5.269  1.274   7.230   1.00 23.49  ? 83  TYR A CZ  1 
ATOM   633 O OH  . TYR A 1 83 ? -6.257  0.940   8.153   1.00 30.14  ? 83  TYR A OH  1 
ATOM   634 N N   . TYR A 1 84 ? -1.321  3.948   1.630   1.00 16.89  ? 84  TYR A N   1 
ATOM   635 C CA  . TYR A 1 84 ? -0.247  4.310   0.752   1.00 16.63  ? 84  TYR A CA  1 
ATOM   636 C C   . TYR A 1 84 ? 0.960   4.860   1.536   1.00 16.54  ? 84  TYR A C   1 
ATOM   637 O O   . TYR A 1 84 ? 0.828   5.652   2.468   1.00 16.73  ? 84  TYR A O   1 
ATOM   638 C CB  . TYR A 1 84 ? -0.707  5.272   -0.280  1.00 17.66  ? 84  TYR A CB  1 
ATOM   639 C CG  . TYR A 1 84 ? 0.318   5.761   -1.230  1.00 18.17  ? 84  TYR A CG  1 
ATOM   640 C CD1 . TYR A 1 84 ? 0.784   7.057   -1.168  1.00 20.67  ? 84  TYR A CD1 1 
ATOM   641 C CD2 . TYR A 1 84 ? 0.890   4.897   -2.213  1.00 20.10  ? 84  TYR A CD2 1 
ATOM   642 C CE1 . TYR A 1 84 ? 1.748   7.507   -2.025  1.00 22.59  ? 84  TYR A CE1 1 
ATOM   643 C CE2 . TYR A 1 84 ? 1.840   5.348   -3.051  1.00 20.37  ? 84  TYR A CE2 1 
ATOM   644 C CZ  . TYR A 1 84 ? 2.259   6.653   -2.980  1.00 24.27  ? 84  TYR A CZ  1 
ATOM   645 O OH  . TYR A 1 84 ? 3.209   7.119   -3.846  1.00 24.40  ? 84  TYR A OH  1 
ATOM   646 N N   . THR A 1 85 ? 2.140   4.380   1.148   1.00 15.56  ? 85  THR A N   1 
ATOM   647 C CA  . THR A 1 85 ? 3.365   4.954   1.673   1.00 15.43  ? 85  THR A CA  1 
ATOM   648 C C   . THR A 1 85 ? 4.294   5.308   0.511   1.00 16.39  ? 85  THR A C   1 
ATOM   649 O O   . THR A 1 85 ? 4.466   4.560   -0.467  1.00 16.23  ? 85  THR A O   1 
ATOM   650 C CB  . THR A 1 85 ? 4.056   4.035   2.687   1.00 16.27  ? 85  THR A CB  1 
ATOM   651 O OG1 . THR A 1 85 ? 5.320   4.618   3.079   1.00 15.44  ? 85  THR A OG1 1 
ATOM   652 C CG2 . THR A 1 85 ? 4.368   2.656   2.119   1.00 16.26  ? 85  THR A CG2 1 
ATOM   653 N N   . ALA A 1 86 ? 4.978   6.406   0.659   1.00 17.82  ? 86  ALA A N   1 
ATOM   654 C CA  . ALA A 1 86 ? 5.963   6.748   -0.342  1.00 18.40  ? 86  ALA A CA  1 
ATOM   655 C C   . ALA A 1 86 ? 7.420   6.738   0.180   1.00 19.23  ? 86  ALA A C   1 
ATOM   656 O O   . ALA A 1 86 ? 8.351   7.147   -0.524  1.00 21.07  ? 86  ALA A O   1 
ATOM   657 C CB  . ALA A 1 86 ? 5.618   8.100   -0.949  1.00 21.11  ? 86  ALA A CB  1 
ATOM   658 N N   . ASP A 1 87 ? 7.599   6.228   1.367   1.00 17.15  ? 87  ASP A N   1 
ATOM   659 C CA  . ASP A 1 87 ? 8.875   6.346   2.073   1.00 17.50  ? 87  ASP A CA  1 
ATOM   660 C C   . ASP A 1 87 ? 9.205   5.069   2.813   1.00 16.13  ? 87  ASP A C   1 
ATOM   661 O O   . ASP A 1 87 ? 9.794   5.052   3.910   1.00 17.39  ? 87  ASP A O   1 
ATOM   662 C CB  . ASP A 1 87 ? 8.817   7.588   2.986   1.00 18.53  ? 87  ASP A CB  1 
ATOM   663 C CG  . ASP A 1 87 ? 7.743   7.542   4.020   1.00 20.62  ? 87  ASP A CG  1 
ATOM   664 O OD1 . ASP A 1 87 ? 7.603   8.594   4.732   1.00 23.30  ? 87  ASP A OD1 1 
ATOM   665 O OD2 . ASP A 1 87 ? 7.002   6.548   4.227   1.00 18.83  ? 87  ASP A OD2 1 
ATOM   666 N N   . HIS A 1 88 ? 8.863   3.961   2.167   1.00 14.95  ? 88  HIS A N   1 
ATOM   667 C CA  . HIS A 1 88 ? 9.140   2.647   2.705   1.00 14.21  ? 88  HIS A CA  1 
ATOM   668 C C   . HIS A 1 88 ? 8.702   2.477   4.160   1.00 14.59  ? 88  HIS A C   1 
ATOM   669 O O   . HIS A 1 88 ? 9.411   2.011   5.003   1.00 15.09  ? 88  HIS A O   1 
ATOM   670 C CB  . HIS A 1 88 ? 10.658  2.284   2.542   1.00 14.24  ? 88  HIS A CB  1 
ATOM   671 C CG  . HIS A 1 88 ? 10.959  0.863   2.892   1.00 14.32  ? 88  HIS A CG  1 
ATOM   672 N ND1 . HIS A 1 88 ? 11.814  0.509   3.923   1.00 14.69  ? 88  HIS A ND1 1 
ATOM   673 C CD2 . HIS A 1 88 ? 10.569  -0.304  2.312   1.00 17.13  ? 88  HIS A CD2 1 
ATOM   674 C CE1 . HIS A 1 88 ? 11.883  -0.813  3.994   1.00 16.23  ? 88  HIS A CE1 1 
ATOM   675 N NE2 . HIS A 1 88 ? 11.154  -1.333  3.020   1.00 14.51  ? 88  HIS A NE2 1 
ATOM   676 N N   . TYR A 1 89 ? 7.459   2.811   4.398   1.00 13.72  ? 89  TYR A N   1 
ATOM   677 C CA  . TYR A 1 89 ? 6.797   2.523   5.667   1.00 13.99  ? 89  TYR A CA  1 
ATOM   678 C C   . TYR A 1 89 ? 7.158   3.477   6.786   1.00 15.08  ? 89  TYR A C   1 
ATOM   679 O O   . TYR A 1 89 ? 6.822   3.193   7.915   1.00 17.76  ? 89  TYR A O   1 
ATOM   680 C CB  . TYR A 1 89 ? 6.947   1.075   6.131   1.00 13.80  ? 89  TYR A CB  1 
ATOM   681 C CG  . TYR A 1 89 ? 6.829   0.047   5.046   1.00 12.96  ? 89  TYR A CG  1 
ATOM   682 C CD1 . TYR A 1 89 ? 5.680   -0.117  4.314   1.00 12.52  ? 89  TYR A CD1 1 
ATOM   683 C CD2 . TYR A 1 89 ? 7.860   -0.843  4.824   1.00 15.68  ? 89  TYR A CD2 1 
ATOM   684 C CE1 . TYR A 1 89 ? 5.586   -1.068  3.332   1.00 14.32  ? 89  TYR A CE1 1 
ATOM   685 C CE2 . TYR A 1 89 ? 7.782   -1.800  3.832   1.00 14.29  ? 89  TYR A CE2 1 
ATOM   686 C CZ  . TYR A 1 89 ? 6.648   -1.915  3.075   1.00 15.14  ? 89  TYR A CZ  1 
ATOM   687 O OH  . TYR A 1 89 ? 6.529   -2.908  2.071   1.00 17.08  ? 89  TYR A OH  1 
ATOM   688 N N   . ALA A 1 90 ? 7.755   4.634   6.477   1.00 14.84  ? 90  ALA A N   1 
ATOM   689 C CA  . ALA A 1 90 ? 7.984   5.589   7.590   1.00 16.78  ? 90  ALA A CA  1 
ATOM   690 C C   . ALA A 1 90 ? 6.685   6.366   7.926   1.00 17.47  ? 90  ALA A C   1 
ATOM   691 O O   . ALA A 1 90 ? 6.448   6.787   9.064   1.00 18.57  ? 90  ALA A O   1 
ATOM   692 C CB  . ALA A 1 90 ? 9.073   6.511   7.228   1.00 17.26  ? 90  ALA A CB  1 
ATOM   693 N N   . SER A 1 91 ? 5.846   6.508   6.915   1.00 15.30  ? 91  SER A N   1 
ATOM   694 C CA  . SER A 1 91 ? 4.536   7.160   7.110   1.00 16.92  ? 91  SER A CA  1 
ATOM   695 C C   . SER A 1 91 ? 3.495   6.589   6.158   1.00 17.31  ? 91  SER A C   1 
ATOM   696 O O   . SER A 1 91 ? 3.818   6.140   5.054   1.00 17.82  ? 91  SER A O   1 
ATOM   697 C CB  . SER A 1 91 ? 4.649   8.651   6.899   1.00 16.96  ? 91  SER A CB  1 
ATOM   698 O OG  . SER A 1 91 ? 5.045   9.073   5.628   1.00 20.35  ? 91  SER A OG  1 
ATOM   699 N N   . PHE A 1 92 ? 2.232   6.683   6.577   1.00 17.70  ? 92  PHE A N   1 
ATOM   700 C CA  . PHE A 1 92 ? 1.125   6.118   5.841   1.00 18.16  ? 92  PHE A CA  1 
ATOM   701 C C   . PHE A 1 92 ? -0.015  7.061   5.798   1.00 20.57  ? 92  PHE A C   1 
ATOM   702 O O   . PHE A 1 92 ? -0.201  7.913   6.741   1.00 22.20  ? 92  PHE A O   1 
ATOM   703 C CB  . PHE A 1 92 ? 0.592   4.888   6.514   1.00 18.94  ? 92  PHE A CB  1 
ATOM   704 C CG  . PHE A 1 92 ? 1.511   3.735   6.503   1.00 18.72  ? 92  PHE A CG  1 
ATOM   705 C CD1 . PHE A 1 92 ? 2.214   3.399   7.627   1.00 21.26  ? 92  PHE A CD1 1 
ATOM   706 C CD2 . PHE A 1 92 ? 1.563   2.921   5.428   1.00 18.71  ? 92  PHE A CD2 1 
ATOM   707 C CE1 . PHE A 1 92 ? 3.055   2.281   7.642   1.00 18.42  ? 92  PHE A CE1 1 
ATOM   708 C CE2 . PHE A 1 92 ? 2.391   1.797   5.447   1.00 19.48  ? 92  PHE A CE2 1 
ATOM   709 C CZ  . PHE A 1 92 ? 3.089   1.479   6.555   1.00 18.09  ? 92  PHE A CZ  1 
ATOM   710 N N   . ARG A 1 93 ? -0.771  6.933   4.720   1.00 19.95  ? 93  ARG A N   1 
ATOM   711 C CA  . ARG A 1 93 ? -2.075  7.588   4.641   1.00 21.77  ? 93  ARG A CA  1 
ATOM   712 C C   . ARG A 1 93 ? -3.084  6.589   4.097   1.00 22.88  ? 93  ARG A C   1 
ATOM   713 O O   . ARG A 1 93 ? -2.783  5.783   3.202   1.00 21.88  ? 93  ARG A O   1 
ATOM   714 C CB  . ARG A 1 93 ? -1.979  8.796   3.752   1.00 21.59  ? 93  ARG A CB  1 
ATOM   715 C CG  . ARG A 1 93 ? -1.329  10.007  4.459   1.00 27.37  ? 93  ARG A CG  1 
ATOM   716 C CD  . ARG A 1 93 ? -1.199  11.154  3.522   1.00 35.08  ? 93  ARG A CD  1 
ATOM   717 N NE  . ARG A 1 93 ? -0.563  10.704  2.288   1.00 39.95  ? 93  ARG A NE  1 
ATOM   718 C CZ  . ARG A 1 93 ? 0.252   11.435  1.553   1.00 45.22  ? 93  ARG A CZ  1 
ATOM   719 N NH1 . ARG A 1 93 ? 0.561   12.680  1.924   1.00 47.55  ? 93  ARG A NH1 1 
ATOM   720 N NH2 . ARG A 1 93 ? 0.775   10.916  0.449   1.00 46.38  ? 93  ARG A NH2 1 
ATOM   721 N N   . ARG A 1 94 ? -4.292  6.651   4.660   1.00 23.23  ? 94  ARG A N   1 
ATOM   722 C CA  . ARG A 1 94 ? -5.401  5.782   4.270   1.00 23.73  ? 94  ARG A CA  1 
ATOM   723 C C   . ARG A 1 94 ? -5.984  6.288   2.962   1.00 23.15  ? 94  ARG A C   1 
ATOM   724 O O   . ARG A 1 94 ? -6.209  7.504   2.773   1.00 23.35  ? 94  ARG A O   1 
ATOM   725 C CB  . ARG A 1 94 ? -6.478  5.780   5.357   1.00 25.11  ? 94  ARG A CB  1 
ATOM   726 C CG  . ARG A 1 94 ? -7.805  5.203   4.880   1.00 29.25  ? 94  ARG A CG  1 
ATOM   727 C CD  . ARG A 1 94 ? -7.825  3.739   4.755   1.00 36.09  ? 94  ARG A CD  1 
ATOM   728 N NE  . ARG A 1 94 ? -9.170  3.222   4.481   1.00 40.19  ? 94  ARG A NE  1 
ATOM   729 C CZ  . ARG A 1 94 ? -10.157 3.173   5.369   1.00 42.66  ? 94  ARG A CZ  1 
ATOM   730 N NH1 . ARG A 1 94 ? -9.976  3.613   6.602   1.00 44.05  ? 94  ARG A NH1 1 
ATOM   731 N NH2 . ARG A 1 94 ? -11.332 2.675   5.022   1.00 44.69  ? 94  ARG A NH2 1 
ATOM   732 N N   . VAL A 1 95 ? -6.217  5.375   2.009   1.00 21.42  ? 95  VAL A N   1 
ATOM   733 C CA  . VAL A 1 95 ? -6.694  5.802   0.724   1.00 21.60  ? 95  VAL A CA  1 
ATOM   734 C C   . VAL A 1 95 ? -8.215  6.034   0.872   1.00 21.65  ? 95  VAL A C   1 
ATOM   735 O O   . VAL A 1 95 ? -8.891  5.198   1.402   1.00 22.24  ? 95  VAL A O   1 
ATOM   736 C CB  . VAL A 1 95 ? -6.482  4.727   -0.337  1.00 20.53  ? 95  VAL A CB  1 
ATOM   737 C CG1 . VAL A 1 95 ? -6.858  5.213   -1.683  1.00 23.48  ? 95  VAL A CG1 1 
ATOM   738 C CG2 . VAL A 1 95 ? -4.967  4.359   -0.318  1.00 21.22  ? 95  VAL A CG2 1 
ATOM   739 N N   . ASP A 1 96 ? -8.656  7.143   0.371   1.00 22.46  ? 96  ASP A N   1 
ATOM   740 C CA  . ASP A 1 96 ? -10.084 7.544   0.439   1.00 23.47  ? 96  ASP A CA  1 
ATOM   741 C C   . ASP A 1 96 ? -10.639 7.470   -0.988  1.00 24.75  ? 96  ASP A C   1 
ATOM   742 O O   . ASP A 1 96 ? -10.294 8.288   -1.847  1.00 23.66  ? 96  ASP A O   1 
ATOM   743 C CB  . ASP A 1 96 ? -10.203 8.960   1.032   1.00 23.23  ? 96  ASP A CB  1 
ATOM   744 C CG  . ASP A 1 96 ? -11.641 9.369   1.209   1.00 25.18  ? 96  ASP A CG  1 
ATOM   745 O OD1 . ASP A 1 96 ? -11.931 10.262  2.040   1.00 22.60  ? 96  ASP A OD1 1 
ATOM   746 O OD2 . ASP A 1 96 ? -12.513 8.782   0.527   1.00 28.45  ? 96  ASP A OD2 1 
ATOM   747 N N   . PHE A 1 97 ? -11.435 6.421   -1.237  1.00 26.04  ? 97  PHE A N   1 
ATOM   748 C CA  . PHE A 1 97 ? -11.977 6.131   -2.567  1.00 27.81  ? 97  PHE A CA  1 
ATOM   749 C C   . PHE A 1 97 ? -13.112 7.074   -3.032  1.00 28.94  ? 97  PHE A C   1 
ATOM   750 O O   . PHE A 1 97 ? -13.334 7.250   -4.254  1.00 29.76  ? 97  PHE A O   1 
ATOM   751 C CB  . PHE A 1 97 ? -12.372 4.663   -2.604  1.00 28.78  ? 97  PHE A CB  1 
ATOM   752 C CG  . PHE A 1 97 ? -11.176 3.756   -2.691  1.00 28.04  ? 97  PHE A CG  1 
ATOM   753 C CD1 . PHE A 1 97 ? -10.474 3.656   -3.890  1.00 27.94  ? 97  PHE A CD1 1 
ATOM   754 C CD2 . PHE A 1 97 ? -10.749 3.048   -1.582  1.00 27.55  ? 97  PHE A CD2 1 
ATOM   755 C CE1 . PHE A 1 97 ? -9.319  2.833   -3.970  1.00 26.78  ? 97  PHE A CE1 1 
ATOM   756 C CE2 . PHE A 1 97 ? -9.611  2.220   -1.667  1.00 28.71  ? 97  PHE A CE2 1 
ATOM   757 C CZ  . PHE A 1 97 ? -8.926  2.123   -2.870  1.00 27.47  ? 97  PHE A CZ  1 
ATOM   758 N N   . ALA A 1 98 ? -13.671 7.802   -2.069  1.00 29.29  ? 98  ALA A N   1 
ATOM   759 C CA  . ALA A 1 98 ? -14.788 8.758   -2.293  1.00 29.45  ? 98  ALA A CA  1 
ATOM   760 C C   . ALA A 1 98 ? -14.312 10.135  -2.770  1.00 29.93  ? 98  ALA A C   1 
ATOM   761 O O   . ALA A 1 98 ? -15.103 11.057  -2.948  1.00 30.74  ? 98  ALA A O   1 
ATOM   762 C CB  . ALA A 1 98 ? -15.577 8.923   -0.994  1.00 28.93  ? 98  ALA A CB  1 
ATOM   763 N N   . CYS A 1 99 ? -13.013 10.318  -2.955  1.00 30.02  ? 99  CYS A N   1 
ATOM   764 C CA  . CYS A 1 99 ? -12.518 11.607  -3.437  1.00 29.89  ? 99  CYS A CA  1 
ATOM   765 C C   . CYS A 1 99 ? -11.346 11.528  -4.379  1.00 30.12  ? 99  CYS A C   1 
ATOM   766 O O   . CYS A 1 99 ? -10.721 10.440  -4.491  1.00 30.91  ? 99  CYS A O   1 
ATOM   767 C CB  . CYS A 1 99 ? -12.228 12.574  -2.244  1.00 30.79  ? 99  CYS A CB  1 
ATOM   768 S SG  . CYS A 1 99 ? -10.947 12.107  -1.010  1.00 30.93  ? 99  CYS A SG  1 
ATOM   769 O OXT . CYS A 1 99 ? -11.056 12.565  -5.006  1.00 30.06  ? 99  CYS A OXT 1 
HETATM 770 S S   . SO4 B 2 .  ? 9.821   -4.287  1.461   1.00 20.56  ? 100 SO4 A S   1 
HETATM 771 O O1  . SO4 B 2 .  ? 10.748  -4.108  2.551   1.00 21.53  ? 100 SO4 A O1  1 
HETATM 772 O O2  . SO4 B 2 .  ? 8.654   -4.744  2.255   1.00 30.82  ? 100 SO4 A O2  1 
HETATM 773 O O3  . SO4 B 2 .  ? 10.044  -5.391  0.520   1.00 23.39  ? 100 SO4 A O3  1 
HETATM 774 O O4  . SO4 B 2 .  ? 9.379   -3.135  0.824   1.00 24.44  ? 100 SO4 A O4  1 
HETATM 775 O O   . HOH C 3 .  ? 4.363   -11.371 -12.885 1.00 19.69  ? 101 HOH A O   1 
HETATM 776 O O   . HOH C 3 .  ? 2.787   0.179   -10.092 1.00 20.73  ? 102 HOH A O   1 
HETATM 777 O O   . HOH C 3 .  ? 8.654   2.264   -5.509  1.00 18.84  ? 103 HOH A O   1 
HETATM 778 O O   . HOH C 3 .  ? -4.662  -7.727  3.413   1.00 21.78  ? 104 HOH A O   1 
HETATM 779 O O   . HOH C 3 .  ? 8.583   -9.339  -13.123 1.00 22.66  ? 105 HOH A O   1 
HETATM 780 O O   . HOH C 3 .  ? 4.272   -0.247  11.178  1.00 21.63  ? 106 HOH A O   1 
HETATM 781 O O   . HOH C 3 .  ? -0.371  -8.523  9.018   1.00 23.74  ? 107 HOH A O   1 
HETATM 782 O O   . HOH C 3 .  ? -0.578  -5.199  13.341  1.00 28.24  ? 108 HOH A O   1 
HETATM 783 O O   . HOH C 3 .  ? -0.671  -7.525  11.593  1.00 27.40  ? 109 HOH A O   1 
HETATM 784 O O   . HOH C 3 .  ? 6.767   -6.481  7.381   1.00 25.87  ? 110 HOH A O   1 
HETATM 785 O O   . HOH C 3 .  ? 5.725   -5.569  -2.267  1.00 27.64  ? 111 HOH A O   1 
HETATM 786 O O   . HOH C 3 .  ? 4.471   8.416   2.647   1.00 25.99  ? 112 HOH A O   1 
HETATM 787 O O   . HOH C 3 .  ? 2.795   -4.369  -7.575  1.00 28.78  ? 113 HOH A O   1 
HETATM 788 O O   . HOH C 3 .  ? 8.046   6.453   11.266  1.00 28.64  ? 114 HOH A O   1 
HETATM 789 O O   . HOH C 3 .  ? 9.865   -12.273 -2.222  1.00 29.96  ? 115 HOH A O   1 
HETATM 790 O O   . HOH C 3 .  ? -8.923  2.761   2.199   1.00 28.50  ? 116 HOH A O   1 
HETATM 791 O O   . HOH C 3 .  ? -4.971  -8.917  -14.551 1.00 29.02  ? 117 HOH A O   1 
HETATM 792 O O   . HOH C 3 .  ? 6.007   0.875   9.363   1.00 27.51  ? 118 HOH A O   1 
HETATM 793 O O   . HOH C 3 .  ? -4.298  -8.246  -0.344  1.00 31.69  ? 119 HOH A O   1 
HETATM 794 O O   . HOH C 3 .  ? 9.846   4.346   11.180  1.00 28.26  ? 120 HOH A O   1 
HETATM 795 O O   . HOH C 3 .  ? 4.276   9.575   -4.214  1.00 34.12  ? 121 HOH A O   1 
HETATM 796 O O   . HOH C 3 .  ? 10.710  5.249   -4.633  1.00 28.28  ? 122 HOH A O   1 
HETATM 797 O O   . HOH C 3 .  ? 1.906   7.667   9.268   1.00 32.47  ? 123 HOH A O   1 
HETATM 798 O O   . HOH C 3 .  ? 2.022   -6.180  -13.763 1.00 30.13  ? 124 HOH A O   1 
HETATM 799 O O   . HOH C 3 .  ? 2.892   -3.419  -12.853 1.00 37.91  ? 125 HOH A O   1 
HETATM 800 O O   . HOH C 3 .  ? 9.992   0.934   -8.854  1.00 32.44  ? 126 HOH A O   1 
HETATM 801 O O   . HOH C 3 .  ? 2.780   -2.655  -10.181 1.00 34.99  ? 127 HOH A O   1 
HETATM 802 O O   . HOH C 3 .  ? 3.992   -13.834 3.448   1.00 35.59  ? 128 HOH A O   1 
HETATM 803 O O   . HOH C 3 .  ? 1.617   8.572   2.189   1.00 36.57  ? 129 HOH A O   1 
HETATM 804 O O   . HOH C 3 .  ? 12.284  4.870   5.023   1.00 29.52  ? 130 HOH A O   1 
HETATM 805 O O   . HOH C 3 .  ? 4.810   6.261   -8.567  1.00 35.16  ? 131 HOH A O   1 
HETATM 806 O O   . HOH C 3 .  ? -8.361  -3.989  1.107   1.00 37.25  ? 132 HOH A O   1 
HETATM 807 O O   . HOH C 3 .  ? -7.898  -9.388  13.732  1.00 44.88  ? 133 HOH A O   1 
HETATM 808 O O   . HOH C 3 .  ? 1.550   -8.449  12.518  1.00 40.21  ? 134 HOH A O   1 
HETATM 809 O O   . HOH C 3 .  ? 10.389  -10.654 -10.953 1.00 39.69  ? 135 HOH A O   1 
HETATM 810 O O   . HOH C 3 .  ? -2.824  3.704   -15.125 1.00 51.85  ? 136 HOH A O   1 
HETATM 811 O O   . HOH C 3 .  ? -4.921  15.091  3.730   1.00 51.34  ? 137 HOH A O   1 
HETATM 812 O O   . HOH C 3 .  ? -6.792  -1.312  10.113  1.00 49.65  ? 138 HOH A O   1 
HETATM 813 O O   . HOH C 3 .  ? -3.894  13.261  1.881   1.00 42.64  ? 139 HOH A O   1 
HETATM 814 O O   . HOH C 3 .  ? -8.797  1.170   -13.827 1.00 50.39  ? 140 HOH A O   1 
HETATM 815 O O   . HOH C 3 .  ? 15.501  1.318   -4.152  1.00 47.24  ? 141 HOH A O   1 
HETATM 816 O O   . HOH C 3 .  ? 2.726   0.827   -12.881 1.00 34.17  ? 142 HOH A O   1 
HETATM 817 O O   . HOH C 3 .  ? 1.084   -12.428 -4.887  1.00 43.44  ? 143 HOH A O   1 
HETATM 818 O O   . HOH C 3 .  ? -8.013  4.191   8.021   1.00 45.88  ? 144 HOH A O   1 
HETATM 819 O O   . HOH C 3 .  ? 8.442   -8.696  7.647   1.00 39.56  ? 145 HOH A O   1 
HETATM 820 O O   . HOH C 3 .  ? -0.510  -13.517 15.675  1.00 51.85  ? 146 HOH A O   1 
HETATM 821 O O   . HOH C 3 .  ? -2.611  -10.672 -3.535  1.00 42.73  ? 147 HOH A O   1 
HETATM 822 O O   . HOH C 3 .  ? -9.214  -3.992  -13.032 1.00 119.01 ? 148 HOH A O   1 
HETATM 823 O O   . HOH C 3 .  ? -12.245 4.298   1.589   1.00 39.75  ? 149 HOH A O   1 
# 
loop_
_atom_site_anisotrop.id 
_atom_site_anisotrop.type_symbol 
_atom_site_anisotrop.pdbx_label_atom_id 
_atom_site_anisotrop.pdbx_label_alt_id 
_atom_site_anisotrop.pdbx_label_comp_id 
_atom_site_anisotrop.pdbx_label_asym_id 
_atom_site_anisotrop.pdbx_label_seq_id 
_atom_site_anisotrop.pdbx_PDB_ins_code 
_atom_site_anisotrop.U[1][1] 
_atom_site_anisotrop.U[2][2] 
_atom_site_anisotrop.U[3][3] 
_atom_site_anisotrop.U[1][2] 
_atom_site_anisotrop.U[1][3] 
_atom_site_anisotrop.U[2][3] 
_atom_site_anisotrop.pdbx_auth_seq_id 
_atom_site_anisotrop.pdbx_auth_comp_id 
_atom_site_anisotrop.pdbx_auth_asym_id 
_atom_site_anisotrop.pdbx_auth_atom_id 
1   N N   . VAL A 3  ? 0.7474 0.7512 0.7484 -0.0007 -0.0011 -0.0030 3   VAL A N   
2   C CA  . VAL A 3  ? 0.7448 0.7481 0.7461 -0.0018 0.0021  0.0012  3   VAL A CA  
3   C C   . VAL A 3  ? 0.7402 0.7455 0.7440 -0.0011 -0.0015 0.0010  3   VAL A C   
4   O O   . VAL A 3  ? 0.7480 0.7608 0.7603 -0.0046 0.0016  0.0063  3   VAL A O   
5   N N   . LYS A 4  ? 0.7321 0.7320 0.7343 -0.0010 -0.0001 0.0016  4   LYS A N   
6   C CA  . LYS A 4  ? 0.7167 0.7196 0.7213 -0.0013 -0.0017 -0.0011 4   LYS A CA  
7   C C   . LYS A 4  ? 0.6995 0.6983 0.7046 0.0051  0.0007  0.0003  4   LYS A C   
8   O O   . LYS A 4  ? 0.6961 0.7002 0.7090 0.0049  0.0023  -0.0005 4   LYS A O   
9   C CB  . LYS A 4  ? 0.7207 0.7228 0.7251 0.0006  0.0004  -0.0016 4   LYS A CB  
10  C CG  . LYS A 4  ? 0.7325 0.7302 0.7355 -0.0037 -0.0008 -0.0016 4   LYS A CG  
11  C CD  . LYS A 4  ? 0.7446 0.7445 0.7507 0.0008  -0.0065 -0.0003 4   LYS A CD  
12  C CE  . LYS A 4  ? 0.7431 0.7456 0.7524 -0.0008 -0.0049 0.0021  4   LYS A CE  
13  N NZ  . LYS A 4  ? 0.7415 0.7465 0.7586 -0.0047 -0.0071 -0.0004 4   LYS A NZ  
14  N N   . ALA A 5  ? 0.6714 0.6743 0.6786 -0.0003 -0.0028 -0.0031 5   ALA A N   
15  C CA  . ALA A 5  ? 0.6533 0.6475 0.6484 0.0009  0.0009  -0.0034 5   ALA A CA  
16  C C   . ALA A 5  ? 0.6174 0.6186 0.6259 -0.0016 -0.0033 -0.0063 5   ALA A C   
17  O O   . ALA A 5  ? 0.6259 0.6170 0.6277 -0.0025 0.0032  -0.0106 5   ALA A O   
18  C CB  . ALA A 5  ? 0.6475 0.6499 0.6528 0.0012  -0.0033 -0.0042 5   ALA A CB  
19  N N   . VAL A 6  ? 0.5889 0.5828 0.5797 0.0016  0.0025  -0.0078 6   VAL A N   
20  C CA  . VAL A 6  ? 0.5490 0.5527 0.5528 0.0020  -0.0021 -0.0110 6   VAL A CA  
21  C C   . VAL A 6  ? 0.5220 0.5230 0.5084 -0.0052 -0.0012 -0.0248 6   VAL A C   
22  O O   . VAL A 6  ? 0.5215 0.5304 0.5024 0.0101  -0.0024 -0.0555 6   VAL A O   
23  C CB  . VAL A 6  ? 0.5468 0.5519 0.5513 0.0002  0.0017  -0.0061 6   VAL A CB  
24  C CG1 . VAL A 6  ? 0.5338 0.5582 0.5581 -0.0006 0.0003  -0.0125 6   VAL A CG1 
25  C CG2 . VAL A 6  ? 0.5507 0.5562 0.5605 0.0017  -0.0028 -0.0026 6   VAL A CG2 
26  N N   . GLY A 7  ? 0.4828 0.4789 0.4751 -0.0013 -0.0147 -0.0254 7   GLY A N   
27  C CA  . GLY A 7  ? 0.4554 0.4574 0.4511 -0.0026 -0.0120 -0.0284 7   GLY A CA  
28  C C   . GLY A 7  ? 0.4162 0.4353 0.4336 0.0017  -0.0180 -0.0192 7   GLY A C   
29  O O   . GLY A 7  ? 0.3652 0.4316 0.3857 -0.0056 -0.0321 -0.0689 7   GLY A O   
30  N N   . ARG A 8  ? 0.4187 0.4238 0.4228 -0.0039 -0.0145 -0.0254 8   ARG A N   
31  C CA  . ARG A 8  ? 0.3826 0.4007 0.4152 0.0113  -0.0130 -0.0112 8   ARG A CA  
32  C C   . ARG A 8  ? 0.3393 0.3708 0.3982 0.0190  -0.0194 -0.0103 8   ARG A C   
33  O O   . ARG A 8  ? 0.3397 0.3502 0.4458 0.0384  -0.0238 -0.0089 8   ARG A O   
34  C CB  . ARG A 8  ? 0.3995 0.4208 0.4286 0.0042  -0.0031 -0.0107 8   ARG A CB  
35  C CG  . ARG A 8  ? 0.4333 0.4397 0.4593 0.0040  -0.0084 -0.0120 8   ARG A CG  
36  C CD  . ARG A 8  ? 0.4453 0.4801 0.4896 -0.0087 0.0100  -0.0019 8   ARG A CD  
37  N NE  . ARG A 8  ? 0.4612 0.4971 0.5155 0.0094  0.0123  -0.0041 8   ARG A NE  
38  C CZ  . ARG A 8  ? 0.5110 0.5253 0.5395 0.0063  -0.0001 -0.0053 8   ARG A CZ  
39  N NH1 . ARG A 8  ? 0.5084 0.5245 0.5587 0.0200  -0.0032 0.0117  8   ARG A NH1 
40  N NH2 . ARG A 8  ? 0.5272 0.5178 0.5691 0.0194  0.0070  0.0033  8   ARG A NH2 
41  N N   . VAL A 9  ? 0.2965 0.3463 0.3799 0.0264  -0.0113 -0.0121 9   VAL A N   
42  C CA  . VAL A 9  ? 0.2982 0.3268 0.3512 0.0222  -0.0162 -0.0169 9   VAL A CA  
43  C C   . VAL A 9  ? 0.3164 0.3365 0.3577 0.0163  -0.0126 -0.0183 9   VAL A C   
44  O O   . VAL A 9  ? 0.2743 0.3343 0.3316 0.0166  -0.0302 -0.0351 9   VAL A O   
45  C CB  . VAL A 9  ? 0.3136 0.3523 0.3605 0.0035  -0.0111 -0.0131 9   VAL A CB  
46  C CG1 . VAL A 9  ? 0.3072 0.3495 0.3710 0.0282  -0.0007 -0.0141 9   VAL A CG1 
47  C CG2 . VAL A 9  ? 0.2910 0.3699 0.3438 0.0026  -0.0130 -0.0215 9   VAL A CG2 
48  N N   . CYS A 10 ? 0.3401 0.3573 0.3604 0.0163  -0.0214 -0.0199 10  CYS A N   
49  C CA  . CYS A 10 ? 0.3483 0.3546 0.3811 0.0225  -0.0110 -0.0172 10  CYS A CA  
50  C C   . CYS A 10 ? 0.3590 0.3450 0.3978 0.0310  -0.0125 -0.0207 10  CYS A C   
51  O O   . CYS A 10 ? 0.3385 0.3211 0.4207 0.0660  -0.0151 -0.0431 10  CYS A O   
52  C CB  . CYS A 10 ? 0.3481 0.3395 0.3882 0.0364  -0.0042 -0.0278 10  CYS A CB  
53  S SG  . CYS A 10 ? 0.3513 0.2985 0.4850 0.1135  0.0232  -0.0560 10  CYS A SG  
54  N N   . TYR A 11 ? 0.3626 0.3634 0.4013 0.0282  -0.0179 -0.0186 11  TYR A N   
55  C CA  . TYR A 11 ? 0.3684 0.3728 0.3984 0.0323  -0.0134 -0.0134 11  TYR A CA  
56  C C   . TYR A 11 ? 0.3785 0.3834 0.4098 0.0363  -0.0144 -0.0086 11  TYR A C   
57  O O   . TYR A 11 ? 0.3538 0.3699 0.4279 0.0696  -0.0303 -0.0341 11  TYR A O   
58  C CB  . TYR A 11 ? 0.3661 0.3661 0.3939 0.0363  -0.0142 -0.0206 11  TYR A CB  
59  C CG  . TYR A 11 ? 0.4018 0.3936 0.3958 0.0436  -0.0298 -0.0253 11  TYR A CG  
60  C CD1 . TYR A 11 ? 0.4056 0.3778 0.4146 0.0708  -0.0411 -0.0170 11  TYR A CD1 
61  C CD2 . TYR A 11 ? 0.4002 0.4082 0.4183 0.0612  -0.0352 -0.0371 11  TYR A CD2 
62  C CE1 . TYR A 11 ? 0.4272 0.4299 0.4161 0.0576  -0.0164 -0.0125 11  TYR A CE1 
63  C CE2 . TYR A 11 ? 0.3881 0.4242 0.4180 0.0658  -0.0091 -0.0371 11  TYR A CE2 
64  C CZ  . TYR A 11 ? 0.4412 0.4117 0.4164 0.0565  -0.0106 -0.0388 11  TYR A CZ  
65  O OH  . TYR A 11 ? 0.4460 0.4025 0.4391 0.0836  -0.0372 -0.0678 11  TYR A OH  
66  N N   . SER A 12 ? 0.3946 0.3960 0.4401 0.0425  -0.0086 -0.0066 12  SER A N   
67  C CA  . SER A 12 ? 0.4137 0.3960 0.4368 0.0331  -0.0057 0.0013  12  SER A CA  
68  C C   . SER A 12 ? 0.4195 0.3948 0.4353 0.0424  0.0011  0.0049  12  SER A C   
69  O O   . SER A 12 ? 0.4241 0.3808 0.4601 0.0685  0.0191  0.0162  12  SER A O   
70  C CB  . SER A 12 ? 0.4140 0.4118 0.4499 0.0363  -0.0121 0.0044  12  SER A CB  
71  O OG  A SER A 12 ? 0.4623 0.4185 0.5033 0.0362  -0.0293 -0.0022 12  SER A OG  
72  O OG  B SER A 12 ? 0.4472 0.4189 0.4995 0.0385  -0.0287 0.0058  12  SER A OG  
73  N N   . ALA A 13 ? 0.4143 0.3954 0.4306 0.0313  0.0075  -0.0062 13  ALA A N   
74  C CA  . ALA A 13 ? 0.4058 0.3957 0.4293 0.0249  0.0020  0.0020  13  ALA A CA  
75  C C   . ALA A 13 ? 0.4037 0.3935 0.4385 0.0258  -0.0049 0.0029  13  ALA A C   
76  O O   . ALA A 13 ? 0.4039 0.3804 0.4745 0.0324  -0.0019 0.0044  13  ALA A O   
77  C CB  . ALA A 13 ? 0.4106 0.3929 0.4306 0.0179  -0.0006 0.0055  13  ALA A CB  
78  N N   . LEU A 14 ? 0.3855 0.3855 0.4241 0.0324  -0.0062 -0.0013 14  LEU A N   
79  C CA  . LEU A 14 ? 0.3836 0.3913 0.4162 0.0288  -0.0072 -0.0009 14  LEU A CA  
80  C C   . LEU A 14 ? 0.4044 0.4020 0.4161 0.0281  -0.0063 0.0052  14  LEU A C   
81  O O   . LEU A 14 ? 0.4278 0.3870 0.4684 0.0506  -0.0289 0.0299  14  LEU A O   
82  C CB  . LEU A 14 ? 0.3493 0.3715 0.3834 0.0437  -0.0085 -0.0037 14  LEU A CB  
83  C CG  . LEU A 14 ? 0.3283 0.3529 0.3903 0.0423  -0.0073 -0.0039 14  LEU A CG  
84  C CD1 . LEU A 14 ? 0.3318 0.3344 0.3966 0.0619  -0.0043 -0.0071 14  LEU A CD1 
85  C CD2 . LEU A 14 ? 0.3472 0.3708 0.3405 0.0409  -0.0091 -0.0103 14  LEU A CD2 
86  N N   . PRO A 15 ? 0.4081 0.4096 0.4209 0.0183  -0.0042 0.0025  15  PRO A N   
87  C CA  . PRO A 15 ? 0.4095 0.4011 0.4062 0.0138  -0.0048 0.0049  15  PRO A CA  
88  C C   . PRO A 15 ? 0.3991 0.3872 0.3912 0.0167  -0.0084 0.0103  15  PRO A C   
89  O O   . PRO A 15 ? 0.4116 0.3638 0.3113 0.0369  -0.0162 0.0214  15  PRO A O   
90  C CB  . PRO A 15 ? 0.4122 0.4192 0.4221 0.0009  -0.0080 0.0007  15  PRO A CB  
91  C CG  . PRO A 15 ? 0.4199 0.4327 0.4267 0.0074  -0.0002 0.0016  15  PRO A CG  
92  C CD  . PRO A 15 ? 0.4112 0.4127 0.4183 0.0170  0.0004  -0.0016 15  PRO A CD  
93  N N   . SER A 16 ? 0.4040 0.3619 0.3885 0.0185  -0.0043 0.0089  16  SER A N   
94  C CA  . SER A 16 ? 0.4004 0.3761 0.3986 0.0165  -0.0085 0.0130  16  SER A CA  
95  C C   . SER A 16 ? 0.3853 0.3553 0.3930 0.0150  -0.0193 0.0100  16  SER A C   
96  O O   . SER A 16 ? 0.3815 0.3399 0.3861 0.0332  -0.0386 0.0110  16  SER A O   
97  C CB  . SER A 16 ? 0.4179 0.3885 0.4062 0.0091  -0.0067 0.0127  16  SER A CB  
98  O OG  . SER A 16 ? 0.4335 0.3911 0.4499 0.0263  -0.0157 0.0484  16  SER A OG  
99  N N   . GLN A 17 ? 0.3718 0.3454 0.3886 0.0192  -0.0092 0.0054  17  GLN A N   
100 C CA  . GLN A 17 ? 0.3567 0.3393 0.3590 0.0138  -0.0082 -0.0003 17  GLN A CA  
101 C C   . GLN A 17 ? 0.3437 0.3153 0.3328 0.0226  -0.0161 -0.0055 17  GLN A C   
102 O O   . GLN A 17 ? 0.3351 0.2973 0.2998 0.0397  -0.0248 -0.0155 17  GLN A O   
103 C CB  . GLN A 17 ? 0.3567 0.3438 0.3705 0.0259  -0.0066 0.0046  17  GLN A CB  
104 C CG  . GLN A 17 ? 0.3989 0.3514 0.3829 0.0200  -0.0053 0.0187  17  GLN A CG  
105 C CD  . GLN A 17 ? 0.4542 0.3609 0.4020 0.0279  0.0034  0.0395  17  GLN A CD  
106 O OE1 . GLN A 17 ? 0.5248 0.3217 0.3940 0.0409  0.0080  0.0684  17  GLN A OE1 
107 N NE2 . GLN A 17 ? 0.4545 0.3762 0.4040 0.0449  0.0113  0.0542  17  GLN A NE2 
108 N N   . ALA A 18 ? 0.3065 0.2802 0.2982 0.0277  -0.0134 -0.0011 18  ALA A N   
109 C CA  . ALA A 18 ? 0.2922 0.2835 0.2862 0.0241  -0.0101 -0.0169 18  ALA A CA  
110 C C   . ALA A 18 ? 0.2964 0.2769 0.2828 0.0338  -0.0158 -0.0213 18  ALA A C   
111 O O   . ALA A 18 ? 0.2690 0.2755 0.2890 0.0554  -0.0314 -0.0476 18  ALA A O   
112 C CB  . ALA A 18 ? 0.2880 0.2817 0.2873 0.0199  -0.0164 -0.0239 18  ALA A CB  
113 N N   . HIS A 19 ? 0.3176 0.2987 0.3124 0.0271  -0.0189 -0.0112 19  HIS A N   
114 C CA  . HIS A 19 ? 0.3236 0.2928 0.3219 0.0223  -0.0251 -0.0110 19  HIS A CA  
115 C C   . HIS A 19 ? 0.3068 0.2890 0.3091 0.0334  -0.0381 -0.0009 19  HIS A C   
116 O O   . HIS A 19 ? 0.3091 0.2534 0.3092 0.0575  -0.0662 -0.0025 19  HIS A O   
117 C CB  . HIS A 19 ? 0.3444 0.3176 0.3411 0.0237  -0.0387 -0.0039 19  HIS A CB  
118 C CG  . HIS A 19 ? 0.3844 0.3422 0.3929 0.0327  -0.0206 -0.0206 19  HIS A CG  
119 N ND1 . HIS A 19 ? 0.4311 0.4020 0.4268 0.0391  -0.0299 -0.0186 19  HIS A ND1 
120 C CD2 . HIS A 19 ? 0.4058 0.3710 0.4155 0.0302  -0.0294 -0.0060 19  HIS A CD2 
121 C CE1 . HIS A 19 ? 0.4181 0.3838 0.4066 0.0311  -0.0144 -0.0330 19  HIS A CE1 
122 N NE2 . HIS A 19 ? 0.4492 0.3860 0.4416 0.0266  -0.0176 -0.0158 19  HIS A NE2 
123 N N   . ASP A 20 ? 0.3167 0.2927 0.2883 0.0330  -0.0448 -0.0092 20  ASP A N   
124 C CA  . ASP A 20 ? 0.3220 0.3048 0.3065 0.0199  -0.0306 -0.0100 20  ASP A CA  
125 C C   . ASP A 20 ? 0.2977 0.2944 0.2773 0.0263  -0.0308 -0.0156 20  ASP A C   
126 O O   . ASP A 20 ? 0.2862 0.2979 0.2556 0.0502  -0.0416 -0.0209 20  ASP A O   
127 C CB  . ASP A 20 ? 0.3257 0.3112 0.3132 0.0175  -0.0308 -0.0097 20  ASP A CB  
128 C CG  . ASP A 20 ? 0.3982 0.3543 0.3549 0.0170  -0.0321 0.0080  20  ASP A CG  
129 O OD1 . ASP A 20 ? 0.4730 0.4172 0.3940 0.0231  -0.0802 0.0434  20  ASP A OD1 
130 O OD2 . ASP A 20 ? 0.4424 0.3849 0.3214 0.0273  -0.0273 0.0497  20  ASP A OD2 
131 N N   . THR A 21 ? 0.2816 0.2593 0.2819 0.0284  -0.0295 -0.0262 21  THR A N   
132 C CA  . THR A 21 ? 0.2508 0.2560 0.2473 0.0244  -0.0196 -0.0341 21  THR A CA  
133 C C   . THR A 21 ? 0.2448 0.2431 0.2515 0.0277  -0.0287 -0.0334 21  THR A C   
134 O O   . THR A 21 ? 0.2202 0.2257 0.2603 0.0519  -0.0361 -0.0752 21  THR A O   
135 C CB  . THR A 21 ? 0.2507 0.2586 0.2560 0.0194  -0.0174 -0.0314 21  THR A CB  
136 O OG1 . THR A 21 ? 0.2315 0.3047 0.2491 0.0149  -0.0456 -0.0115 21  THR A OG1 
137 C CG2 . THR A 21 ? 0.2012 0.2539 0.2509 0.0164  0.0006  -0.0303 21  THR A CG2 
138 N N   . LEU A 22 ? 0.2435 0.2334 0.2583 0.0353  -0.0170 -0.0403 22  LEU A N   
139 C CA  . LEU A 22 ? 0.2489 0.2460 0.2739 0.0222  -0.0198 -0.0291 22  LEU A CA  
140 C C   . LEU A 22 ? 0.2316 0.2528 0.2957 0.0394  -0.0147 -0.0362 22  LEU A C   
141 O O   . LEU A 22 ? 0.2318 0.2726 0.3225 0.0317  -0.0467 -0.0626 22  LEU A O   
142 C CB  . LEU A 22 ? 0.2621 0.2631 0.2928 0.0278  -0.0080 -0.0373 22  LEU A CB  
143 C CG  . LEU A 22 ? 0.2753 0.2670 0.2950 0.0060  -0.0163 -0.0258 22  LEU A CG  
144 C CD1 . LEU A 22 ? 0.3315 0.3169 0.3394 0.0314  -0.0114 -0.0230 22  LEU A CD1 
145 C CD2 . LEU A 22 ? 0.2705 0.2766 0.2685 0.0045  -0.0179 -0.0606 22  LEU A CD2 
146 N N   . ASP A 23 ? 0.2365 0.2628 0.2986 0.0421  -0.0232 -0.0367 23  ASP A N   
147 C CA  . ASP A 23 ? 0.2545 0.2728 0.3099 0.0287  -0.0119 -0.0350 23  ASP A CA  
148 C C   . ASP A 23 ? 0.2458 0.2765 0.3109 0.0227  -0.0156 -0.0333 23  ASP A C   
149 O O   . ASP A 23 ? 0.2151 0.2910 0.3182 0.0408  0.0032  -0.0527 23  ASP A O   
150 C CB  . ASP A 23 ? 0.2891 0.2768 0.3156 0.0284  -0.0278 -0.0403 23  ASP A CB  
151 C CG  . ASP A 23 ? 0.3232 0.3408 0.3707 0.0485  -0.0406 -0.0151 23  ASP A CG  
152 O OD1 . ASP A 23 ? 0.3179 0.4134 0.4129 0.0963  -0.0499 -0.0202 23  ASP A OD1 
153 O OD2 . ASP A 23 ? 0.3792 0.3124 0.4514 0.0490  -0.0696 0.0102  23  ASP A OD2 
154 N N   . LEU A 24 ? 0.2135 0.2626 0.2761 0.0211  -0.0139 -0.0447 24  LEU A N   
155 C CA  . LEU A 24 ? 0.2100 0.2468 0.2507 0.0040  -0.0259 -0.0436 24  LEU A CA  
156 C C   . LEU A 24 ? 0.1801 0.2575 0.2482 0.0023  -0.0154 -0.0504 24  LEU A C   
157 O O   . LEU A 24 ? 0.1846 0.2741 0.2464 0.0050  -0.0058 -0.1054 24  LEU A O   
158 C CB  . LEU A 24 ? 0.1954 0.2087 0.2262 0.0170  -0.0066 -0.0576 24  LEU A CB  
159 C CG  . LEU A 24 ? 0.2491 0.2410 0.2594 0.0063  -0.0212 -0.0366 24  LEU A CG  
160 C CD1 . LEU A 24 ? 0.2537 0.2962 0.2562 0.0164  0.0119  -0.0508 24  LEU A CD1 
161 C CD2 . LEU A 24 ? 0.2536 0.2981 0.2499 0.0254  0.0124  -0.0641 24  LEU A CD2 
162 N N   . ILE A 25 ? 0.1750 0.2470 0.2479 0.0073  -0.0158 -0.0551 25  ILE A N   
163 C CA  . ILE A 25 ? 0.1984 0.2570 0.2592 -0.0061 -0.0161 -0.0538 25  ILE A CA  
164 C C   . ILE A 25 ? 0.2191 0.2794 0.2675 -0.0061 -0.0064 -0.0589 25  ILE A C   
165 O O   . ILE A 25 ? 0.1645 0.3157 0.2865 -0.0169 -0.0085 -0.0789 25  ILE A O   
166 C CB  . ILE A 25 ? 0.2061 0.2718 0.2451 -0.0042 -0.0091 -0.0550 25  ILE A CB  
167 C CG1 . ILE A 25 ? 0.2063 0.2466 0.2472 0.0038  -0.0113 -0.0658 25  ILE A CG1 
168 C CG2 . ILE A 25 ? 0.2307 0.2809 0.2771 -0.0291 -0.0134 -0.0542 25  ILE A CG2 
169 C CD1 . ILE A 25 ? 0.1806 0.2501 0.2403 -0.0165 -0.0271 -0.0573 25  ILE A CD1 
170 N N   . ASP A 26 ? 0.2649 0.3037 0.3066 0.0033  -0.0162 -0.0558 26  ASP A N   
171 C CA  . ASP A 26 ? 0.2891 0.3176 0.3234 -0.0011 -0.0043 -0.0454 26  ASP A CA  
172 C C   . ASP A 26 ? 0.2931 0.3127 0.3188 -0.0016 -0.0071 -0.0522 26  ASP A C   
173 O O   . ASP A 26 ? 0.2530 0.3204 0.3341 0.0221  0.0119  -0.1022 26  ASP A O   
174 C CB  . ASP A 26 ? 0.3225 0.3497 0.3513 -0.0035 -0.0137 -0.0400 26  ASP A CB  
175 C CG  . ASP A 26 ? 0.3528 0.4717 0.4351 -0.0196 -0.0066 -0.0233 26  ASP A CG  
176 O OD1 . ASP A 26 ? 0.4061 0.5706 0.4906 -0.0354 0.0263  -0.0028 26  ASP A OD1 
177 O OD2 . ASP A 26 ? 0.4399 0.6020 0.4773 0.0013  -0.0429 0.0040  26  ASP A OD2 
178 N N   . GLU A 27 ? 0.2886 0.3173 0.3217 0.0062  -0.0118 -0.0553 27  GLU A N   
179 C CA  . GLU A 27 ? 0.2981 0.3104 0.3200 0.0052  -0.0164 -0.0420 27  GLU A CA  
180 C C   . GLU A 27 ? 0.2795 0.3115 0.3191 0.0041  -0.0128 -0.0508 27  GLU A C   
181 O O   . GLU A 27 ? 0.2255 0.2941 0.3549 0.0159  -0.0405 -0.0762 27  GLU A O   
182 C CB  . GLU A 27 ? 0.3269 0.3375 0.3344 0.0030  -0.0173 -0.0350 27  GLU A CB  
183 C CG  . GLU A 27 ? 0.3912 0.3782 0.4084 0.0217  -0.0199 -0.0237 27  GLU A CG  
184 C CD  . GLU A 27 ? 0.4981 0.4857 0.4744 -0.0017 -0.0038 0.0070  27  GLU A CD  
185 O OE1 . GLU A 27 ? 0.5064 0.5600 0.5856 -0.0095 -0.0298 0.0024  27  GLU A OE1 
186 O OE2 . GLU A 27 ? 0.5734 0.5287 0.5331 -0.0206 -0.0389 -0.0229 27  GLU A OE2 
187 N N   . GLY A 28 ? 0.2707 0.2928 0.3000 0.0160  -0.0110 -0.0458 28  GLY A N   
188 C CA  . GLY A 28 ? 0.2550 0.2948 0.2811 0.0049  -0.0024 -0.0257 28  GLY A CA  
189 C C   . GLY A 28 ? 0.2426 0.2740 0.2653 0.0053  -0.0024 -0.0268 28  GLY A C   
190 O O   . GLY A 28 ? 0.2208 0.3022 0.3052 0.0288  0.0086  -0.0196 28  GLY A O   
191 N N   . GLY A 29 ? 0.2139 0.2614 0.2320 0.0108  -0.0179 -0.0338 29  GLY A N   
192 C CA  . GLY A 29 ? 0.2371 0.2466 0.2455 0.0043  -0.0082 -0.0271 29  GLY A CA  
193 C C   . GLY A 29 ? 0.2396 0.2491 0.2467 0.0082  -0.0154 -0.0231 29  GLY A C   
194 O O   . GLY A 29 ? 0.2235 0.2319 0.2673 0.0070  -0.0246 -0.0385 29  GLY A O   
195 N N   . PRO A 30 ? 0.2369 0.2570 0.2468 0.0142  -0.0175 -0.0194 30  PRO A N   
196 C CA  . PRO A 30 ? 0.2334 0.2469 0.2470 0.0101  -0.0153 -0.0218 30  PRO A CA  
197 C C   . PRO A 30 ? 0.2358 0.2388 0.2411 0.0133  -0.0162 -0.0213 30  PRO A C   
198 O O   . PRO A 30 ? 0.2567 0.2382 0.2681 0.0105  -0.0448 -0.0238 30  PRO A O   
199 C CB  . PRO A 30 ? 0.2399 0.2444 0.2406 0.0204  -0.0141 -0.0240 30  PRO A CB  
200 C CG  . PRO A 30 ? 0.2674 0.2597 0.2524 -0.0055 -0.0128 -0.0089 30  PRO A CG  
201 C CD  . PRO A 30 ? 0.2516 0.2590 0.2465 0.0193  -0.0189 -0.0218 30  PRO A CD  
202 N N   . PHE A 31 ? 0.2057 0.2150 0.2215 0.0254  -0.0200 -0.0292 31  PHE A N   
203 C CA  . PHE A 31 ? 0.1894 0.2259 0.2217 0.0149  -0.0061 -0.0142 31  PHE A CA  
204 C C   . PHE A 31 ? 0.2094 0.2477 0.2214 0.0105  -0.0037 -0.0168 31  PHE A C   
205 O O   . PHE A 31 ? 0.2139 0.2716 0.2388 0.0144  -0.0151 -0.0584 31  PHE A O   
206 C CB  . PHE A 31 ? 0.1631 0.2232 0.1988 0.0181  -0.0028 -0.0447 31  PHE A CB  
207 C CG  . PHE A 31 ? 0.1889 0.2768 0.1842 0.0250  -0.0181 -0.0325 31  PHE A CG  
208 C CD1 . PHE A 31 ? 0.2005 0.2974 0.2364 0.0193  -0.0006 -0.0559 31  PHE A CD1 
209 C CD2 . PHE A 31 ? 0.2207 0.2971 0.1858 0.0263  -0.0114 -0.0362 31  PHE A CD2 
210 C CE1 . PHE A 31 ? 0.2380 0.3136 0.2453 0.0127  0.0005  -0.0371 31  PHE A CE1 
211 C CE2 . PHE A 31 ? 0.2070 0.2956 0.2401 0.0640  -0.0083 -0.0226 31  PHE A CE2 
212 C CZ  . PHE A 31 ? 0.2112 0.3105 0.2354 0.0444  0.0182  -0.0414 31  PHE A CZ  
213 N N   . PRO A 32 ? 0.2153 0.2608 0.2216 -0.0016 0.0075  -0.0121 32  PRO A N   
214 C CA  . PRO A 32 ? 0.2248 0.2706 0.2433 0.0005  0.0030  -0.0146 32  PRO A CA  
215 C C   . PRO A 32 ? 0.2050 0.2601 0.2226 0.0005  0.0099  -0.0246 32  PRO A C   
216 O O   . PRO A 32 ? 0.1775 0.3259 0.2198 -0.0080 0.0310  -0.0381 32  PRO A O   
217 C CB  . PRO A 32 ? 0.2542 0.2821 0.2509 -0.0113 0.0128  -0.0029 32  PRO A CB  
218 C CG  . PRO A 32 ? 0.2453 0.2526 0.2637 0.0022  0.0003  0.0052  32  PRO A CG  
219 C CD  . PRO A 32 ? 0.2373 0.2754 0.2336 -0.0123 -0.0073 -0.0095 32  PRO A CD  
220 N N   . TYR A 33 ? 0.1553 0.2188 0.1950 0.0056  0.0203  -0.0265 33  TYR A N   
221 C CA  . TYR A 33 ? 0.1552 0.2113 0.1879 0.0062  0.0177  -0.0291 33  TYR A CA  
222 C C   . TYR A 33 ? 0.1567 0.1973 0.1764 0.0139  0.0115  -0.0376 33  TYR A C   
223 O O   . TYR A 33 ? 0.1218 0.2282 0.2108 0.0075  0.0207  -0.0494 33  TYR A O   
224 C CB  . TYR A 33 ? 0.1534 0.2100 0.1793 0.0062  0.0258  -0.0348 33  TYR A CB  
225 C CG  . TYR A 33 ? 0.1911 0.2412 0.1789 -0.0091 0.0163  -0.0393 33  TYR A CG  
226 C CD1 . TYR A 33 ? 0.1809 0.2487 0.2827 0.0041  0.0152  -0.0391 33  TYR A CD1 
227 C CD2 . TYR A 33 ? 0.1874 0.2408 0.1838 0.0118  0.0499  -0.0457 33  TYR A CD2 
228 C CE1 . TYR A 33 ? 0.2026 0.3256 0.2521 0.0124  0.0382  -0.0154 33  TYR A CE1 
229 C CE2 . TYR A 33 ? 0.2692 0.2560 0.2236 -0.0056 0.0146  -0.0356 33  TYR A CE2 
230 C CZ  . TYR A 33 ? 0.2809 0.2733 0.2482 -0.0184 0.0417  -0.0230 33  TYR A CZ  
231 O OH  . TYR A 33 ? 0.3624 0.3963 0.3330 -0.0913 0.0897  -0.0240 33  TYR A OH  
232 N N   . SER A 34 ? 0.1368 0.2130 0.1851 0.0209  0.0253  -0.0321 34  SER A N   
233 C CA  . SER A 34 ? 0.1668 0.2088 0.1985 0.0260  0.0011  -0.0319 34  SER A CA  
234 C C   . SER A 34 ? 0.1622 0.1988 0.1898 0.0296  0.0044  -0.0216 34  SER A C   
235 O O   . SER A 34 ? 0.1653 0.2118 0.2022 0.0195  0.0209  -0.0462 34  SER A O   
236 C CB  . SER A 34 ? 0.1853 0.2050 0.2092 0.0467  -0.0109 -0.0356 34  SER A CB  
237 O OG  . SER A 34 ? 0.1849 0.2885 0.2887 0.0602  -0.0262 -0.0636 34  SER A OG  
238 N N   . GLN A 35 ? 0.1474 0.1986 0.1962 0.0175  -0.0129 -0.0139 35  GLN A N   
239 C CA  . GLN A 35 ? 0.1680 0.1912 0.1944 0.0144  -0.0150 -0.0161 35  GLN A CA  
240 C C   . GLN A 35 ? 0.1646 0.2055 0.1978 0.0160  -0.0081 -0.0204 35  GLN A C   
241 O O   . GLN A 35 ? 0.1781 0.2667 0.1747 0.0112  -0.0268 -0.0475 35  GLN A O   
242 C CB  . GLN A 35 ? 0.1998 0.2022 0.2072 0.0091  -0.0261 -0.0164 35  GLN A CB  
243 C CG  . GLN A 35 ? 0.1836 0.2105 0.2420 0.0023  -0.0195 -0.0380 35  GLN A CG  
244 C CD  . GLN A 35 ? 0.1827 0.2458 0.2962 -0.0014 -0.0038 -0.0625 35  GLN A CD  
245 O OE1 . GLN A 35 ? 0.1601 0.2598 0.3311 0.0213  0.0070  -0.0682 35  GLN A OE1 
246 N NE2 . GLN A 35 ? 0.1969 0.2691 0.3476 0.0464  -0.0335 -0.0881 35  GLN A NE2 
247 N N   . ASP A 36 ? 0.1583 0.1839 0.1687 0.0264  0.0137  -0.0353 36  ASP A N   
248 C CA  . ASP A 36 ? 0.1534 0.1665 0.1762 0.0222  0.0049  -0.0237 36  ASP A CA  
249 C C   . ASP A 36 ? 0.1777 0.1970 0.2012 0.0124  0.0217  -0.0349 36  ASP A C   
250 O O   . ASP A 36 ? 0.1852 0.2168 0.2226 0.0107  0.0449  -0.0660 36  ASP A O   
251 C CB  . ASP A 36 ? 0.1891 0.1740 0.1817 0.0145  0.0091  -0.0365 36  ASP A CB  
252 C CG  . ASP A 36 ? 0.1582 0.1865 0.2201 0.0407  0.0061  -0.0120 36  ASP A CG  
253 O OD1 . ASP A 36 ? 0.2041 0.2267 0.2160 0.0286  0.0227  -0.0315 36  ASP A OD1 
254 O OD2 . ASP A 36 ? 0.1518 0.2500 0.1873 0.0329  0.0053  -0.0521 36  ASP A OD2 
255 N N   . GLY A 37 ? 0.1797 0.1667 0.1652 0.0103  0.0301  -0.0499 37  GLY A N   
256 C CA  . GLY A 37 ? 0.2032 0.1805 0.1954 0.0029  0.0176  -0.0347 37  GLY A CA  
257 C C   . GLY A 37 ? 0.2121 0.2014 0.2027 0.0028  0.0248  -0.0302 37  GLY A C   
258 O O   . GLY A 37 ? 0.2400 0.2246 0.2492 -0.0203 0.0345  -0.0261 37  GLY A O   
259 N N   . VAL A 38 ? 0.2012 0.2092 0.1891 0.0054  0.0271  -0.0356 38  VAL A N   
260 C CA  . VAL A 38 ? 0.2229 0.2132 0.1989 0.0000  0.0251  -0.0142 38  VAL A CA  
261 C C   . VAL A 38 ? 0.2320 0.2312 0.2091 -0.0030 0.0180  -0.0210 38  VAL A C   
262 O O   . VAL A 38 ? 0.2531 0.2583 0.1886 -0.0016 0.0367  -0.0242 38  VAL A O   
263 C CB  . VAL A 38 ? 0.2405 0.2299 0.2072 0.0052  0.0271  -0.0166 38  VAL A CB  
264 C CG1 . VAL A 38 ? 0.2870 0.2572 0.2373 0.0142  0.0334  -0.0215 38  VAL A CG1 
265 C CG2 . VAL A 38 ? 0.2362 0.2368 0.2048 0.0055  0.0265  -0.0010 38  VAL A CG2 
266 N N   . VAL A 39 ? 0.2319 0.2256 0.2153 -0.0030 0.0146  -0.0234 39  VAL A N   
267 C CA  . VAL A 39 ? 0.2399 0.2458 0.2323 -0.0169 0.0141  -0.0300 39  VAL A CA  
268 C C   . VAL A 39 ? 0.2150 0.2299 0.2158 -0.0129 0.0101  -0.0266 39  VAL A C   
269 O O   . VAL A 39 ? 0.2099 0.2533 0.2265 -0.0037 0.0068  -0.0489 39  VAL A O   
270 C CB  . VAL A 39 ? 0.2679 0.2654 0.2419 -0.0141 0.0109  -0.0227 39  VAL A CB  
271 C CG1 . VAL A 39 ? 0.2940 0.2805 0.2828 -0.0067 0.0204  -0.0350 39  VAL A CG1 
272 C CG2 . VAL A 39 ? 0.3130 0.2970 0.2874 -0.0325 0.0096  -0.0196 39  VAL A CG2 
273 N N   . PHE A 40 ? 0.1972 0.2242 0.2153 -0.0205 0.0197  -0.0336 40  PHE A N   
274 C CA  . PHE A 40 ? 0.1906 0.2275 0.1912 -0.0173 0.0093  -0.0258 40  PHE A CA  
275 C C   . PHE A 40 ? 0.2187 0.2562 0.2166 -0.0211 0.0153  -0.0148 40  PHE A C   
276 O O   . PHE A 40 ? 0.1906 0.2910 0.2089 -0.0341 0.0100  -0.0319 40  PHE A O   
277 C CB  . PHE A 40 ? 0.1647 0.2248 0.1835 -0.0157 0.0343  -0.0345 40  PHE A CB  
278 C CG  . PHE A 40 ? 0.1680 0.2304 0.2022 -0.0153 0.0091  -0.0286 40  PHE A CG  
279 C CD1 . PHE A 40 ? 0.1707 0.2345 0.2335 -0.0087 -0.0043 -0.0546 40  PHE A CD1 
280 C CD2 . PHE A 40 ? 0.1795 0.2437 0.2441 0.0030  0.0168  -0.0378 40  PHE A CD2 
281 C CE1 . PHE A 40 ? 0.2129 0.2697 0.2051 -0.0190 -0.0162 -0.0581 40  PHE A CE1 
282 C CE2 . PHE A 40 ? 0.1889 0.2590 0.2829 -0.0026 -0.0022 -0.0197 40  PHE A CE2 
283 C CZ  . PHE A 40 ? 0.2343 0.2658 0.2333 -0.0129 0.0127  -0.0183 40  PHE A CZ  
284 N N   . GLN A 41 ? 0.2204 0.2602 0.2133 -0.0074 0.0105  -0.0133 41  GLN A N   
285 C CA  . GLN A 41 ? 0.2575 0.2653 0.2374 -0.0052 0.0120  -0.0098 41  GLN A CA  
286 C C   . GLN A 41 ? 0.2362 0.2652 0.2345 0.0078  0.0196  -0.0087 41  GLN A C   
287 O O   . GLN A 41 ? 0.2839 0.2761 0.2284 0.0064  0.0367  -0.0155 41  GLN A O   
288 C CB  . GLN A 41 ? 0.2842 0.3046 0.2672 0.0022  0.0113  -0.0072 41  GLN A CB  
289 C CG  . GLN A 41 ? 0.3674 0.3424 0.3667 0.0183  0.0102  -0.0143 41  GLN A CG  
290 C CD  . GLN A 41 ? 0.4251 0.4458 0.4493 0.0227  -0.0149 0.0291  41  GLN A CD  
291 O OE1 . GLN A 41 ? 0.4588 0.5055 0.5527 -0.0099 0.0010  0.0476  41  GLN A OE1 
292 N NE2 . GLN A 41 ? 0.4798 0.4460 0.4878 0.0062  0.0184  0.0375  41  GLN A NE2 
293 N N   . ASN A 42 ? 0.1929 0.2390 0.2099 -0.0086 0.0305  -0.0208 42  ASN A N   
294 C CA  . ASN A 42 ? 0.2017 0.2555 0.2287 -0.0019 0.0277  -0.0189 42  ASN A CA  
295 C C   . ASN A 42 ? 0.2092 0.2686 0.2301 -0.0052 0.0233  -0.0252 42  ASN A C   
296 O O   . ASN A 42 ? 0.1529 0.3102 0.2281 -0.0007 0.0459  -0.0358 42  ASN A O   
297 C CB  . ASN A 42 ? 0.1945 0.2618 0.2235 -0.0101 0.0300  -0.0254 42  ASN A CB  
298 C CG  . ASN A 42 ? 0.2087 0.2992 0.2585 0.0099  0.0681  -0.0314 42  ASN A CG  
299 O OD1 . ASN A 42 ? 0.1742 0.3058 0.2220 0.0159  0.0553  -0.0737 42  ASN A OD1 
300 N ND2 . ASN A 42 ? 0.2106 0.3797 0.2353 0.0107  0.0669  -0.0623 42  ASN A ND2 
301 N N   . ARG A 43 ? 0.2216 0.2731 0.2395 0.0010  0.0192  -0.0297 43  ARG A N   
302 C CA  . ARG A 43 ? 0.2652 0.3035 0.2732 0.0038  0.0124  -0.0052 43  ARG A CA  
303 C C   . ARG A 43 ? 0.2517 0.3144 0.2696 0.0061  0.0149  -0.0114 43  ARG A C   
304 O O   . ARG A 43 ? 0.2857 0.3738 0.2706 0.0121  0.0168  -0.0074 43  ARG A O   
305 C CB  . ARG A 43 ? 0.2677 0.3221 0.2861 0.0091  0.0079  -0.0120 43  ARG A CB  
306 C CG  . ARG A 43 ? 0.3635 0.3586 0.3860 -0.0105 0.0148  -0.0026 43  ARG A CG  
307 C CD  . ARG A 43 ? 0.3988 0.4363 0.4567 0.0138  0.0185  -0.0008 43  ARG A CD  
308 N NE  . ARG A 43 ? 0.4869 0.5014 0.4795 -0.0039 0.0100  -0.0033 43  ARG A NE  
309 C CZ  . ARG A 43 ? 0.5292 0.5166 0.5357 0.0198  0.0036  0.0033  43  ARG A CZ  
310 N NH1 . ARG A 43 ? 0.5516 0.5374 0.5549 0.0073  -0.0051 0.0004  43  ARG A NH1 
311 N NH2 . ARG A 43 ? 0.5484 0.5470 0.5323 0.0220  0.0094  -0.0144 43  ARG A NH2 
312 N N   . GLU A 44 ? 0.2441 0.2951 0.2660 0.0095  0.0274  -0.0116 44  GLU A N   
313 C CA  . GLU A 44 ? 0.2382 0.2979 0.2668 0.0151  0.0258  -0.0226 44  GLU A CA  
314 C C   . GLU A 44 ? 0.2579 0.3029 0.2802 0.0159  0.0351  -0.0263 44  GLU A C   
315 O O   . GLU A 44 ? 0.2687 0.3458 0.2782 0.0276  0.0602  -0.0615 44  GLU A O   
316 C CB  . GLU A 44 ? 0.2578 0.2854 0.2854 0.0126  0.0098  -0.0210 44  GLU A CB  
317 C CG  . GLU A 44 ? 0.2663 0.3240 0.3135 0.0093  0.0261  -0.0090 44  GLU A CG  
318 C CD  . GLU A 44 ? 0.3494 0.3552 0.3655 0.0076  0.0320  0.0094  44  GLU A CD  
319 O OE1 . GLU A 44 ? 0.4441 0.4103 0.4769 -0.0180 0.0432  -0.0430 44  GLU A OE1 
320 O OE2 . GLU A 44 ? 0.3020 0.3353 0.3775 0.0583  0.0809  0.0231  44  GLU A OE2 
321 N N   . GLY A 45 ? 0.2403 0.3116 0.2597 0.0187  0.0262  -0.0311 45  GLY A N   
322 C CA  . GLY A 45 ? 0.2526 0.3127 0.2783 0.0100  0.0238  -0.0261 45  GLY A CA  
323 C C   . GLY A 45 ? 0.2505 0.3097 0.2777 0.0071  0.0168  -0.0247 45  GLY A C   
324 O O   . GLY A 45 ? 0.2757 0.3770 0.2868 0.0112  0.0448  -0.0531 45  GLY A O   
325 N N   . LEU A 46 ? 0.2280 0.2984 0.2564 0.0038  0.0206  -0.0417 46  LEU A N   
326 C CA  . LEU A 46 ? 0.2454 0.2901 0.2795 0.0004  0.0034  -0.0333 46  LEU A CA  
327 C C   . LEU A 46 ? 0.2515 0.3006 0.3071 0.0053  -0.0010 -0.0349 46  LEU A C   
328 O O   . LEU A 46 ? 0.2538 0.3264 0.3618 0.0133  -0.0092 -0.0485 46  LEU A O   
329 C CB  . LEU A 46 ? 0.2673 0.2917 0.2863 0.0059  0.0040  -0.0275 46  LEU A CB  
330 C CG  . LEU A 46 ? 0.3050 0.3236 0.3186 -0.0100 -0.0007 -0.0244 46  LEU A CG  
331 C CD1 . LEU A 46 ? 0.3436 0.3423 0.3462 -0.0306 0.0022  -0.0098 46  LEU A CD1 
332 C CD2 . LEU A 46 ? 0.3544 0.3543 0.3168 -0.0077 0.0046  -0.0164 46  LEU A CD2 
333 N N   . LEU A 47 ? 0.2374 0.3062 0.2749 0.0048  0.0084  -0.0375 47  LEU A N   
334 C CA  . LEU A 47 ? 0.2479 0.2955 0.2780 -0.0004 0.0089  -0.0337 47  LEU A CA  
335 C C   . LEU A 47 ? 0.2477 0.3270 0.2821 0.0145  0.0282  -0.0386 47  LEU A C   
336 O O   . LEU A 47 ? 0.2123 0.3677 0.2441 0.0179  0.0576  -0.0640 47  LEU A O   
337 C CB  . LEU A 47 ? 0.2270 0.2895 0.2678 0.0013  0.0146  -0.0364 47  LEU A CB  
338 C CG  . LEU A 47 ? 0.2486 0.2661 0.2504 -0.0067 -0.0021 -0.0423 47  LEU A CG  
339 C CD1 . LEU A 47 ? 0.2364 0.2865 0.2635 -0.0333 0.0322  -0.0559 47  LEU A CD1 
340 C CD2 . LEU A 47 ? 0.2900 0.2810 0.2353 -0.0044 0.0114  -0.0414 47  LEU A CD2 
341 N N   . PRO A 48 ? 0.2664 0.3479 0.3078 -0.0034 0.0161  -0.0268 48  PRO A N   
342 C CA  . PRO A 48 ? 0.2814 0.3527 0.3167 -0.0058 0.0192  -0.0299 48  PRO A CA  
343 C C   . PRO A 48 ? 0.2806 0.3622 0.3303 -0.0131 0.0214  -0.0263 48  PRO A C   
344 O O   . PRO A 48 ? 0.2818 0.3824 0.3248 -0.0388 0.0353  -0.0534 48  PRO A O   
345 C CB  . PRO A 48 ? 0.2747 0.3508 0.3183 -0.0006 0.0203  -0.0249 48  PRO A CB  
346 C CG  . PRO A 48 ? 0.2756 0.3672 0.3300 0.0063  0.0410  -0.0118 48  PRO A CG  
347 C CD  . PRO A 48 ? 0.2749 0.3374 0.3168 0.0163  0.0348  -0.0247 48  PRO A CD  
348 N N   . ALA A 49 ? 0.3066 0.3839 0.3399 -0.0102 0.0274  -0.0273 49  ALA A N   
349 C CA  . ALA A 49 ? 0.3567 0.3969 0.3634 0.0015  0.0243  -0.0162 49  ALA A CA  
350 C C   . ALA A 49 ? 0.3671 0.4207 0.3938 -0.0038 0.0295  -0.0182 49  ALA A C   
351 O O   . ALA A 49 ? 0.3658 0.4555 0.3928 0.0193  0.0684  -0.0455 49  ALA A O   
352 C CB  . ALA A 49 ? 0.3920 0.4235 0.3863 -0.0029 0.0103  -0.0121 49  ALA A CB  
353 N N   . HIS A 50 ? 0.3809 0.4242 0.3761 -0.0067 0.0410  -0.0142 50  HIS A N   
354 C CA  . HIS A 50 ? 0.3838 0.4268 0.3816 -0.0131 0.0237  -0.0066 50  HIS A CA  
355 C C   . HIS A 50 ? 0.3829 0.4313 0.3724 -0.0188 0.0227  -0.0086 50  HIS A C   
356 O O   . HIS A 50 ? 0.3602 0.4569 0.3572 -0.0420 0.0176  0.0033  50  HIS A O   
357 C CB  . HIS A 50 ? 0.3897 0.4362 0.3952 -0.0134 0.0303  -0.0096 50  HIS A CB  
358 C CG  . HIS A 50 ? 0.4014 0.4444 0.4156 -0.0163 0.0238  -0.0056 50  HIS A CG  
359 N ND1 . HIS A 50 ? 0.4258 0.4288 0.4083 -0.0200 0.0406  -0.0107 50  HIS A ND1 
360 C CD2 . HIS A 50 ? 0.3876 0.4598 0.4201 -0.0085 0.0526  -0.0174 50  HIS A CD2 
361 C CE1 . HIS A 50 ? 0.4359 0.4603 0.4156 -0.0132 0.0230  -0.0353 50  HIS A CE1 
362 N NE2 . HIS A 50 ? 0.4346 0.4657 0.4258 -0.0085 0.0290  -0.0338 50  HIS A NE2 
363 N N   . SER A 51 ? 0.3686 0.4220 0.3716 -0.0228 0.0251  -0.0013 51  SER A N   
364 C CA  . SER A 51 ? 0.3786 0.4138 0.3790 -0.0185 0.0190  -0.0032 51  SER A CA  
365 C C   . SER A 51 ? 0.3674 0.3947 0.3670 -0.0214 0.0179  -0.0099 51  SER A C   
366 O O   . SER A 51 ? 0.3355 0.3881 0.3399 -0.0341 0.0439  -0.0213 51  SER A O   
367 C CB  . SER A 51 ? 0.3963 0.4227 0.3981 -0.0220 0.0172  -0.0003 51  SER A CB  
368 O OG  . SER A 51 ? 0.4161 0.4943 0.4657 -0.0267 0.0384  -0.0106 51  SER A OG  
369 N N   . THR A 52 ? 0.3751 0.3915 0.3640 -0.0228 0.0104  -0.0075 52  THR A N   
370 C CA  . THR A 52 ? 0.3838 0.3877 0.3648 -0.0246 0.0123  0.0027  52  THR A CA  
371 C C   . THR A 52 ? 0.3747 0.3756 0.3541 -0.0311 0.0127  0.0046  52  THR A C   
372 O O   . THR A 52 ? 0.4235 0.3859 0.3542 -0.0507 0.0305  0.0237  52  THR A O   
373 C CB  . THR A 52 ? 0.3831 0.3935 0.3797 -0.0253 0.0059  0.0073  52  THR A CB  
374 O OG1 . THR A 52 ? 0.4300 0.4352 0.3859 -0.0428 0.0046  0.0046  52  THR A OG1 
375 C CG2 . THR A 52 ? 0.4077 0.4121 0.3680 -0.0203 0.0019  0.0050  52  THR A CG2 
376 N N   . GLY A 53 ? 0.3499 0.3363 0.3309 -0.0275 0.0153  0.0051  53  GLY A N   
377 C CA  . GLY A 53 ? 0.3297 0.3295 0.3263 -0.0224 0.0222  -0.0033 53  GLY A CA  
378 C C   . GLY A 53 ? 0.3301 0.3281 0.3139 -0.0304 0.0215  -0.0029 53  GLY A C   
379 O O   . GLY A 53 ? 0.3436 0.3665 0.3230 -0.0515 0.0251  -0.0184 53  GLY A O   
380 N N   . TYR A 54 ? 0.2960 0.3108 0.2855 -0.0294 0.0325  -0.0054 54  TYR A N   
381 C CA  . TYR A 54 ? 0.2709 0.3088 0.2819 -0.0220 0.0237  -0.0109 54  TYR A CA  
382 C C   . TYR A 54 ? 0.2371 0.2945 0.2669 -0.0210 0.0313  -0.0203 54  TYR A C   
383 O O   . TYR A 54 ? 0.1783 0.3430 0.2752 -0.0472 0.0526  -0.0208 54  TYR A O   
384 C CB  . TYR A 54 ? 0.2649 0.3335 0.2748 -0.0295 0.0262  -0.0148 54  TYR A CB  
385 C CG  . TYR A 54 ? 0.2456 0.3524 0.2699 -0.0268 0.0620  -0.0112 54  TYR A CG  
386 C CD1 . TYR A 54 ? 0.2230 0.3813 0.3489 -0.0603 0.0274  0.0092  54  TYR A CD1 
387 C CD2 . TYR A 54 ? 0.2229 0.3619 0.2756 -0.0334 0.0525  -0.0235 54  TYR A CD2 
388 C CE1 . TYR A 54 ? 0.2680 0.3868 0.3579 -0.0295 0.0555  -0.0034 54  TYR A CE1 
389 C CE2 . TYR A 54 ? 0.2649 0.3964 0.3477 -0.0251 0.0362  -0.0148 54  TYR A CE2 
390 C CZ  . TYR A 54 ? 0.2684 0.3754 0.3507 -0.0228 0.0429  -0.0210 54  TYR A CZ  
391 O OH  . TYR A 54 ? 0.1665 0.4925 0.3782 -0.0210 0.0387  -0.0392 54  TYR A OH  
392 N N   . TYR A 55 ? 0.2210 0.2698 0.2453 -0.0154 0.0234  -0.0259 55  TYR A N   
393 C CA  . TYR A 55 ? 0.2085 0.2478 0.2295 -0.0110 0.0274  -0.0336 55  TYR A CA  
394 C C   . TYR A 55 ? 0.1950 0.2305 0.2128 -0.0242 0.0256  -0.0404 55  TYR A C   
395 O O   . TYR A 55 ? 0.2229 0.2311 0.2051 -0.0249 0.0511  -0.0579 55  TYR A O   
396 C CB  . TYR A 55 ? 0.1800 0.2489 0.2160 -0.0098 0.0394  -0.0434 55  TYR A CB  
397 C CG  . TYR A 55 ? 0.1559 0.2820 0.2253 -0.0299 0.0374  -0.0593 55  TYR A CG  
398 C CD1 . TYR A 55 ? 0.1789 0.3040 0.2302 -0.0268 0.0442  -0.0233 55  TYR A CD1 
399 C CD2 . TYR A 55 ? 0.1891 0.2625 0.2056 0.0028  0.0748  -0.0901 55  TYR A CD2 
400 C CE1 . TYR A 55 ? 0.1487 0.2824 0.3062 -0.0344 0.0450  -0.0462 55  TYR A CE1 
401 C CE2 . TYR A 55 ? 0.1810 0.2977 0.2603 0.0267  0.0744  -0.0864 55  TYR A CE2 
402 C CZ  . TYR A 55 ? 0.1862 0.2935 0.2829 -0.0158 0.0533  -0.0408 55  TYR A CZ  
403 O OH  . TYR A 55 ? 0.1843 0.3947 0.3003 -0.0211 0.0983  -0.0940 55  TYR A OH  
404 N N   . HIS A 56 ? 0.1879 0.2456 0.2177 -0.0197 0.0313  -0.0284 56  HIS A N   
405 C CA  . HIS A 56 ? 0.1947 0.2381 0.2074 -0.0158 0.0293  -0.0321 56  HIS A CA  
406 C C   . HIS A 56 ? 0.1616 0.2115 0.1738 -0.0133 0.0078  -0.0412 56  HIS A C   
407 O O   . HIS A 56 ? 0.1196 0.2638 0.2038 -0.0046 0.0507  -0.0542 56  HIS A O   
408 C CB  . HIS A 56 ? 0.2076 0.2664 0.2270 -0.0220 0.0231  -0.0282 56  HIS A CB  
409 C CG  . HIS A 56 ? 0.2097 0.2678 0.2633 -0.0393 0.0234  -0.0198 56  HIS A CG  
410 N ND1 . HIS A 56 ? 0.2731 0.3477 0.3225 -0.0653 0.0684  -0.0170 56  HIS A ND1 
411 C CD2 . HIS A 56 ? 0.2818 0.3018 0.3208 -0.0241 0.0599  -0.0282 56  HIS A CD2 
412 C CE1 . HIS A 56 ? 0.2969 0.3434 0.3639 -0.0415 0.0530  -0.0239 56  HIS A CE1 
413 N NE2 . HIS A 56 ? 0.2916 0.3010 0.3709 -0.0596 0.0564  -0.0205 56  HIS A NE2 
414 N N   . GLU A 57 ? 0.1626 0.1989 0.1636 0.0001  0.0315  -0.0363 57  GLU A N   
415 C CA  . GLU A 57 ? 0.1572 0.1745 0.1616 0.0089  0.0133  -0.0248 57  GLU A CA  
416 C C   . GLU A 57 ? 0.1437 0.1885 0.1576 0.0109  0.0082  -0.0123 57  GLU A C   
417 O O   . GLU A 57 ? 0.1757 0.2057 0.1693 0.0070  0.0094  -0.0061 57  GLU A O   
418 C CB  . GLU A 57 ? 0.1781 0.1995 0.1639 -0.0052 0.0166  -0.0221 57  GLU A CB  
419 C CG  . GLU A 57 ? 0.1769 0.2259 0.2275 -0.0078 0.0024  -0.0183 57  GLU A CG  
420 C CD  . GLU A 57 ? 0.2105 0.2473 0.2972 -0.0094 -0.0147 -0.0297 57  GLU A CD  
421 O OE1 . GLU A 57 ? 0.2126 0.3497 0.3132 -0.0005 -0.0655 0.0142  57  GLU A OE1 
422 O OE2 . GLU A 57 ? 0.1871 0.2622 0.3099 -0.0094 0.0208  -0.0987 57  GLU A OE2 
423 N N   . TYR A 58 ? 0.1204 0.1665 0.1408 0.0178  0.0226  -0.0276 58  TYR A N   
424 C CA  . TYR A 58 ? 0.1577 0.1865 0.1547 0.0204  0.0082  -0.0170 58  TYR A CA  
425 C C   . TYR A 58 ? 0.1473 0.1922 0.1674 0.0209  0.0104  -0.0116 58  TYR A C   
426 O O   . TYR A 58 ? 0.1652 0.2147 0.2047 0.0113  0.0398  -0.0218 58  TYR A O   
427 C CB  . TYR A 58 ? 0.1488 0.1938 0.1348 0.0214  0.0077  -0.0311 58  TYR A CB  
428 C CG  . TYR A 58 ? 0.1619 0.2280 0.1889 0.0038  0.0000  -0.0357 58  TYR A CG  
429 C CD1 . TYR A 58 ? 0.1432 0.2188 0.1694 0.0257  0.0001  -0.0495 58  TYR A CD1 
430 C CD2 . TYR A 58 ? 0.1990 0.2459 0.1920 -0.0053 0.0232  -0.0707 58  TYR A CD2 
431 C CE1 . TYR A 58 ? 0.1747 0.2413 0.2106 -0.0042 0.0030  -0.0679 58  TYR A CE1 
432 C CE2 . TYR A 58 ? 0.1962 0.2445 0.2236 0.0014  0.0207  -0.0473 58  TYR A CE2 
433 C CZ  . TYR A 58 ? 0.1610 0.2589 0.2398 0.0151  0.0035  -0.0464 58  TYR A CZ  
434 O OH  . TYR A 58 ? 0.2518 0.3026 0.3727 -0.0192 0.0380  -0.0483 58  TYR A OH  
435 N N   . THR A 59 ? 0.1779 0.1658 0.1517 0.0374  0.0173  -0.0201 59  THR A N   
436 C CA  . THR A 59 ? 0.1645 0.1761 0.1757 0.0306  0.0064  -0.0086 59  THR A CA  
437 C C   . THR A 59 ? 0.1948 0.1948 0.1913 0.0291  0.0072  0.0031  59  THR A C   
438 O O   . THR A 59 ? 0.2147 0.1768 0.1929 0.0524  -0.0002 -0.0038 59  THR A O   
439 C CB  . THR A 59 ? 0.2118 0.2032 0.1554 0.0029  0.0204  0.0052  59  THR A CB  
440 O OG1 . THR A 59 ? 0.1774 0.2166 0.1654 0.0019  0.0206  0.0024  59  THR A OG1 
441 C CG2 . THR A 59 ? 0.1845 0.2128 0.1544 0.0159  0.0180  -0.0160 59  THR A CG2 
442 N N   . VAL A 60 ? 0.2044 0.2054 0.1912 0.0206  0.0102  -0.0042 60  VAL A N   
443 C CA  . VAL A 60 ? 0.2252 0.2234 0.2216 0.0142  -0.0041 -0.0022 60  VAL A CA  
444 C C   . VAL A 60 ? 0.2459 0.2268 0.2451 0.0165  0.0054  0.0009  60  VAL A C   
445 O O   . VAL A 60 ? 0.2321 0.2459 0.2402 0.0273  0.0252  0.0015  60  VAL A O   
446 C CB  . VAL A 60 ? 0.2369 0.2303 0.2420 0.0072  -0.0054 -0.0020 60  VAL A CB  
447 C CG1 . VAL A 60 ? 0.2644 0.2518 0.2890 0.0272  -0.0156 0.0083  60  VAL A CG1 
448 C CG2 . VAL A 60 ? 0.2428 0.2507 0.2710 0.0252  -0.0104 -0.0149 60  VAL A CG2 
449 N N   . ILE A 61 ? 0.2653 0.2421 0.2486 0.0142  0.0007  0.0126  61  ILE A N   
450 C CA  . ILE A 61 ? 0.2900 0.2786 0.2813 0.0114  0.0034  0.0125  61  ILE A CA  
451 C C   . ILE A 61 ? 0.3147 0.2950 0.3034 0.0129  0.0105  0.0126  61  ILE A C   
452 O O   . ILE A 61 ? 0.2952 0.2433 0.2925 0.0259  0.0200  0.0365  61  ILE A O   
453 C CB  . ILE A 61 ? 0.3075 0.3051 0.2983 0.0116  0.0001  0.0036  61  ILE A CB  
454 C CG1 . ILE A 61 ? 0.3469 0.3229 0.3208 -0.0186 0.0135  0.0054  61  ILE A CG1 
455 C CG2 . ILE A 61 ? 0.3283 0.3149 0.2912 -0.0026 0.0065  0.0140  61  ILE A CG2 
456 C CD1 . ILE A 61 ? 0.3865 0.3619 0.3688 -0.0084 -0.0059 -0.0124 61  ILE A CD1 
457 N N   . THR A 62 ? 0.3322 0.3175 0.3180 0.0065  0.0125  0.0103  62  THR A N   
458 C CA  . THR A 62 ? 0.3525 0.3482 0.3436 -0.0026 0.0228  0.0093  62  THR A CA  
459 C C   . THR A 62 ? 0.3870 0.3822 0.3662 -0.0017 0.0250  0.0167  62  THR A C   
460 O O   . THR A 62 ? 0.4043 0.3763 0.3298 -0.0062 0.0546  0.0456  62  THR A O   
461 C CB  . THR A 62 ? 0.3623 0.3462 0.3385 -0.0005 0.0253  0.0050  62  THR A CB  
462 O OG1 . THR A 62 ? 0.3487 0.3341 0.3464 -0.0230 0.0583  0.0332  62  THR A OG1 
463 C CG2 . THR A 62 ? 0.3617 0.3636 0.3691 -0.0194 0.0389  -0.0048 62  THR A CG2 
464 N N   . PRO A 63 ? 0.4236 0.4198 0.4142 -0.0003 0.0152  0.0177  63  PRO A N   
465 C CA  . PRO A 63 ? 0.4560 0.4529 0.4405 0.0020  0.0093  0.0113  63  PRO A CA  
466 C C   . PRO A 63 ? 0.4755 0.4816 0.4758 -0.0003 0.0075  0.0116  63  PRO A C   
467 O O   . PRO A 63 ? 0.4897 0.4886 0.4969 -0.0023 0.0148  0.0124  63  PRO A O   
468 C CB  . PRO A 63 ? 0.4553 0.4617 0.4438 0.0052  0.0147  0.0104  63  PRO A CB  
469 C CG  . PRO A 63 ? 0.4453 0.4488 0.4427 0.0062  0.0064  0.0145  63  PRO A CG  
470 C CD  . PRO A 63 ? 0.4245 0.4249 0.4152 -0.0014 0.0137  0.0137  63  PRO A CD  
471 N N   . GLY A 64 ? 0.5036 0.5108 0.5018 0.0015  0.0061  0.0086  64  GLY A N   
472 C CA  . GLY A 64 ? 0.5132 0.5289 0.5212 -0.0013 0.0023  0.0096  64  GLY A CA  
473 C C   . GLY A 64 ? 0.5249 0.5392 0.5309 -0.0010 0.0015  0.0093  64  GLY A C   
474 O O   . GLY A 64 ? 0.5189 0.5548 0.5426 -0.0044 0.0020  0.0141  64  GLY A O   
475 N N   . SER A 65 ? 0.5255 0.5420 0.5324 -0.0008 0.0088  0.0106  65  SER A N   
476 C CA  . SER A 65 ? 0.5303 0.5440 0.5298 0.0004  0.0072  0.0049  65  SER A CA  
477 C C   . SER A 65 ? 0.5344 0.5439 0.5254 0.0001  0.0086  0.0041  65  SER A C   
478 O O   . SER A 65 ? 0.5429 0.5521 0.5082 -0.0025 0.0087  0.0018  65  SER A O   
479 C CB  . SER A 65 ? 0.5321 0.5469 0.5270 0.0030  0.0074  0.0079  65  SER A CB  
480 O OG  . SER A 65 ? 0.4909 0.5387 0.5267 0.0174  0.0259  0.0218  65  SER A OG  
481 N N   . PRO A 66 ? 0.5371 0.5417 0.5329 0.0032  0.0083  0.0001  66  PRO A N   
482 C CA  . PRO A 66 ? 0.5351 0.5369 0.5332 0.0036  0.0087  0.0010  66  PRO A CA  
483 C C   . PRO A 66 ? 0.5289 0.5232 0.5191 0.0102  0.0139  -0.0026 66  PRO A C   
484 O O   . PRO A 66 ? 0.5458 0.5339 0.5289 0.0171  0.0304  -0.0086 66  PRO A O   
485 C CB  . PRO A 66 ? 0.5304 0.5409 0.5398 0.0045  0.0080  -0.0017 66  PRO A CB  
486 C CG  . PRO A 66 ? 0.5354 0.5476 0.5454 0.0012  0.0046  -0.0002 66  PRO A CG  
487 C CD  . PRO A 66 ? 0.5381 0.5466 0.5349 0.0038  0.0083  -0.0025 66  PRO A CD  
488 N N   . THR A 67 ? 0.4921 0.4939 0.5060 0.0149  0.0195  0.0032  67  THR A N   
489 C CA  . THR A 67 ? 0.4581 0.4786 0.4829 0.0091  0.0197  -0.0021 67  THR A CA  
490 C C   . THR A 67 ? 0.4269 0.4410 0.4385 0.0091  0.0207  -0.0001 67  THR A C   
491 O O   . THR A 67 ? 0.3947 0.4481 0.4225 0.0164  0.0571  -0.0140 67  THR A O   
492 C CB  . THR A 67 ? 0.4706 0.4835 0.4923 0.0037  0.0163  -0.0008 67  THR A CB  
493 O OG1 . THR A 67 ? 0.4830 0.4888 0.5397 -0.0071 0.0217  0.0014  67  THR A OG1 
494 C CG2 . THR A 67 ? 0.4857 0.5029 0.5177 -0.0014 0.0133  0.0013  67  THR A CG2 
495 N N   . ARG A 68 ? 0.3793 0.3965 0.4150 0.0145  0.0132  -0.0081 68  ARG A N   
496 C CA  . ARG A 68 ? 0.3708 0.3728 0.3856 0.0022  0.0094  0.0030  68  ARG A CA  
497 C C   . ARG A 68 ? 0.3449 0.3385 0.3733 0.0013  0.0075  0.0132  68  ARG A C   
498 O O   . ARG A 68 ? 0.3500 0.3313 0.4093 -0.0040 0.0218  0.0236  68  ARG A O   
499 C CB  . ARG A 68 ? 0.3649 0.3594 0.3762 0.0084  -0.0019 0.0019  68  ARG A CB  
500 C CG  . ARG A 68 ? 0.3695 0.3686 0.3682 0.0024  0.0035  0.0095  68  ARG A CG  
501 C CD  . ARG A 68 ? 0.3055 0.3407 0.3187 -0.0091 -0.0032 -0.0053 68  ARG A CD  
502 N NE  . ARG A 68 ? 0.2566 0.2868 0.2798 0.0329  -0.0296 -0.0349 68  ARG A NE  
503 C CZ  . ARG A 68 ? 0.2459 0.2557 0.2713 0.0180  0.0165  -0.0280 68  ARG A CZ  
504 N NH1 . ARG A 68 ? 0.2496 0.2946 0.2690 0.0278  0.0161  -0.0585 68  ARG A NH1 
505 N NH2 . ARG A 68 ? 0.2264 0.2011 0.2622 0.0395  0.0314  -0.0691 68  ARG A NH2 
506 N N   . GLY A 69 ? 0.3055 0.3176 0.3317 0.0075  0.0111  0.0113  69  GLY A N   
507 C CA  . GLY A 69 ? 0.2744 0.3138 0.3106 -0.0009 0.0205  0.0084  69  GLY A CA  
508 C C   . GLY A 69 ? 0.2531 0.2948 0.2936 -0.0006 0.0125  0.0147  69  GLY A C   
509 O O   . GLY A 69 ? 0.2139 0.3296 0.3239 0.0284  0.0437  0.0473  69  GLY A O   
510 N N   . ALA A 70 ? 0.2067 0.2749 0.2536 -0.0013 0.0249  0.0139  70  ALA A N   
511 C CA  . ALA A 70 ? 0.2129 0.2563 0.2433 0.0076  0.0055  0.0031  70  ALA A CA  
512 C C   . ALA A 70 ? 0.1967 0.2394 0.2353 0.0039  0.0047  0.0020  70  ALA A C   
513 O O   . ALA A 70 ? 0.1711 0.2555 0.2385 0.0047  0.0028  -0.0024 70  ALA A O   
514 C CB  . ALA A 70 ? 0.2058 0.2871 0.2575 0.0047  0.0208  -0.0002 70  ALA A CB  
515 N N   . ARG A 71 ? 0.1886 0.2123 0.2227 0.0048  -0.0003 -0.0027 71  ARG A N   
516 C CA  . ARG A 71 ? 0.1839 0.2127 0.2049 0.0085  0.0099  -0.0023 71  ARG A CA  
517 C C   . ARG A 71 ? 0.1641 0.1948 0.1841 0.0052  0.0040  -0.0027 71  ARG A C   
518 O O   . ARG A 71 ? 0.1625 0.1755 0.1931 0.0026  0.0173  0.0042  71  ARG A O   
519 C CB  . ARG A 71 ? 0.2027 0.2304 0.2327 0.0141  0.0008  0.0000  71  ARG A CB  
520 C CG  . ARG A 71 ? 0.2839 0.2815 0.2891 -0.0088 -0.0061 0.0142  71  ARG A CG  
521 C CD  . ARG A 71 ? 0.3523 0.3472 0.3306 0.0214  -0.0015 0.0240  71  ARG A CD  
522 N NE  . ARG A 71 ? 0.4121 0.3751 0.3995 -0.0179 0.0049  0.0086  71  ARG A NE  
523 C CZ  . ARG A 71 ? 0.4646 0.4390 0.4657 0.0010  -0.0189 0.0307  71  ARG A CZ  
524 N NH1 . ARG A 71 ? 0.4841 0.4635 0.4160 -0.0131 -0.0011 -0.0037 71  ARG A NH1 
525 N NH2 . ARG A 71 ? 0.4906 0.4209 0.5048 0.0038  -0.0223 0.0155  71  ARG A NH2 
526 N N   . ARG A 72 ? 0.1537 0.1636 0.1962 0.0063  0.0075  -0.0282 72  ARG A N   
527 C CA  . ARG A 72 ? 0.1534 0.1859 0.1980 0.0071  0.0126  -0.0095 72  ARG A CA  
528 C C   . ARG A 72 ? 0.1414 0.2008 0.2164 0.0053  0.0037  -0.0205 72  ARG A C   
529 O O   . ARG A 72 ? 0.0827 0.2170 0.2761 0.0171  -0.0074 -0.0450 72  ARG A O   
530 C CB  . ARG A 72 ? 0.1305 0.1769 0.2041 0.0151  -0.0136 -0.0260 72  ARG A CB  
531 C CG  . ARG A 72 ? 0.1388 0.1809 0.2000 0.0452  -0.0072 -0.0256 72  ARG A CG  
532 C CD  . ARG A 72 ? 0.1336 0.1824 0.2026 0.0642  -0.0004 -0.0316 72  ARG A CD  
533 N NE  . ARG A 72 ? 0.1070 0.1793 0.1803 0.0506  -0.0023 -0.0303 72  ARG A NE  
534 C CZ  . ARG A 72 ? 0.1847 0.1938 0.2247 0.0156  0.0036  -0.0058 72  ARG A CZ  
535 N NH1 . ARG A 72 ? 0.2015 0.1932 0.2155 0.0444  0.0037  -0.0076 72  ARG A NH1 
536 N NH2 . ARG A 72 ? 0.1421 0.2239 0.2489 0.0480  0.0459  0.0118  72  ARG A NH2 
537 N N   . ILE A 73 ? 0.1562 0.1805 0.1875 -0.0039 0.0181  -0.0436 73  ILE A N   
538 C CA  . ILE A 73 ? 0.1541 0.2096 0.2064 0.0037  0.0007  -0.0363 73  ILE A CA  
539 C C   . ILE A 73 ? 0.1524 0.2251 0.1999 -0.0065 0.0105  -0.0356 73  ILE A C   
540 O O   . ILE A 73 ? 0.1222 0.2254 0.2005 -0.0034 0.0352  -0.0574 73  ILE A O   
541 C CB  . ILE A 73 ? 0.1618 0.2179 0.2121 -0.0068 0.0028  -0.0277 73  ILE A CB  
542 C CG1 . ILE A 73 ? 0.2318 0.2695 0.2697 -0.0064 -0.0173 -0.0072 73  ILE A CG1 
543 C CG2 . ILE A 73 ? 0.1667 0.2233 0.2256 -0.0096 0.0078  -0.0298 73  ILE A CG2 
544 C CD1 . ILE A 73 ? 0.2990 0.3044 0.3512 -0.0001 -0.0155 -0.0196 73  ILE A CD1 
545 N N   . ILE A 74 ? 0.1334 0.2137 0.1954 0.0123  0.0059  -0.0522 74  ILE A N   
546 C CA  . ILE A 74 ? 0.1534 0.2331 0.2094 0.0038  0.0029  -0.0497 74  ILE A CA  
547 C C   . ILE A 74 ? 0.1588 0.2440 0.2231 -0.0058 0.0108  -0.0455 74  ILE A C   
548 O O   . ILE A 74 ? 0.1682 0.2742 0.2856 0.0075  0.0037  -0.0722 74  ILE A O   
549 C CB  . ILE A 74 ? 0.1627 0.2379 0.2109 -0.0031 -0.0078 -0.0401 74  ILE A CB  
550 C CG1 . ILE A 74 ? 0.1758 0.2654 0.2214 0.0016  -0.0231 -0.0372 74  ILE A CG1 
551 C CG2 . ILE A 74 ? 0.2129 0.2757 0.2470 -0.0155 -0.0067 -0.0390 74  ILE A CG2 
552 C CD1 . ILE A 74 ? 0.2157 0.2628 0.2461 -0.0072 -0.0138 -0.0370 74  ILE A CD1 
553 N N   . THR A 75 ? 0.1567 0.2362 0.2150 0.0040  0.0193  -0.0539 75  THR A N   
554 C CA  . THR A 75 ? 0.1602 0.2428 0.2453 -0.0209 0.0174  -0.0492 75  THR A CA  
555 C C   . THR A 75 ? 0.2077 0.2781 0.2459 -0.0163 0.0043  -0.0460 75  THR A C   
556 O O   . THR A 75 ? 0.1478 0.2741 0.2679 -0.0407 0.0534  -0.0580 75  THR A O   
557 C CB  . THR A 75 ? 0.1783 0.2595 0.2355 -0.0257 0.0040  -0.0412 75  THR A CB  
558 O OG1 . THR A 75 ? 0.1370 0.2925 0.2980 -0.0429 0.0103  -0.0946 75  THR A OG1 
559 C CG2 . THR A 75 ? 0.1841 0.2923 0.2742 -0.0080 0.0327  -0.0570 75  THR A CG2 
560 N N   . GLY A 76 ? 0.2189 0.3148 0.2841 -0.0149 -0.0064 -0.0342 76  GLY A N   
561 C CA  . GLY A 76 ? 0.2690 0.3387 0.3187 -0.0158 -0.0057 -0.0131 76  GLY A CA  
562 C C   . GLY A 76 ? 0.3205 0.3775 0.3572 -0.0202 -0.0136 -0.0206 76  GLY A C   
563 O O   . GLY A 76 ? 0.2503 0.4193 0.3665 -0.0376 -0.0222 -0.0347 76  GLY A O   
564 N N   . GLN A 77 ? 0.3768 0.4252 0.4150 -0.0205 -0.0025 -0.0097 77  GLN A N   
565 C CA  . GLN A 77 ? 0.4389 0.4593 0.4650 -0.0192 -0.0061 -0.0085 77  GLN A CA  
566 C C   . GLN A 77 ? 0.4629 0.4955 0.5005 -0.0169 -0.0067 -0.0073 77  GLN A C   
567 O O   . GLN A 77 ? 0.4590 0.5087 0.5174 -0.0367 -0.0140 -0.0087 77  GLN A O   
568 C CB  . GLN A 77 ? 0.4624 0.4802 0.4764 -0.0219 -0.0003 -0.0057 77  GLN A CB  
569 C CG  . GLN A 77 ? 0.4835 0.5186 0.5348 -0.0056 -0.0053 0.0034  77  GLN A CG  
570 C CD  . GLN A 77 ? 0.5684 0.5888 0.5787 -0.0151 0.0023  0.0294  77  GLN A CD  
571 O OE1 . GLN A 77 ? 0.5888 0.6131 0.6345 -0.0412 -0.0079 0.0212  77  GLN A OE1 
572 N NE2 . GLN A 77 ? 0.5916 0.6587 0.6174 -0.0156 -0.0072 0.0230  77  GLN A NE2 
573 N N   . GLN A 78 ? 0.4912 0.5101 0.5257 -0.0135 0.0000  -0.0089 78  GLN A N   
574 C CA  . GLN A 78 ? 0.5173 0.5420 0.5445 -0.0056 -0.0027 -0.0018 78  GLN A CA  
575 C C   . GLN A 78 ? 0.5278 0.5539 0.5514 -0.0062 -0.0021 -0.0023 78  GLN A C   
576 O O   . GLN A 78 ? 0.5119 0.5617 0.5626 -0.0152 -0.0037 -0.0126 78  GLN A O   
577 C CB  . GLN A 78 ? 0.5199 0.5438 0.5583 -0.0070 -0.0055 -0.0047 78  GLN A CB  
578 C CG  . GLN A 78 ? 0.5519 0.5955 0.5795 -0.0112 -0.0003 -0.0001 78  GLN A CG  
579 C CD  . GLN A 78 ? 0.6165 0.6304 0.6446 0.0017  0.0037  -0.0197 78  GLN A CD  
580 O OE1 . GLN A 78 ? 0.6234 0.6981 0.6804 -0.0043 0.0159  -0.0042 78  GLN A OE1 
581 N NE2 . GLN A 78 ? 0.6333 0.6625 0.6928 -0.0224 0.0042  -0.0107 78  GLN A NE2 
582 N N   . TRP A 79 ? 0.5328 0.5605 0.5555 -0.0083 -0.0018 -0.0024 79  TRP A N   
583 C CA  . TRP A 79 ? 0.5476 0.5651 0.5612 -0.0039 -0.0066 -0.0017 79  TRP A CA  
584 C C   . TRP A 79 ? 0.5075 0.5470 0.5329 -0.0038 -0.0063 -0.0045 79  TRP A C   
585 O O   . TRP A 79 ? 0.4856 0.5580 0.5293 -0.0058 -0.0187 -0.0115 79  TRP A O   
586 C CB  . TRP A 79 ? 0.5571 0.5914 0.5794 -0.0048 -0.0049 0.0033  79  TRP A CB  
587 C CG  . TRP A 79 ? 0.6610 0.6363 0.6561 -0.0112 -0.0081 -0.0141 79  TRP A CG  
588 C CD1 . TRP A 79 ? 0.6758 0.7003 0.7135 -0.0130 -0.0154 -0.0086 79  TRP A CD1 
589 C CD2 . TRP A 79 ? 0.7103 0.7198 0.7344 0.0144  0.0122  -0.0160 79  TRP A CD2 
590 N NE1 . TRP A 79 ? 0.7207 0.7093 0.7386 -0.0040 -0.0057 -0.0145 79  TRP A NE1 
591 C CE2 . TRP A 79 ? 0.7273 0.7398 0.7556 -0.0051 0.0013  -0.0106 79  TRP A CE2 
592 C CE3 . TRP A 79 ? 0.7347 0.7664 0.7679 0.0012  0.0048  -0.0058 79  TRP A CE3 
593 C CZ2 . TRP A 79 ? 0.7616 0.7643 0.7783 0.0086  0.0053  -0.0102 79  TRP A CZ2 
594 C CZ3 . TRP A 79 ? 0.7622 0.7688 0.7851 0.0084  0.0061  -0.0093 79  TRP A CZ3 
595 C CH2 . TRP A 79 ? 0.7622 0.7796 0.7871 0.0001  0.0041  -0.0045 79  TRP A CH2 
596 N N   . GLN A 80 ? 0.4886 0.5139 0.5064 -0.0040 -0.0102 -0.0042 80  GLN A N   
597 C CA  . GLN A 80 ? 0.4731 0.4910 0.4845 0.0000  -0.0063 -0.0123 80  GLN A CA  
598 C C   . GLN A 80 ? 0.4193 0.4538 0.4592 0.0021  0.0009  -0.0065 80  GLN A C   
599 O O   . GLN A 80 ? 0.4032 0.4548 0.4703 -0.0142 -0.0018 -0.0246 80  GLN A O   
600 C CB  . GLN A 80 ? 0.4921 0.4982 0.5014 0.0027  -0.0081 -0.0056 80  GLN A CB  
601 C CG  . GLN A 80 ? 0.5357 0.5400 0.5363 -0.0029 -0.0146 -0.0154 80  GLN A CG  
602 C CD  . GLN A 80 ? 0.5925 0.5746 0.5706 0.0032  -0.0157 0.0064  80  GLN A CD  
603 O OE1 . GLN A 80 ? 0.5995 0.6106 0.6436 0.0253  -0.0194 -0.0163 80  GLN A OE1 
604 N NE2 . GLN A 80 ? 0.6042 0.6251 0.5774 -0.0031 -0.0055 0.0020  80  GLN A NE2 
605 N N   . GLU A 81 ? 0.3599 0.4134 0.4069 -0.0035 0.0067  -0.0194 81  GLU A N   
606 C CA  . GLU A 81 ? 0.3039 0.3805 0.3775 0.0068  0.0175  -0.0139 81  GLU A CA  
607 C C   . GLU A 81 ? 0.2746 0.3452 0.3462 0.0080  0.0139  -0.0198 81  GLU A C   
608 O O   . GLU A 81 ? 0.2129 0.3544 0.3805 0.0017  0.0165  -0.0024 81  GLU A O   
609 C CB  . GLU A 81 ? 0.2976 0.3878 0.3748 0.0119  0.0227  -0.0227 81  GLU A CB  
610 C CG  . GLU A 81 ? 0.2894 0.4170 0.3929 0.0130  0.0223  -0.0459 81  GLU A CG  
611 C CD  . GLU A 81 ? 0.3366 0.4491 0.4332 0.0218  0.0339  -0.0331 81  GLU A CD  
612 O OE1 . GLU A 81 ? 0.4162 0.5518 0.4296 0.0094  0.0236  -0.0657 81  GLU A OE1 
613 O OE2 . GLU A 81 ? 0.2789 0.4911 0.5198 0.0153  0.0429  -0.0839 81  GLU A OE2 
614 N N   . ASP A 82 ? 0.2148 0.3168 0.3038 0.0071  0.0172  -0.0397 82  ASP A N   
615 C CA  . ASP A 82 ? 0.2338 0.2890 0.3105 0.0043  0.0079  -0.0310 82  ASP A CA  
616 C C   . ASP A 82 ? 0.2009 0.2796 0.3094 0.0088  0.0023  -0.0447 82  ASP A C   
617 O O   . ASP A 82 ? 0.1580 0.2823 0.3634 0.0042  -0.0107 -0.0662 82  ASP A O   
618 C CB  . ASP A 82 ? 0.2193 0.2814 0.3044 0.0041  0.0205  -0.0336 82  ASP A CB  
619 C CG  . ASP A 82 ? 0.2911 0.3345 0.3570 0.0061  -0.0205 -0.0632 82  ASP A CG  
620 O OD1 . ASP A 82 ? 0.2869 0.3697 0.4230 -0.0148 -0.0593 -0.1139 82  ASP A OD1 
621 O OD2 . ASP A 82 ? 0.3320 0.3416 0.3985 0.0089  -0.0300 -0.0927 82  ASP A OD2 
622 N N   . TYR A 83 ? 0.1731 0.2431 0.2819 0.0296  0.0076  -0.0611 83  TYR A N   
623 C CA  . TYR A 83 ? 0.2080 0.2395 0.2685 0.0178  0.0198  -0.0375 83  TYR A CA  
624 C C   . TYR A 83 ? 0.1886 0.2385 0.2662 0.0131  0.0075  -0.0338 83  TYR A C   
625 O O   . TYR A 83 ? 0.2132 0.2467 0.3016 0.0154  0.0325  -0.0670 83  TYR A O   
626 C CB  . TYR A 83 ? 0.1814 0.2319 0.2590 0.0115  0.0082  -0.0296 83  TYR A CB  
627 C CG  . TYR A 83 ? 0.2003 0.2819 0.2918 -0.0002 0.0250  -0.0387 83  TYR A CG  
628 C CD1 . TYR A 83 ? 0.2219 0.2760 0.2866 0.0055  0.0353  -0.0363 83  TYR A CD1 
629 C CD2 . TYR A 83 ? 0.2444 0.2807 0.2910 -0.0090 -0.0051 -0.0520 83  TYR A CD2 
630 C CE1 . TYR A 83 ? 0.2204 0.2950 0.3064 -0.0106 0.0527  -0.0254 83  TYR A CE1 
631 C CE2 . TYR A 83 ? 0.2726 0.3205 0.3256 0.0163  0.0451  -0.0577 83  TYR A CE2 
632 C CZ  . TYR A 83 ? 0.2464 0.3458 0.3002 -0.0201 0.0666  -0.0507 83  TYR A CZ  
633 O OH  . TYR A 83 ? 0.2606 0.4989 0.3856 0.0252  0.1033  -0.0151 83  TYR A OH  
634 N N   . TYR A 84 ? 0.1800 0.2139 0.2478 0.0251  -0.0006 -0.0529 84  TYR A N   
635 C CA  . TYR A 84 ? 0.1913 0.2046 0.2360 0.0102  -0.0066 -0.0354 84  TYR A CA  
636 C C   . TYR A 84 ? 0.1718 0.2157 0.2409 0.0225  -0.0135 -0.0397 84  TYR A C   
637 O O   . TYR A 84 ? 0.1363 0.2252 0.2742 0.0444  -0.0152 -0.0493 84  TYR A O   
638 C CB  . TYR A 84 ? 0.1996 0.2155 0.2555 0.0259  -0.0156 -0.0525 84  TYR A CB  
639 C CG  . TYR A 84 ? 0.2210 0.2350 0.2342 0.0336  -0.0180 -0.0217 84  TYR A CG  
640 C CD1 . TYR A 84 ? 0.2487 0.2654 0.2713 0.0328  -0.0454 -0.0097 84  TYR A CD1 
641 C CD2 . TYR A 84 ? 0.2499 0.2716 0.2420 0.0369  -0.0373 -0.0344 84  TYR A CD2 
642 C CE1 . TYR A 84 ? 0.2715 0.2885 0.2981 0.0303  -0.0225 -0.0175 84  TYR A CE1 
643 C CE2 . TYR A 84 ? 0.2620 0.2447 0.2672 0.0462  -0.0144 -0.0285 84  TYR A CE2 
644 C CZ  . TYR A 84 ? 0.2900 0.3145 0.3175 0.0191  -0.0279 -0.0148 84  TYR A CZ  
645 O OH  . TYR A 84 ? 0.3154 0.2748 0.3367 0.0152  -0.0124 0.0580  84  TYR A OH  
646 N N   . THR A 85 ? 0.1551 0.1988 0.2373 0.0244  -0.0095 -0.0397 85  THR A N   
647 C CA  . THR A 85 ? 0.1764 0.1910 0.2186 0.0166  -0.0121 -0.0222 85  THR A CA  
648 C C   . THR A 85 ? 0.1805 0.2107 0.2313 0.0092  -0.0142 0.0014  85  THR A C   
649 O O   . THR A 85 ? 0.1607 0.2147 0.2410 0.0134  -0.0136 -0.0042 85  THR A O   
650 C CB  . THR A 85 ? 0.1837 0.1956 0.2386 0.0096  -0.0171 -0.0203 85  THR A CB  
651 O OG1 . THR A 85 ? 0.1583 0.1806 0.2477 0.0200  -0.0313 -0.0679 85  THR A OG1 
652 C CG2 . THR A 85 ? 0.2128 0.2063 0.1987 0.0060  -0.0088 -0.0343 85  THR A CG2 
653 N N   . ALA A 86 ? 0.2204 0.2099 0.2465 0.0218  -0.0215 -0.0060 86  ALA A N   
654 C CA  . ALA A 86 ? 0.2158 0.2307 0.2522 -0.0026 -0.0121 0.0065  86  ALA A CA  
655 C C   . ALA A 86 ? 0.2340 0.2439 0.2524 -0.0039 -0.0178 0.0005  86  ALA A C   
656 O O   . ALA A 86 ? 0.2252 0.2920 0.2831 -0.0138 -0.0296 0.0141  86  ALA A O   
657 C CB  . ALA A 86 ? 0.2607 0.2577 0.2836 -0.0019 -0.0277 0.0088  86  ALA A CB  
658 N N   . ASP A 87 ? 0.1945 0.2205 0.2363 -0.0023 -0.0207 -0.0037 87  ASP A N   
659 C CA  . ASP A 87 ? 0.1988 0.2212 0.2446 -0.0067 -0.0095 -0.0093 87  ASP A CA  
660 C C   . ASP A 87 ? 0.1799 0.2114 0.2215 -0.0114 0.0001  -0.0094 87  ASP A C   
661 O O   . ASP A 87 ? 0.2177 0.2030 0.2399 -0.0236 -0.0116 -0.0130 87  ASP A O   
662 C CB  . ASP A 87 ? 0.2143 0.2246 0.2649 -0.0201 -0.0124 -0.0127 87  ASP A CB  
663 C CG  . ASP A 87 ? 0.2327 0.2371 0.3134 0.0165  -0.0107 -0.0217 87  ASP A CG  
664 O OD1 . ASP A 87 ? 0.2981 0.2132 0.3737 -0.0093 -0.0404 -0.0567 87  ASP A OD1 
665 O OD2 . ASP A 87 ? 0.1717 0.2370 0.3067 -0.0046 0.0004  -0.0196 87  ASP A OD2 
666 N N   . HIS A 88 ? 0.1590 0.2011 0.2077 -0.0015 -0.0035 -0.0154 88  HIS A N   
667 C CA  . HIS A 88 ? 0.1444 0.2053 0.1902 0.0032  -0.0023 -0.0083 88  HIS A CA  
668 C C   . HIS A 88 ? 0.1525 0.2037 0.1978 0.0005  0.0020  -0.0244 88  HIS A C   
669 O O   . HIS A 88 ? 0.1462 0.2156 0.2115 0.0275  0.0022  -0.0318 88  HIS A O   
670 C CB  . HIS A 88 ? 0.1372 0.2141 0.1896 0.0072  0.0082  -0.0159 88  HIS A CB  
671 C CG  . HIS A 88 ? 0.0852 0.2199 0.2390 0.0071  0.0048  -0.0149 88  HIS A CG  
672 N ND1 . HIS A 88 ? 0.1512 0.2046 0.2023 0.0342  -0.0174 -0.0213 88  HIS A ND1 
673 C CD2 . HIS A 88 ? 0.1706 0.2498 0.2302 0.0391  -0.0303 -0.0521 88  HIS A CD2 
674 C CE1 . HIS A 88 ? 0.1438 0.2435 0.2292 0.0483  -0.0137 -0.0292 88  HIS A CE1 
675 N NE2 . HIS A 88 ? 0.1095 0.2425 0.1993 0.0673  0.0102  -0.0613 88  HIS A NE2 
676 N N   . TYR A 89 ? 0.1316 0.1957 0.1939 0.0171  -0.0078 -0.0176 89  TYR A N   
677 C CA  . TYR A 89 ? 0.1403 0.1972 0.1936 0.0153  -0.0044 -0.0146 89  TYR A CA  
678 C C   . TYR A 89 ? 0.1569 0.2088 0.2072 0.0270  -0.0109 -0.0199 89  TYR A C   
679 O O   . TYR A 89 ? 0.2024 0.2532 0.2191 0.0292  -0.0180 -0.0340 89  TYR A O   
680 C CB  . TYR A 89 ? 0.1104 0.1992 0.2148 0.0220  0.0158  -0.0300 89  TYR A CB  
681 C CG  . TYR A 89 ? 0.1401 0.1907 0.1616 0.0060  0.0109  -0.0102 89  TYR A CG  
682 C CD1 . TYR A 89 ? 0.1082 0.1491 0.2185 0.0169  0.0538  -0.0176 89  TYR A CD1 
683 C CD2 . TYR A 89 ? 0.1667 0.1930 0.2359 0.0104  0.0034  -0.0208 89  TYR A CD2 
684 C CE1 . TYR A 89 ? 0.1458 0.1786 0.2196 -0.0301 0.0298  -0.0203 89  TYR A CE1 
685 C CE2 . TYR A 89 ? 0.1412 0.2088 0.1930 0.0009  0.0264  -0.0345 89  TYR A CE2 
686 C CZ  . TYR A 89 ? 0.1485 0.2267 0.2000 -0.0046 0.0302  -0.0265 89  TYR A CZ  
687 O OH  . TYR A 89 ? 0.2178 0.2320 0.1990 0.0104  0.0006  -0.0494 89  TYR A OH  
688 N N   . ALA A 90 ? 0.1514 0.2048 0.2074 0.0307  -0.0183 -0.0307 90  ALA A N   
689 C CA  . ALA A 90 ? 0.1873 0.2159 0.2341 0.0262  -0.0185 -0.0293 90  ALA A CA  
690 C C   . ALA A 90 ? 0.1930 0.2384 0.2319 0.0292  -0.0107 -0.0423 90  ALA A C   
691 O O   . ALA A 90 ? 0.1807 0.2742 0.2507 0.0398  -0.0384 -0.0751 90  ALA A O   
692 C CB  . ALA A 90 ? 0.2029 0.2192 0.2337 0.0215  -0.0136 -0.0194 90  ALA A CB  
693 N N   . SER A 91 ? 0.1527 0.1964 0.2321 0.0309  -0.0188 -0.0522 91  SER A N   
694 C CA  . SER A 91 ? 0.1740 0.2266 0.2423 0.0215  -0.0137 -0.0368 91  SER A CA  
695 C C   . SER A 91 ? 0.1788 0.2283 0.2505 0.0007  -0.0069 -0.0422 91  SER A C   
696 O O   . SER A 91 ? 0.1472 0.2622 0.2677 0.0248  -0.0183 -0.0593 91  SER A O   
697 C CB  . SER A 91 ? 0.1736 0.2196 0.2509 0.0201  -0.0308 -0.0409 91  SER A CB  
698 O OG  . SER A 91 ? 0.2596 0.2197 0.2936 0.0342  -0.0399 -0.0431 91  SER A OG  
699 N N   . PHE A 92 ? 0.1917 0.2309 0.2498 0.0347  -0.0025 -0.0503 92  PHE A N   
700 C CA  . PHE A 92 ? 0.2126 0.2323 0.2451 0.0242  0.0003  -0.0361 92  PHE A CA  
701 C C   . PHE A 92 ? 0.2316 0.2727 0.2772 0.0304  -0.0035 -0.0560 92  PHE A C   
702 O O   . PHE A 92 ? 0.2593 0.2791 0.3051 0.0417  0.0054  -0.1054 92  PHE A O   
703 C CB  . PHE A 92 ? 0.2057 0.2499 0.2637 0.0256  0.0022  -0.0341 92  PHE A CB  
704 C CG  . PHE A 92 ? 0.1984 0.2441 0.2687 0.0198  0.0209  -0.0159 92  PHE A CG  
705 C CD1 . PHE A 92 ? 0.2349 0.2736 0.2989 0.0291  -0.0041 -0.0192 92  PHE A CD1 
706 C CD2 . PHE A 92 ? 0.1602 0.2855 0.2648 0.0134  0.0131  -0.0230 92  PHE A CD2 
707 C CE1 . PHE A 92 ? 0.2145 0.2276 0.2574 0.0202  0.0273  0.0150  92  PHE A CE1 
708 C CE2 . PHE A 92 ? 0.2229 0.2451 0.2722 0.0106  0.0295  -0.0139 92  PHE A CE2 
709 C CZ  . PHE A 92 ? 0.1791 0.2500 0.2581 -0.0037 0.0669  0.0213  92  PHE A CZ  
710 N N   . ARG A 93 ? 0.2319 0.2473 0.2786 0.0352  -0.0124 -0.0601 93  ARG A N   
711 C CA  . ARG A 93 ? 0.2325 0.2885 0.3059 0.0164  -0.0055 -0.0334 93  ARG A CA  
712 C C   . ARG A 93 ? 0.2501 0.3039 0.3154 0.0137  0.0004  -0.0436 93  ARG A C   
713 O O   . ARG A 93 ? 0.1754 0.3212 0.3348 0.0472  0.0158  -0.0678 93  ARG A O   
714 C CB  . ARG A 93 ? 0.2232 0.2868 0.3101 0.0379  -0.0151 -0.0282 93  ARG A CB  
715 C CG  . ARG A 93 ? 0.3120 0.3446 0.3832 0.0005  -0.0145 -0.0202 93  ARG A CG  
716 C CD  . ARG A 93 ? 0.4480 0.4283 0.4566 -0.0030 -0.0076 0.0168  93  ARG A CD  
717 N NE  . ARG A 93 ? 0.5036 0.5121 0.5023 0.0052  0.0009  -0.0211 93  ARG A NE  
718 C CZ  . ARG A 93 ? 0.5798 0.5691 0.5691 -0.0147 0.0160  0.0036  93  ARG A CZ  
719 N NH1 . ARG A 93 ? 0.6207 0.5775 0.6083 -0.0064 -0.0004 -0.0141 93  ARG A NH1 
720 N NH2 . ARG A 93 ? 0.6080 0.5744 0.5797 0.0016  0.0141  -0.0119 93  ARG A NH2 
721 N N   . ARG A 94 ? 0.2492 0.3061 0.3271 0.0247  0.0048  -0.0430 94  ARG A N   
722 C CA  . ARG A 94 ? 0.2818 0.3020 0.3176 0.0051  0.0071  -0.0277 94  ARG A CA  
723 C C   . ARG A 94 ? 0.2669 0.2951 0.3172 0.0139  0.0035  -0.0363 94  ARG A C   
724 O O   . ARG A 94 ? 0.2592 0.2919 0.3359 0.0061  0.0097  -0.0570 94  ARG A O   
725 C CB  . ARG A 94 ? 0.2941 0.3280 0.3317 0.0193  0.0103  -0.0284 94  ARG A CB  
726 C CG  . ARG A 94 ? 0.3397 0.3951 0.3762 0.0022  -0.0122 -0.0122 94  ARG A CG  
727 C CD  . ARG A 94 ? 0.4571 0.4423 0.4718 -0.0043 -0.0017 -0.0138 94  ARG A CD  
728 N NE  . ARG A 94 ? 0.4789 0.5371 0.5109 -0.0153 -0.0222 -0.0165 94  ARG A NE  
729 C CZ  . ARG A 94 ? 0.5272 0.5615 0.5318 -0.0037 0.0042  -0.0038 94  ARG A CZ  
730 N NH1 . ARG A 94 ? 0.5603 0.5628 0.5503 0.0079  0.0059  -0.0215 94  ARG A NH1 
731 N NH2 . ARG A 94 ? 0.5437 0.5934 0.5608 -0.0089 0.0037  -0.0109 94  ARG A NH2 
732 N N   . VAL A 95 ? 0.2431 0.2780 0.2925 0.0204  0.0042  -0.0440 95  VAL A N   
733 C CA  . VAL A 95 ? 0.2230 0.2887 0.3087 0.0368  0.0126  -0.0306 95  VAL A CA  
734 C C   . VAL A 95 ? 0.2086 0.2951 0.3187 0.0266  0.0169  -0.0321 95  VAL A C   
735 O O   . VAL A 95 ? 0.1501 0.3419 0.3529 0.0479  0.0386  -0.0408 95  VAL A O   
736 C CB  . VAL A 95 ? 0.2165 0.2736 0.2895 0.0245  -0.0076 -0.0325 95  VAL A CB  
737 C CG1 . VAL A 95 ? 0.2872 0.2954 0.3095 0.0395  0.0205  -0.0287 95  VAL A CG1 
738 C CG2 . VAL A 95 ? 0.2152 0.2855 0.3052 0.0521  0.0314  -0.0304 95  VAL A CG2 
739 N N   . ASP A 96 ? 0.2067 0.3172 0.3293 0.0286  -0.0046 -0.0244 96  ASP A N   
740 C CA  . ASP A 96 ? 0.2407 0.3111 0.3398 0.0333  0.0054  -0.0219 96  ASP A CA  
741 C C   . ASP A 96 ? 0.2613 0.3242 0.3546 0.0496  0.0044  -0.0201 96  ASP A C   
742 O O   . ASP A 96 ? 0.2368 0.2837 0.3784 0.1123  -0.0031 -0.0245 96  ASP A O   
743 C CB  . ASP A 96 ? 0.2245 0.3128 0.3450 0.0367  -0.0043 -0.0183 96  ASP A CB  
744 C CG  . ASP A 96 ? 0.2369 0.3393 0.3803 0.0415  0.0090  -0.0392 96  ASP A CG  
745 O OD1 . ASP A 96 ? 0.2156 0.3086 0.3342 0.0574  -0.0406 -0.0311 96  ASP A OD1 
746 O OD2 . ASP A 96 ? 0.2998 0.3517 0.4292 0.0723  -0.0476 -0.0802 96  ASP A OD2 
747 N N   . PHE A 97 ? 0.2888 0.3366 0.3639 0.0405  -0.0056 -0.0159 97  PHE A N   
748 C CA  . PHE A 97 ? 0.3279 0.3591 0.3697 0.0338  -0.0065 -0.0157 97  PHE A CA  
749 C C   . PHE A 97 ? 0.3349 0.3879 0.3765 0.0382  -0.0158 -0.0154 97  PHE A C   
750 O O   . PHE A 97 ? 0.3376 0.4035 0.3895 0.0680  -0.0391 -0.0490 97  PHE A O   
751 C CB  . PHE A 97 ? 0.3336 0.3709 0.3886 0.0334  -0.0168 -0.0179 97  PHE A CB  
752 C CG  . PHE A 97 ? 0.3133 0.3768 0.3753 0.0348  -0.0016 -0.0220 97  PHE A CG  
753 C CD1 . PHE A 97 ? 0.2967 0.3877 0.3771 0.0423  -0.0143 -0.0238 97  PHE A CD1 
754 C CD2 . PHE A 97 ? 0.2941 0.3632 0.3895 0.0300  0.0017  -0.0232 97  PHE A CD2 
755 C CE1 . PHE A 97 ? 0.3110 0.3447 0.3616 0.0489  0.0196  -0.0191 97  PHE A CE1 
756 C CE2 . PHE A 97 ? 0.3151 0.3920 0.3839 0.0441  0.0035  -0.0134 97  PHE A CE2 
757 C CZ  . PHE A 97 ? 0.2922 0.3841 0.3674 0.0557  0.0032  -0.0175 97  PHE A CZ  
758 N N   . ALA A 98 ? 0.3472 0.3845 0.3809 0.0293  -0.0091 -0.0191 98  ALA A N   
759 C CA  . ALA A 98 ? 0.3516 0.3859 0.3815 0.0183  -0.0104 -0.0046 98  ALA A CA  
760 C C   . ALA A 98 ? 0.3539 0.3839 0.3992 0.0190  -0.0100 -0.0058 98  ALA A C   
761 O O   . ALA A 98 ? 0.3264 0.4195 0.4221 0.0336  -0.0074 -0.0166 98  ALA A O   
762 C CB  . ALA A 98 ? 0.3271 0.3856 0.3865 0.0142  -0.0165 -0.0092 98  ALA A CB  
763 N N   . CYS A 99 ? 0.3498 0.3870 0.4039 0.0275  -0.0009 -0.0094 99  CYS A N   
764 C CA  . CYS A 99 ? 0.3546 0.3755 0.4056 0.0304  -0.0096 -0.0075 99  CYS A CA  
765 C C   . CYS A 99 ? 0.3696 0.3761 0.3988 0.0302  -0.0180 -0.0059 99  CYS A C   
766 O O   . CYS A 99 ? 0.3466 0.4088 0.4189 0.0587  -0.0224 0.0012  99  CYS A O   
767 C CB  . CYS A 99 ? 0.3633 0.3918 0.4147 0.0240  -0.0097 -0.0138 99  CYS A CB  
768 S SG  . CYS A 99 ? 0.3198 0.3551 0.5001 0.0850  -0.0200 -0.0694 99  CYS A SG  
769 O OXT . CYS A 99 ? 0.3610 0.3686 0.4124 0.0456  -0.0389 0.0087  99  CYS A OXT 
770 S S   . SO4 B .  ? 0.2216 0.2662 0.2932 0.0590  -0.0049 -0.0834 100 SO4 A S   
771 O O1  . SO4 B .  ? 0.2902 0.2594 0.2684 0.0440  -0.0123 -0.0744 100 SO4 A O1  
772 O O2  . SO4 B .  ? 0.3742 0.3901 0.4066 -0.0053 0.0155  -0.0403 100 SO4 A O2  
773 O O3  . SO4 B .  ? 0.3390 0.2824 0.2673 0.0548  -0.0386 -0.0369 100 SO4 A O3  
774 O O4  . SO4 B .  ? 0.3670 0.2979 0.2635 -0.0114 -0.0387 -0.0627 100 SO4 A O4  
775 O O   . HOH C .  ? 0.2023 0.3171 0.2285 0.0368  0.0477  -0.0693 101 HOH A O   
776 O O   . HOH C .  ? 0.3440 0.1696 0.2740 0.0361  0.0095  -0.0096 102 HOH A O   
777 O O   . HOH C .  ? 0.2216 0.2942 0.1999 0.0044  0.0709  0.0249  103 HOH A O   
778 O O   . HOH C .  ? 0.1967 0.3477 0.2830 -0.0797 0.0123  -0.1213 104 HOH A O   
779 O O   . HOH C .  ? 0.2317 0.3720 0.2570 -0.0372 0.0106  -0.0575 105 HOH A O   
780 O O   . HOH C .  ? 0.1825 0.3411 0.2980 -0.0366 0.0929  -0.0605 106 HOH A O   
781 O O   . HOH C .  ? 0.2392 0.3656 0.2973 -0.0440 0.0969  -0.0642 107 HOH A O   
782 O O   . HOH C .  ? 0.2523 0.4620 0.3586 -0.0250 0.1239  -0.0575 108 HOH A O   
783 O O   . HOH C .  ? 0.3212 0.4544 0.2655 -0.0527 0.1562  -0.0116 109 HOH A O   
784 O O   . HOH C .  ? 0.2273 0.4735 0.2821 0.0041  0.0889  0.0117  110 HOH A O   
785 O O   . HOH C .  ? 0.3025 0.4037 0.3440 0.0237  -0.0156 0.0214  111 HOH A O   
786 O O   . HOH C .  ? 0.3869 0.2305 0.3701 0.0620  -0.1314 -0.0876 112 HOH A O   
787 O O   . HOH C .  ? 0.3894 0.3267 0.3773 0.0263  -0.0642 -0.0968 113 HOH A O   
788 O O   . HOH C .  ? 0.3325 0.4029 0.3528 0.0163  -0.0825 -0.1073 114 HOH A O   
789 O O   . HOH C .  ? 0.3882 0.3045 0.4455 0.0210  -0.0821 -0.0533 115 HOH A O   
790 O O   . HOH C .  ? 0.1731 0.4513 0.4585 0.0634  0.0082  -0.1605 116 HOH A O   
791 O O   . HOH C .  ? 0.3747 0.4266 0.3012 0.0949  -0.0992 -0.0078 117 HOH A O   
792 O O   . HOH C .  ? 0.3013 0.4382 0.3057 -0.0060 0.0209  -0.0459 118 HOH A O   
793 O O   . HOH C .  ? 0.3469 0.4624 0.3945 -0.0839 0.0503  -0.1438 119 HOH A O   
794 O O   . HOH C .  ? 0.2666 0.3529 0.4541 -0.0412 0.0127  -0.0130 120 HOH A O   
795 O O   . HOH C .  ? 0.5652 0.2410 0.4900 -0.0097 -0.0657 -0.0047 121 HOH A O   
796 O O   . HOH C .  ? 0.3895 0.2711 0.4137 -0.1154 0.0013  0.0825  122 HOH A O   
797 O O   . HOH C .  ? 0.3353 0.4982 0.4003 0.0774  -0.0541 -0.1312 123 HOH A O   
798 O O   . HOH C .  ? 0.3809 0.3614 0.4022 0.0013  0.0226  -0.0540 124 HOH A O   
799 O O   . HOH C .  ? 0.5114 0.5653 0.3635 -0.0018 0.0007  -0.0187 125 HOH A O   
800 O O   . HOH C .  ? 0.4345 0.4109 0.3869 0.1335  -0.0335 -0.0381 126 HOH A O   
801 O O   . HOH C .  ? 0.4747 0.3632 0.4915 0.0191  -0.0705 -0.0504 127 HOH A O   
802 O O   . HOH C .  ? 0.5464 0.3047 0.5010 -0.0306 0.0984  0.0414  128 HOH A O   
803 O O   . HOH C .  ? 0.5049 0.2766 0.6077 -0.0032 -0.0649 -0.0785 129 HOH A O   
804 O O   . HOH C .  ? 0.3456 0.4295 0.3465 -0.0024 -0.1022 0.0461  130 HOH A O   
805 O O   . HOH C .  ? 0.5176 0.3666 0.4516 0.0892  -0.0569 0.0544  131 HOH A O   
806 O O   . HOH C .  ? 0.4141 0.5884 0.4127 0.0256  -0.0083 -0.0336 132 HOH A O   
807 O O   . HOH C .  ? 0.5974 0.5442 0.5634 0.0205  0.0779  0.0001  133 HOH A O   
808 O O   . HOH C .  ? 0.4734 0.5751 0.4790 0.0222  0.1601  0.0205  134 HOH A O   
809 O O   . HOH C .  ? 0.4841 0.3903 0.6336 0.1540  -0.0599 -0.0065 135 HOH A O   
810 O O   . HOH C .  ? 0.6818 0.6309 0.6572 -0.0402 -0.0111 0.0376  136 HOH A O   
811 O O   . HOH C .  ? 0.6530 0.6529 0.6445 0.0174  -0.1248 -0.0449 137 HOH A O   
812 O O   . HOH C .  ? 0.6305 0.6422 0.6136 0.0745  -0.0278 -0.1127 138 HOH A O   
813 O O   . HOH C .  ? 0.5347 0.6091 0.4763 0.0619  0.0394  -0.0774 139 HOH A O   
814 O O   . HOH C .  ? 0.6330 0.6631 0.6184 0.0335  -0.0352 0.1618  140 HOH A O   
815 O O   . HOH C .  ? 0.5226 0.6100 0.6622 0.0803  0.0931  0.0281  141 HOH A O   
816 O O   . HOH C .  ? 0.5085 0.3937 0.3962 0.0276  -0.0731 0.0788  142 HOH A O   
817 O O   . HOH C .  ? 0.5770 0.5782 0.4953 -0.0967 -0.0825 -0.0625 143 HOH A O   
818 O O   . HOH C .  ? 0.5206 0.5848 0.6378 0.0443  0.1449  -0.0080 144 HOH A O   
819 O O   . HOH C .  ? 0.5166 0.3980 0.5882 0.0524  -0.0197 -0.0144 145 HOH A O   
820 O O   . HOH C .  ? 0.6996 0.6012 0.6693 -0.0694 -0.0440 0.0160  146 HOH A O   
821 O O   . HOH C .  ? 0.6922 0.4523 0.4792 -0.0617 -0.0530 -0.1571 147 HOH A O   
822 O O   . HOH C .  ? 1.5103 1.5099 1.5016 -0.0077 -0.0089 -0.0041 148 HOH A O   
823 O O   . HOH C .  ? 0.3981 0.5176 0.5945 0.0149  -0.0208 -0.0544 149 HOH A O   
# 
